data_8BLJ
#
_entry.id   8BLJ
#
_cell.length_a   86.290
_cell.length_b   107.569
_cell.length_c   98.559
_cell.angle_alpha   90.000
_cell.angle_beta   94.083
_cell.angle_gamma   90.000
#
_symmetry.space_group_name_H-M   'P 1 21 1'
#
loop_
_entity.id
_entity.type
_entity.pdbx_description
1 polymer 'Glutamate receptor ionotropic, delta-1,Isoform 2 of Glutamate receptor ionotropic, delta-1'
2 non-polymer 'CALCIUM ION'
3 non-polymer 'CHLORIDE ION'
4 non-polymer 2-acetamido-2-deoxy-beta-D-glucopyranose
5 non-polymer 1,2-ETHANEDIOL
6 water water
#
_entity_poly.entity_id   1
_entity_poly.type   'polypeptide(L)'
_entity_poly.pdbx_seq_one_letter_code
;GLTLKVVTVLEEPFVMVAENILGQPKRYKGFSIDVLDALAKALGFKYEIYQAPDGRYGHQLHNTSWNGMIGELISKRADL
AISAITITPERESVVDFSKRYMDYSVGILIKKGTPIRTFQDLSKQVEMSYGTVRDSAVYEYFRAKGTNPLEQDSTFAELW
RTISKNGGADNCVSSPSEGIRKAKKGNYAFLWDVAVVEYAALTDDDCSVTVIGNSISSKGYGIALQHGSPYRDLFSQRIL
ELQDTGDLDVLKQKWWPHMGRCDLTSHASAQADGGTLEVLFQ
;
_entity_poly.pdbx_strand_id   A,B,C,D,E,F
#
# COMPACT_ATOMS: atom_id res chain seq x y z
N LEU A 2 -23.36 -12.11 -32.29
CA LEU A 2 -22.41 -11.32 -33.07
C LEU A 2 -21.01 -11.42 -32.49
N THR A 3 -20.02 -11.61 -33.37
CA THR A 3 -18.62 -11.66 -32.98
C THR A 3 -17.82 -10.67 -33.82
N LEU A 4 -16.78 -10.12 -33.21
CA LEU A 4 -15.90 -9.17 -33.88
C LEU A 4 -14.46 -9.64 -33.74
N LYS A 5 -13.67 -9.42 -34.79
CA LYS A 5 -12.23 -9.69 -34.74
C LYS A 5 -11.53 -8.49 -34.12
N VAL A 6 -10.80 -8.73 -33.03
CA VAL A 6 -10.07 -7.68 -32.34
C VAL A 6 -8.58 -7.97 -32.50
N VAL A 7 -7.86 -7.01 -33.06
CA VAL A 7 -6.40 -7.10 -33.19
C VAL A 7 -5.78 -6.26 -32.09
N THR A 8 -4.66 -6.73 -31.54
CA THR A 8 -4.02 -6.04 -30.43
C THR A 8 -2.52 -6.30 -30.48
N VAL A 9 -1.81 -5.64 -29.58
CA VAL A 9 -0.39 -5.89 -29.33
C VAL A 9 -0.16 -5.79 -27.83
N LEU A 10 0.70 -6.66 -27.31
CA LEU A 10 0.98 -6.64 -25.88
C LEU A 10 1.56 -5.29 -25.47
N GLU A 11 1.00 -4.72 -24.41
CA GLU A 11 1.49 -3.43 -23.89
C GLU A 11 1.06 -3.33 -22.44
N GLU A 12 2.00 -3.49 -21.53
CA GLU A 12 1.67 -3.42 -20.11
C GLU A 12 1.28 -2.01 -19.72
N PRO A 13 0.19 -1.80 -18.95
CA PRO A 13 -0.83 -2.76 -18.51
C PRO A 13 -2.08 -2.73 -19.39
N PHE A 14 -2.01 -2.09 -20.56
CA PHE A 14 -3.20 -1.99 -21.41
C PHE A 14 -3.67 -3.36 -21.88
N VAL A 15 -2.76 -4.15 -22.44
CA VAL A 15 -3.05 -5.52 -22.86
C VAL A 15 -1.92 -6.41 -22.39
N MET A 16 -2.26 -7.48 -21.67
CA MET A 16 -1.26 -8.39 -21.13
C MET A 16 -1.78 -9.81 -21.26
N VAL A 17 -0.85 -10.76 -21.34
CA VAL A 17 -1.19 -12.17 -21.39
C VAL A 17 -1.53 -12.65 -19.98
N ALA A 18 -2.71 -13.24 -19.83
CA ALA A 18 -3.11 -13.82 -18.56
C ALA A 18 -2.49 -15.21 -18.40
N GLU A 19 -2.04 -15.52 -17.19
CA GLU A 19 -1.44 -16.81 -16.91
C GLU A 19 -2.41 -17.93 -17.24
N ASN A 20 -2.10 -18.72 -18.27
CA ASN A 20 -2.93 -19.84 -18.68
C ASN A 20 -2.16 -21.13 -18.48
N ILE A 21 -2.90 -22.21 -18.19
CA ILE A 21 -2.31 -23.48 -17.81
C ILE A 21 -2.99 -24.60 -18.60
N LEU A 22 -2.31 -25.75 -18.67
CA LEU A 22 -2.89 -26.98 -19.17
C LEU A 22 -3.53 -26.79 -20.54
N GLY A 23 -2.81 -26.13 -21.43
CA GLY A 23 -3.29 -25.97 -22.79
C GLY A 23 -4.56 -25.18 -22.93
N GLN A 24 -4.97 -24.45 -21.89
CA GLN A 24 -6.15 -23.62 -21.98
C GLN A 24 -5.90 -22.45 -22.94
N PRO A 25 -6.95 -21.90 -23.55
CA PRO A 25 -6.74 -20.84 -24.55
C PRO A 25 -6.02 -19.65 -23.94
N LYS A 26 -5.15 -19.04 -24.75
CA LYS A 26 -4.39 -17.88 -24.31
C LYS A 26 -5.34 -16.72 -24.05
N ARG A 27 -5.53 -16.37 -22.79
CA ARG A 27 -6.41 -15.30 -22.38
C ARG A 27 -5.63 -14.02 -22.17
N TYR A 28 -6.29 -12.88 -22.42
CA TYR A 28 -5.68 -11.57 -22.28
C TYR A 28 -6.35 -10.82 -21.14
N LYS A 29 -5.59 -9.89 -20.54
CA LYS A 29 -6.07 -9.07 -19.45
C LYS A 29 -5.45 -7.68 -19.58
N GLY A 30 -6.07 -6.71 -18.91
CA GLY A 30 -5.53 -5.37 -18.89
C GLY A 30 -6.59 -4.28 -18.92
N PHE A 31 -6.15 -3.03 -18.78
CA PHE A 31 -7.09 -1.91 -18.77
C PHE A 31 -7.86 -1.83 -20.07
N SER A 32 -7.17 -1.96 -21.20
CA SER A 32 -7.83 -1.88 -22.50
C SER A 32 -8.77 -3.06 -22.71
N ILE A 33 -8.40 -4.24 -22.22
CA ILE A 33 -9.30 -5.40 -22.31
C ILE A 33 -10.55 -5.16 -21.49
N ASP A 34 -10.40 -4.54 -20.31
CA ASP A 34 -11.58 -4.24 -19.48
C ASP A 34 -12.50 -3.25 -20.17
N VAL A 35 -11.94 -2.23 -20.84
CA VAL A 35 -12.77 -1.30 -21.58
C VAL A 35 -13.49 -2.02 -22.72
N LEU A 36 -12.78 -2.91 -23.42
CA LEU A 36 -13.41 -3.69 -24.48
C LEU A 36 -14.54 -4.56 -23.95
N ASP A 37 -14.31 -5.21 -22.80
CA ASP A 37 -15.36 -6.05 -22.22
C ASP A 37 -16.58 -5.22 -21.84
N ALA A 38 -16.37 -4.02 -21.31
CA ALA A 38 -17.49 -3.15 -20.97
C ALA A 38 -18.29 -2.80 -22.22
N LEU A 39 -17.62 -2.49 -23.33
CA LEU A 39 -18.33 -2.21 -24.57
C LEU A 39 -19.04 -3.45 -25.08
N ALA A 40 -18.40 -4.62 -24.99
CA ALA A 40 -19.02 -5.85 -25.47
C ALA A 40 -20.31 -6.15 -24.72
N LYS A 41 -20.29 -6.02 -23.40
CA LYS A 41 -21.50 -6.26 -22.62
C LYS A 41 -22.56 -5.21 -22.93
N ALA A 42 -22.15 -3.93 -23.00
CA ALA A 42 -23.12 -2.87 -23.25
C ALA A 42 -23.73 -2.97 -24.64
N LEU A 43 -22.90 -3.22 -25.65
CA LEU A 43 -23.36 -3.30 -27.03
C LEU A 43 -23.73 -4.71 -27.47
N GLY A 44 -23.55 -5.70 -26.60
CA GLY A 44 -24.01 -7.05 -26.88
C GLY A 44 -23.34 -7.74 -28.05
N PHE A 45 -22.01 -7.76 -28.08
CA PHE A 45 -21.26 -8.50 -29.09
C PHE A 45 -20.19 -9.34 -28.42
N LYS A 46 -19.87 -10.45 -29.06
CA LYS A 46 -18.70 -11.25 -28.69
C LYS A 46 -17.49 -10.77 -29.48
N TYR A 47 -16.31 -11.27 -29.11
CA TYR A 47 -15.11 -10.90 -29.84
C TYR A 47 -14.06 -11.99 -29.68
N GLU A 48 -13.14 -12.01 -30.64
CA GLU A 48 -11.95 -12.85 -30.59
C GLU A 48 -10.73 -11.96 -30.73
N ILE A 49 -9.74 -12.16 -29.87
CA ILE A 49 -8.53 -11.35 -29.86
C ILE A 49 -7.40 -12.14 -30.51
N TYR A 50 -6.69 -11.50 -31.43
CA TYR A 50 -5.45 -12.04 -31.97
C TYR A 50 -4.44 -10.91 -32.01
N GLN A 51 -3.16 -11.27 -31.89
CA GLN A 51 -2.09 -10.29 -31.90
C GLN A 51 -1.68 -9.97 -33.33
N ALA A 52 -1.24 -8.75 -33.55
CA ALA A 52 -0.78 -8.35 -34.87
C ALA A 52 0.39 -9.24 -35.28
N PRO A 53 0.35 -9.86 -36.48
CA PRO A 53 1.42 -10.80 -36.83
C PRO A 53 2.82 -10.20 -36.74
N ASP A 54 2.98 -8.93 -37.09
CA ASP A 54 4.26 -8.25 -36.94
C ASP A 54 4.40 -7.55 -35.59
N GLY A 55 3.37 -7.60 -34.74
CA GLY A 55 3.45 -7.00 -33.43
C GLY A 55 3.74 -5.51 -33.44
N ARG A 56 3.12 -4.78 -34.36
CA ARG A 56 3.33 -3.35 -34.51
C ARG A 56 2.00 -2.63 -34.54
N TYR A 57 2.00 -1.39 -34.03
CA TYR A 57 0.80 -0.56 -34.10
C TYR A 57 0.45 -0.25 -35.55
N GLY A 58 1.45 -0.01 -36.39
CA GLY A 58 1.21 0.20 -37.81
C GLY A 58 1.59 1.60 -38.24
N HIS A 59 2.31 1.66 -39.37
CA HIS A 59 2.70 2.93 -39.98
C HIS A 59 2.68 2.78 -41.49
N GLN A 60 2.61 3.91 -42.17
CA GLN A 60 2.54 3.90 -43.63
C GLN A 60 3.88 3.51 -44.23
N LEU A 61 3.84 2.58 -45.19
CA LEU A 61 5.04 2.15 -45.87
C LEU A 61 5.29 3.03 -47.10
N HIS A 62 6.37 2.75 -47.83
CA HIS A 62 6.74 3.58 -48.97
C HIS A 62 5.66 3.54 -50.05
N ASN A 63 5.12 2.35 -50.32
CA ASN A 63 4.09 2.20 -51.34
C ASN A 63 2.69 2.50 -50.84
N THR A 64 2.58 3.26 -49.76
CA THR A 64 1.33 3.76 -49.18
C THR A 64 0.57 2.69 -48.41
N SER A 65 1.02 1.45 -48.40
CA SER A 65 0.37 0.41 -47.61
C SER A 65 0.77 0.52 -46.15
N TRP A 66 -0.11 0.05 -45.28
CA TRP A 66 0.11 0.08 -43.84
C TRP A 66 0.29 -1.33 -43.31
N ASN A 67 1.18 -1.48 -42.33
CA ASN A 67 1.40 -2.74 -41.63
C ASN A 67 0.85 -2.61 -40.21
N GLY A 68 1.08 -3.64 -39.40
CA GLY A 68 0.65 -3.58 -38.02
C GLY A 68 -0.86 -3.62 -37.88
N MET A 69 -1.33 -3.09 -36.74
CA MET A 69 -2.76 -3.11 -36.46
C MET A 69 -3.53 -2.27 -37.48
N ILE A 70 -2.99 -1.11 -37.85
CA ILE A 70 -3.67 -0.27 -38.84
C ILE A 70 -3.85 -1.03 -40.15
N GLY A 71 -2.83 -1.79 -40.56
CA GLY A 71 -2.96 -2.59 -41.76
C GLY A 71 -4.06 -3.63 -41.64
N GLU A 72 -4.20 -4.23 -40.45
CA GLU A 72 -5.26 -5.22 -40.25
C GLU A 72 -6.64 -4.59 -40.42
N LEU A 73 -6.81 -3.35 -39.95
CA LEU A 73 -8.09 -2.67 -40.12
C LEU A 73 -8.33 -2.30 -41.58
N ILE A 74 -7.31 -1.73 -42.24
CA ILE A 74 -7.47 -1.30 -43.62
C ILE A 74 -7.77 -2.50 -44.52
N SER A 75 -7.02 -3.58 -44.35
CA SER A 75 -7.30 -4.82 -45.07
C SER A 75 -8.56 -5.50 -44.58
N LYS A 76 -9.15 -5.04 -43.48
CA LYS A 76 -10.40 -5.54 -42.93
C LYS A 76 -10.29 -6.97 -42.43
N ARG A 77 -9.08 -7.41 -42.06
CA ARG A 77 -8.92 -8.67 -41.34
C ARG A 77 -9.38 -8.56 -39.90
N ALA A 78 -9.51 -7.33 -39.38
CA ALA A 78 -9.96 -7.09 -38.01
C ALA A 78 -11.06 -6.05 -38.01
N ASP A 79 -12.05 -6.26 -37.16
CA ASP A 79 -13.15 -5.30 -37.03
C ASP A 79 -12.74 -4.07 -36.24
N LEU A 80 -11.87 -4.24 -35.23
CA LEU A 80 -11.40 -3.11 -34.43
C LEU A 80 -10.05 -3.47 -33.83
N ALA A 81 -9.31 -2.42 -33.45
CA ALA A 81 -7.99 -2.58 -32.85
C ALA A 81 -7.96 -1.80 -31.54
N ILE A 82 -7.27 -2.36 -30.54
CA ILE A 82 -7.22 -1.73 -29.22
C ILE A 82 -5.95 -2.18 -28.53
N SER A 83 -5.34 -1.26 -27.78
CA SER A 83 -4.19 -1.54 -26.94
C SER A 83 -3.76 -0.26 -26.23
N ALA A 84 -2.76 0.42 -26.78
CA ALA A 84 -2.36 1.76 -26.33
C ALA A 84 -2.22 2.68 -27.53
N ILE A 85 -3.23 2.65 -28.39
CA ILE A 85 -3.19 3.36 -29.67
C ILE A 85 -3.57 4.82 -29.43
N THR A 86 -2.67 5.74 -29.78
CA THR A 86 -2.96 7.15 -29.68
C THR A 86 -3.69 7.64 -30.91
N ILE A 87 -4.63 8.57 -30.71
CA ILE A 87 -5.44 9.11 -31.80
C ILE A 87 -4.60 10.18 -32.49
N THR A 88 -4.07 9.85 -33.67
CA THR A 88 -3.22 10.75 -34.45
C THR A 88 -3.89 11.08 -35.77
N PRO A 89 -3.62 12.27 -36.33
CA PRO A 89 -4.24 12.59 -37.63
C PRO A 89 -3.83 11.64 -38.74
N GLU A 90 -2.58 11.18 -38.75
CA GLU A 90 -2.14 10.28 -39.81
C GLU A 90 -2.94 8.98 -39.81
N ARG A 91 -3.19 8.42 -38.62
CA ARG A 91 -3.97 7.19 -38.54
C ARG A 91 -5.46 7.46 -38.77
N GLU A 92 -5.98 8.56 -38.21
CA GLU A 92 -7.40 8.85 -38.35
C GLU A 92 -7.82 9.06 -39.79
N SER A 93 -6.88 9.39 -40.69
CA SER A 93 -7.23 9.59 -42.08
C SER A 93 -7.52 8.29 -42.81
N VAL A 94 -7.05 7.16 -42.29
CA VAL A 94 -7.26 5.86 -42.92
C VAL A 94 -8.12 4.93 -42.08
N VAL A 95 -8.24 5.19 -40.77
CA VAL A 95 -9.14 4.46 -39.89
C VAL A 95 -9.97 5.47 -39.12
N ASP A 96 -10.94 4.95 -38.35
CA ASP A 96 -11.86 5.77 -37.58
C ASP A 96 -11.68 5.44 -36.11
N PHE A 97 -11.21 6.42 -35.33
CA PHE A 97 -11.02 6.26 -33.89
C PHE A 97 -12.28 6.68 -33.14
N SER A 98 -12.58 5.95 -32.07
CA SER A 98 -13.56 6.43 -31.11
C SER A 98 -12.98 7.61 -30.32
N LYS A 99 -13.86 8.30 -29.61
CA LYS A 99 -13.37 9.30 -28.65
C LYS A 99 -12.51 8.61 -27.61
N ARG A 100 -11.46 9.30 -27.17
CA ARG A 100 -10.47 8.69 -26.29
C ARG A 100 -11.15 8.12 -25.05
N TYR A 101 -10.63 6.98 -24.57
CA TYR A 101 -11.00 6.43 -23.28
C TYR A 101 -9.90 6.63 -22.24
N MET A 102 -8.79 7.27 -22.60
CA MET A 102 -7.76 7.63 -21.65
C MET A 102 -6.86 8.68 -22.29
N ASP A 103 -6.25 9.50 -21.45
CA ASP A 103 -5.35 10.54 -21.92
C ASP A 103 -3.94 9.98 -22.11
N TYR A 104 -3.21 10.61 -23.03
CA TYR A 104 -1.82 10.29 -23.31
C TYR A 104 -0.97 11.53 -23.09
N SER A 105 0.21 11.35 -22.49
CA SER A 105 1.16 12.43 -22.32
C SER A 105 2.54 11.83 -22.13
N VAL A 106 3.56 12.67 -22.27
CA VAL A 106 4.95 12.24 -22.15
C VAL A 106 5.43 12.59 -20.75
N GLY A 107 5.92 11.59 -20.02
CA GLY A 107 6.49 11.76 -18.71
C GLY A 107 7.96 11.41 -18.69
N ILE A 108 8.54 11.53 -17.50
CA ILE A 108 9.97 11.27 -17.28
C ILE A 108 10.09 10.15 -16.26
N LEU A 109 10.82 9.10 -16.63
CA LEU A 109 11.19 8.04 -15.70
C LEU A 109 12.63 8.27 -15.27
N ILE A 110 12.86 8.36 -13.96
CA ILE A 110 14.15 8.74 -13.42
C ILE A 110 14.34 8.09 -12.06
N LYS A 111 15.60 7.90 -11.67
CA LYS A 111 15.92 7.36 -10.36
C LYS A 111 15.51 8.36 -9.27
N LYS A 112 15.07 7.81 -8.14
CA LYS A 112 14.65 8.64 -7.02
C LYS A 112 15.84 9.36 -6.40
N GLY A 113 15.54 10.39 -5.62
CA GLY A 113 16.55 11.09 -4.85
C GLY A 113 17.29 12.19 -5.57
N THR A 114 16.86 12.56 -6.77
CA THR A 114 17.50 13.63 -7.52
C THR A 114 16.72 14.92 -7.36
N PRO A 115 17.38 16.08 -7.53
CA PRO A 115 16.66 17.36 -7.46
C PRO A 115 15.71 17.59 -8.62
N ILE A 116 15.78 16.77 -9.67
CA ILE A 116 14.94 16.97 -10.85
C ILE A 116 13.51 16.61 -10.51
N ARG A 117 12.59 17.57 -10.67
CA ARG A 117 11.18 17.34 -10.42
C ARG A 117 10.28 17.87 -11.52
N THR A 118 10.85 18.50 -12.56
CA THR A 118 10.07 19.02 -13.67
C THR A 118 10.90 18.92 -14.94
N PHE A 119 10.25 19.14 -16.08
CA PHE A 119 10.97 19.16 -17.35
C PHE A 119 12.00 20.28 -17.37
N GLN A 120 11.64 21.45 -16.83
CA GLN A 120 12.57 22.57 -16.80
C GLN A 120 13.83 22.21 -16.02
N ASP A 121 13.68 21.54 -14.88
CA ASP A 121 14.85 21.11 -14.12
C ASP A 121 15.72 20.15 -14.93
N LEU A 122 15.10 19.22 -15.65
CA LEU A 122 15.86 18.28 -16.46
C LEU A 122 16.62 19.00 -17.57
N SER A 123 15.99 19.99 -18.21
CA SER A 123 16.65 20.69 -19.31
C SER A 123 17.89 21.45 -18.85
N LYS A 124 17.96 21.83 -17.57
CA LYS A 124 19.09 22.57 -17.05
C LYS A 124 20.22 21.68 -16.55
N GLN A 125 20.11 20.36 -16.71
CA GLN A 125 21.11 19.44 -16.21
C GLN A 125 22.17 19.18 -17.27
N VAL A 126 23.44 19.29 -16.86
CA VAL A 126 24.55 18.84 -17.68
C VAL A 126 25.09 17.49 -17.19
N GLU A 127 24.84 17.13 -15.93
CA GLU A 127 25.38 15.90 -15.38
C GLU A 127 24.64 14.67 -15.88
N MET A 128 23.32 14.74 -16.00
CA MET A 128 22.49 13.58 -16.28
C MET A 128 22.01 13.60 -17.72
N SER A 129 22.28 12.51 -18.45
CA SER A 129 21.78 12.34 -19.80
C SER A 129 20.31 11.94 -19.76
N TYR A 130 19.61 12.19 -20.87
CA TYR A 130 18.20 11.81 -20.98
C TYR A 130 17.85 11.72 -22.45
N GLY A 131 16.76 11.00 -22.72
CA GLY A 131 16.33 10.82 -24.10
C GLY A 131 15.04 10.03 -24.15
N THR A 132 14.71 9.59 -25.36
CA THR A 132 13.50 8.82 -25.63
C THR A 132 13.86 7.69 -26.59
N VAL A 133 12.85 7.02 -27.12
CA VAL A 133 13.05 5.91 -28.03
C VAL A 133 13.43 6.45 -29.40
N ARG A 134 14.54 5.96 -29.94
CA ARG A 134 14.99 6.39 -31.26
C ARG A 134 13.93 6.10 -32.31
N ASP A 135 13.74 7.05 -33.22
CA ASP A 135 12.79 6.89 -34.32
C ASP A 135 11.37 6.63 -33.78
N SER A 136 10.97 7.43 -32.80
CA SER A 136 9.67 7.30 -32.17
C SER A 136 8.87 8.58 -32.34
N ALA A 137 7.56 8.48 -32.09
CA ALA A 137 6.72 9.66 -32.16
C ALA A 137 7.12 10.68 -31.11
N VAL A 138 7.53 10.21 -29.92
CA VAL A 138 7.99 11.12 -28.87
C VAL A 138 9.22 11.88 -29.33
N TYR A 139 10.12 11.21 -30.06
CA TYR A 139 11.29 11.89 -30.59
C TYR A 139 10.90 13.01 -31.54
N GLU A 140 9.91 12.75 -32.40
CA GLU A 140 9.42 13.80 -33.29
C GLU A 140 8.69 14.89 -32.53
N TYR A 141 8.02 14.52 -31.43
CA TYR A 141 7.31 15.52 -30.63
C TYR A 141 8.29 16.57 -30.12
N PHE A 142 9.44 16.13 -29.60
CA PHE A 142 10.42 17.09 -29.09
C PHE A 142 11.12 17.84 -30.22
N ARG A 143 11.25 17.21 -31.39
CA ARG A 143 11.80 17.93 -32.54
C ARG A 143 10.95 19.15 -32.88
N ALA A 144 9.63 18.96 -32.94
CA ALA A 144 8.74 20.07 -33.28
C ALA A 144 8.77 21.15 -32.21
N LYS A 145 8.62 20.76 -30.94
CA LYS A 145 8.62 21.74 -29.87
C LYS A 145 9.97 22.43 -29.74
N GLY A 146 11.06 21.67 -29.91
CA GLY A 146 12.38 22.23 -29.73
C GLY A 146 12.88 23.06 -30.89
N THR A 147 12.15 23.07 -32.01
CA THR A 147 12.52 23.86 -33.18
C THR A 147 11.46 24.88 -33.57
N ASN A 148 10.37 24.96 -32.83
CA ASN A 148 9.30 25.90 -33.17
C ASN A 148 9.63 27.28 -32.59
N PRO A 149 9.80 28.31 -33.44
CA PRO A 149 10.09 29.65 -32.89
C PRO A 149 8.98 30.21 -32.02
N LEU A 150 7.75 29.74 -32.20
CA LEU A 150 6.61 30.33 -31.51
C LEU A 150 6.40 29.78 -30.10
N GLU A 151 6.98 28.62 -29.80
CA GLU A 151 6.88 28.07 -28.45
C GLU A 151 7.48 29.05 -27.45
N GLN A 152 6.68 29.44 -26.46
CA GLN A 152 7.13 30.42 -25.47
C GLN A 152 8.10 29.83 -24.46
N ASP A 153 8.08 28.51 -24.26
CA ASP A 153 8.93 27.87 -23.27
C ASP A 153 10.24 27.44 -23.92
N SER A 154 11.35 28.05 -23.46
CA SER A 154 12.66 27.68 -23.96
C SER A 154 13.09 26.29 -23.51
N THR A 155 12.35 25.67 -22.60
CA THR A 155 12.73 24.35 -22.11
C THR A 155 12.83 23.35 -23.25
N PHE A 156 11.86 23.37 -24.18
CA PHE A 156 11.84 22.37 -25.24
C PHE A 156 13.05 22.48 -26.15
N ALA A 157 13.47 23.70 -26.47
CA ALA A 157 14.66 23.88 -27.29
C ALA A 157 15.89 23.29 -26.60
N GLU A 158 16.02 23.53 -25.30
CA GLU A 158 17.15 22.95 -24.56
CA GLU A 158 17.15 22.95 -24.56
C GLU A 158 17.09 21.43 -24.55
N LEU A 159 15.90 20.86 -24.34
CA LEU A 159 15.76 19.41 -24.32
C LEU A 159 16.14 18.80 -25.67
N TRP A 160 15.76 19.45 -26.76
CA TRP A 160 16.04 18.90 -28.08
C TRP A 160 17.54 18.76 -28.33
N ARG A 161 18.32 19.73 -27.87
CA ARG A 161 19.76 19.67 -28.10
C ARG A 161 20.37 18.44 -27.43
N THR A 162 19.91 18.10 -26.23
CA THR A 162 20.39 16.89 -25.58
C THR A 162 19.81 15.64 -26.21
N ILE A 163 18.51 15.66 -26.54
CA ILE A 163 17.86 14.47 -27.06
C ILE A 163 18.38 14.13 -28.45
N SER A 164 18.67 15.15 -29.26
CA SER A 164 19.03 14.96 -30.66
C SER A 164 20.53 14.96 -30.90
N LYS A 165 21.34 14.91 -29.84
CA LYS A 165 22.80 14.93 -30.02
C LYS A 165 23.23 13.78 -30.93
N ASN A 166 24.06 14.11 -31.92
CA ASN A 166 24.52 13.13 -32.91
C ASN A 166 23.35 12.36 -33.50
N GLY A 167 22.29 13.08 -33.85
CA GLY A 167 21.10 12.45 -34.39
C GLY A 167 20.40 11.55 -33.40
N GLY A 168 20.56 11.80 -32.10
CA GLY A 168 19.94 10.99 -31.08
C GLY A 168 20.71 9.73 -30.72
N ALA A 169 21.83 9.45 -31.40
CA ALA A 169 22.58 8.23 -31.12
C ALA A 169 23.12 8.22 -29.70
N ASP A 170 23.50 9.39 -29.17
CA ASP A 170 24.18 9.42 -27.88
C ASP A 170 23.23 9.17 -26.71
N ASN A 171 22.01 9.70 -26.77
CA ASN A 171 21.15 9.75 -25.60
C ASN A 171 19.82 9.04 -25.76
N CYS A 172 19.50 8.48 -26.91
CA CYS A 172 18.26 7.75 -27.11
C CYS A 172 18.50 6.25 -26.98
N VAL A 173 17.39 5.49 -26.94
CA VAL A 173 17.42 4.06 -26.72
C VAL A 173 16.60 3.37 -27.79
N SER A 174 16.85 2.07 -27.95
CA SER A 174 16.22 1.31 -29.03
C SER A 174 14.76 1.01 -28.73
N SER A 175 14.40 0.89 -27.46
CA SER A 175 13.05 0.44 -27.11
C SER A 175 12.71 0.98 -25.73
N PRO A 176 11.42 0.96 -25.37
CA PRO A 176 11.06 1.36 -23.99
C PRO A 176 11.73 0.50 -22.93
N SER A 177 11.90 -0.79 -23.20
CA SER A 177 12.52 -1.66 -22.20
C SER A 177 13.95 -1.23 -21.90
N GLU A 178 14.71 -0.85 -22.94
CA GLU A 178 16.05 -0.32 -22.71
C GLU A 178 15.99 1.00 -21.96
N GLY A 179 15.02 1.85 -22.30
CA GLY A 179 14.89 3.11 -21.58
C GLY A 179 14.57 2.91 -20.11
N ILE A 180 13.65 1.99 -19.81
CA ILE A 180 13.34 1.68 -18.42
C ILE A 180 14.56 1.09 -17.72
N ARG A 181 15.26 0.18 -18.40
CA ARG A 181 16.44 -0.44 -17.80
C ARG A 181 17.51 0.60 -17.50
N LYS A 182 17.77 1.51 -18.45
CA LYS A 182 18.80 2.53 -18.23
C LYS A 182 18.40 3.48 -17.12
N ALA A 183 17.11 3.85 -17.05
CA ALA A 183 16.66 4.73 -15.98
C ALA A 183 16.86 4.08 -14.62
N LYS A 184 16.55 2.78 -14.52
CA LYS A 184 16.76 2.07 -13.26
C LYS A 184 18.24 1.96 -12.91
N LYS A 185 19.12 1.85 -13.92
CA LYS A 185 20.55 1.82 -13.64
C LYS A 185 21.00 3.11 -12.95
N GLY A 186 20.48 4.24 -13.39
CA GLY A 186 20.87 5.54 -12.90
C GLY A 186 21.62 6.34 -13.94
N ASN A 187 21.73 7.64 -13.66
CA ASN A 187 22.41 8.57 -14.54
C ASN A 187 21.73 8.69 -15.89
N TYR A 188 20.45 8.33 -15.97
CA TYR A 188 19.67 8.48 -17.19
C TYR A 188 18.21 8.69 -16.83
N ALA A 189 17.55 9.58 -17.57
CA ALA A 189 16.13 9.82 -17.45
C ALA A 189 15.46 9.51 -18.78
N PHE A 190 14.39 8.74 -18.74
CA PHE A 190 13.73 8.23 -19.93
C PHE A 190 12.41 8.97 -20.15
N LEU A 191 12.23 9.50 -21.36
CA LEU A 191 11.05 10.27 -21.72
C LEU A 191 10.16 9.40 -22.60
N TRP A 192 8.95 9.10 -22.12
CA TRP A 192 8.07 8.16 -22.79
C TRP A 192 6.66 8.34 -22.23
N ASP A 193 5.74 7.50 -22.71
CA ASP A 193 4.36 7.52 -22.21
C ASP A 193 4.37 7.51 -20.68
N VAL A 194 3.62 8.43 -20.09
CA VAL A 194 3.54 8.47 -18.64
C VAL A 194 2.86 7.22 -18.11
N ALA A 195 1.86 6.71 -18.84
CA ALA A 195 1.15 5.52 -18.39
C ALA A 195 2.08 4.30 -18.39
N VAL A 196 2.92 4.17 -19.41
CA VAL A 196 3.82 3.01 -19.48
C VAL A 196 4.88 3.10 -18.39
N VAL A 197 5.54 4.24 -18.26
CA VAL A 197 6.60 4.38 -17.26
C VAL A 197 6.02 4.35 -15.85
N GLU A 198 4.84 4.95 -15.65
CA GLU A 198 4.23 4.92 -14.33
C GLU A 198 3.96 3.49 -13.88
N TYR A 199 3.44 2.66 -14.78
CA TYR A 199 3.28 1.24 -14.44
C TYR A 199 4.61 0.55 -14.26
N ALA A 200 5.63 0.98 -15.03
CA ALA A 200 6.97 0.42 -14.85
C ALA A 200 7.51 0.76 -13.46
N ALA A 201 7.30 1.99 -13.00
CA ALA A 201 7.74 2.37 -11.66
C ALA A 201 6.90 1.68 -10.59
N LEU A 202 5.60 1.57 -10.80
CA LEU A 202 4.74 0.91 -9.82
C LEU A 202 5.11 -0.56 -9.65
N THR A 203 5.59 -1.21 -10.71
CA THR A 203 5.95 -2.62 -10.68
C THR A 203 7.45 -2.84 -10.51
N ASP A 204 8.23 -1.78 -10.29
CA ASP A 204 9.66 -1.95 -10.11
C ASP A 204 9.93 -2.80 -8.87
N ASP A 205 10.81 -3.79 -9.01
CA ASP A 205 11.08 -4.69 -7.91
C ASP A 205 11.70 -3.95 -6.73
N ASP A 206 12.63 -3.03 -7.00
CA ASP A 206 13.31 -2.28 -5.95
C ASP A 206 12.61 -0.98 -5.59
N CYS A 207 11.56 -0.60 -6.29
CA CYS A 207 10.89 0.69 -6.07
C CYS A 207 11.90 1.82 -6.13
N SER A 208 12.83 1.73 -7.08
CA SER A 208 13.95 2.65 -7.18
C SER A 208 13.71 3.84 -8.09
N VAL A 209 12.58 3.88 -8.79
CA VAL A 209 12.33 4.92 -9.79
C VAL A 209 11.01 5.61 -9.49
N THR A 210 10.92 6.87 -9.92
CA THR A 210 9.71 7.66 -9.83
C THR A 210 9.41 8.25 -11.20
N VAL A 211 8.21 8.81 -11.35
CA VAL A 211 7.76 9.36 -12.63
C VAL A 211 7.34 10.81 -12.41
N ILE A 212 7.77 11.68 -13.31
CA ILE A 212 7.40 13.09 -13.29
C ILE A 212 6.38 13.30 -14.40
N GLY A 213 5.15 13.62 -14.03
CA GLY A 213 4.10 13.90 -15.01
C GLY A 213 3.93 15.38 -15.25
N ASN A 214 2.79 15.93 -14.83
CA ASN A 214 2.47 17.35 -14.90
C ASN A 214 2.21 17.81 -16.32
N SER A 215 2.32 16.95 -17.33
CA SER A 215 2.11 17.33 -18.71
C SER A 215 0.64 17.11 -19.08
N ILE A 216 -0.02 18.16 -19.53
CA ILE A 216 -1.39 18.01 -20.02
C ILE A 216 -1.36 17.13 -21.27
N SER A 217 -2.48 16.45 -21.52
CA SER A 217 -2.51 15.47 -22.59
C SER A 217 -2.17 16.12 -23.92
N SER A 218 -1.23 15.50 -24.64
CA SER A 218 -0.95 15.87 -26.03
C SER A 218 -1.80 15.08 -27.02
N LYS A 219 -2.22 13.87 -26.63
CA LYS A 219 -3.12 13.06 -27.43
C LYS A 219 -3.94 12.18 -26.49
N GLY A 220 -4.74 11.30 -27.06
CA GLY A 220 -5.55 10.39 -26.28
C GLY A 220 -5.50 8.98 -26.83
N TYR A 221 -5.67 8.02 -25.94
CA TYR A 221 -5.78 6.62 -26.34
C TYR A 221 -7.21 6.34 -26.80
N GLY A 222 -7.34 5.67 -27.94
CA GLY A 222 -8.65 5.40 -28.49
C GLY A 222 -8.70 4.02 -29.14
N ILE A 223 -9.91 3.61 -29.47
CA ILE A 223 -10.16 2.36 -30.16
C ILE A 223 -10.24 2.64 -31.66
N ALA A 224 -9.48 1.90 -32.45
CA ALA A 224 -9.43 2.07 -33.89
C ALA A 224 -10.37 1.08 -34.55
N LEU A 225 -11.18 1.57 -35.48
CA LEU A 225 -12.13 0.76 -36.23
C LEU A 225 -11.96 1.02 -37.72
N GLN A 226 -12.56 0.16 -38.53
CA GLN A 226 -12.48 0.31 -39.97
C GLN A 226 -13.11 1.63 -40.41
N HIS A 227 -12.55 2.20 -41.47
CA HIS A 227 -13.08 3.46 -42.00
C HIS A 227 -14.57 3.31 -42.31
N GLY A 228 -15.37 4.25 -41.81
CA GLY A 228 -16.80 4.18 -41.98
C GLY A 228 -17.50 3.15 -41.12
N SER A 229 -16.82 2.60 -40.13
CA SER A 229 -17.44 1.59 -39.28
C SER A 229 -18.64 2.17 -38.54
N PRO A 230 -19.79 1.50 -38.53
CA PRO A 230 -20.93 2.02 -37.75
C PRO A 230 -20.74 1.90 -36.25
N TYR A 231 -19.75 1.14 -35.78
CA TYR A 231 -19.53 0.98 -34.35
C TYR A 231 -18.80 2.15 -33.73
N ARG A 232 -18.15 3.00 -34.53
CA ARG A 232 -17.31 4.05 -33.96
C ARG A 232 -18.13 4.98 -33.07
N ASP A 233 -19.25 5.47 -33.57
CA ASP A 233 -20.09 6.38 -32.78
C ASP A 233 -20.65 5.66 -31.55
N LEU A 234 -21.05 4.39 -31.71
CA LEU A 234 -21.54 3.63 -30.57
C LEU A 234 -20.46 3.48 -29.50
N PHE A 235 -19.23 3.19 -29.91
CA PHE A 235 -18.13 3.09 -28.96
C PHE A 235 -17.89 4.42 -28.25
N SER A 236 -17.94 5.52 -29.00
CA SER A 236 -17.73 6.83 -28.38
C SER A 236 -18.81 7.11 -27.33
N GLN A 237 -20.07 6.78 -27.63
CA GLN A 237 -21.15 7.05 -26.71
C GLN A 237 -20.95 6.32 -25.38
N ARG A 238 -20.72 5.00 -25.44
CA ARG A 238 -20.53 4.24 -24.22
C ARG A 238 -19.24 4.62 -23.51
N ILE A 239 -18.20 4.96 -24.27
CA ILE A 239 -16.96 5.43 -23.64
C ILE A 239 -17.23 6.69 -22.83
N LEU A 240 -17.98 7.64 -23.41
CA LEU A 240 -18.35 8.84 -22.67
C LEU A 240 -19.15 8.47 -21.42
N GLU A 241 -20.09 7.54 -21.56
CA GLU A 241 -20.92 7.14 -20.43
C GLU A 241 -20.10 6.49 -19.33
N LEU A 242 -19.09 5.69 -19.71
CA LEU A 242 -18.21 5.09 -18.71
C LEU A 242 -17.49 6.17 -17.91
N GLN A 243 -16.94 7.18 -18.59
CA GLN A 243 -16.24 8.24 -17.87
C GLN A 243 -17.18 9.00 -16.95
N ASP A 244 -18.38 9.32 -17.42
CA ASP A 244 -19.30 10.13 -16.63
C ASP A 244 -19.70 9.41 -15.34
N THR A 245 -19.97 8.11 -15.41
CA THR A 245 -20.39 7.36 -14.24
C THR A 245 -19.23 7.01 -13.31
N GLY A 246 -17.99 7.29 -13.71
CA GLY A 246 -16.84 6.98 -12.90
C GLY A 246 -16.29 5.59 -13.06
N ASP A 247 -16.88 4.77 -13.94
CA ASP A 247 -16.42 3.39 -14.09
C ASP A 247 -15.05 3.33 -14.76
N LEU A 248 -14.72 4.28 -15.64
CA LEU A 248 -13.39 4.30 -16.23
C LEU A 248 -12.32 4.55 -15.17
N ASP A 249 -12.58 5.46 -14.23
CA ASP A 249 -11.61 5.73 -13.18
C ASP A 249 -11.37 4.50 -12.32
N VAL A 250 -12.44 3.75 -12.01
CA VAL A 250 -12.28 2.54 -11.21
C VAL A 250 -11.38 1.55 -11.91
N LEU A 251 -11.57 1.38 -13.22
CA LEU A 251 -10.72 0.45 -13.97
C LEU A 251 -9.28 0.93 -14.03
N LYS A 252 -9.06 2.24 -14.19
CA LYS A 252 -7.69 2.76 -14.19
C LYS A 252 -7.02 2.48 -12.85
N GLN A 253 -7.71 2.75 -11.75
CA GLN A 253 -7.13 2.47 -10.44
C GLN A 253 -6.85 0.98 -10.27
N LYS A 254 -7.57 0.14 -10.99
CA LYS A 254 -7.32 -1.30 -10.93
C LYS A 254 -5.94 -1.64 -11.48
N TRP A 255 -5.52 -0.95 -12.54
CA TRP A 255 -4.23 -1.20 -13.19
C TRP A 255 -3.18 -0.15 -12.87
N TRP A 256 -3.57 0.98 -12.29
CA TRP A 256 -2.63 1.99 -11.80
C TRP A 256 -3.04 2.36 -10.38
N PRO A 257 -2.85 1.45 -9.42
CA PRO A 257 -3.40 1.67 -8.08
C PRO A 257 -2.86 2.95 -7.44
N HIS A 258 -3.72 3.59 -6.65
CA HIS A 258 -3.31 4.78 -5.91
C HIS A 258 -2.23 4.43 -4.89
N MET A 259 -2.39 3.31 -4.19
CA MET A 259 -1.43 2.85 -3.20
C MET A 259 -1.26 1.33 -3.37
N GLY A 260 -0.53 0.72 -2.45
CA GLY A 260 -0.27 -0.71 -2.46
C GLY A 260 1.00 -1.11 -3.17
N ARG A 261 1.29 -0.48 -4.31
CA ARG A 261 2.50 -0.75 -5.07
C ARG A 261 3.60 0.20 -4.61
N CYS A 262 4.69 0.27 -5.37
CA CYS A 262 5.80 1.13 -5.01
C CYS A 262 5.35 2.58 -4.83
N ASP A 263 5.85 3.23 -3.79
CA ASP A 263 5.61 4.64 -3.59
C ASP A 263 6.54 5.43 -4.50
N LEU A 264 5.97 6.32 -5.32
CA LEU A 264 6.71 7.04 -6.34
C LEU A 264 7.07 8.46 -5.92
N THR A 265 7.37 8.66 -4.63
CA THR A 265 7.71 9.97 -4.10
C THR A 265 9.15 9.97 -3.59
N SER A 266 9.87 11.05 -3.89
CA SER A 266 11.25 11.20 -3.45
C SER A 266 11.33 12.21 -2.31
N LEU B 2 -19.89 29.13 -49.11
CA LEU B 2 -20.64 28.48 -48.04
C LEU B 2 -20.56 29.29 -46.74
N THR B 3 -21.70 29.44 -46.07
CA THR B 3 -21.79 30.17 -44.82
C THR B 3 -22.48 29.31 -43.78
N LEU B 4 -21.93 29.29 -42.57
CA LEU B 4 -22.48 28.52 -41.46
C LEU B 4 -22.92 29.44 -40.34
N LYS B 5 -23.99 29.06 -39.66
CA LYS B 5 -24.50 29.81 -38.52
C LYS B 5 -23.93 29.20 -37.24
N VAL B 6 -23.27 30.04 -36.44
CA VAL B 6 -22.57 29.60 -35.25
C VAL B 6 -23.24 30.23 -34.03
N VAL B 7 -23.62 29.40 -33.07
CA VAL B 7 -24.17 29.86 -31.80
C VAL B 7 -23.09 29.75 -30.74
N THR B 8 -23.02 30.73 -29.85
CA THR B 8 -21.97 30.78 -28.84
C THR B 8 -22.52 31.41 -27.57
N VAL B 9 -21.74 31.26 -26.49
CA VAL B 9 -22.02 31.92 -25.22
C VAL B 9 -20.71 32.50 -24.71
N LEU B 10 -20.78 33.72 -24.19
CA LEU B 10 -19.58 34.40 -23.71
C LEU B 10 -18.95 33.61 -22.56
N GLU B 11 -17.65 33.35 -22.67
CA GLU B 11 -16.93 32.62 -21.64
C GLU B 11 -15.46 32.99 -21.77
N GLU B 12 -14.98 33.88 -20.89
CA GLU B 12 -13.60 34.31 -20.96
C GLU B 12 -12.67 33.13 -20.71
N PRO B 13 -11.62 32.93 -21.52
CA PRO B 13 -11.25 33.63 -22.76
C PRO B 13 -11.71 32.88 -24.01
N PHE B 14 -12.57 31.86 -23.86
CA PHE B 14 -12.98 31.08 -25.02
C PHE B 14 -13.70 31.95 -26.05
N VAL B 15 -14.73 32.67 -25.61
CA VAL B 15 -15.47 33.58 -26.48
C VAL B 15 -15.69 34.88 -25.71
N MET B 16 -15.23 35.99 -26.28
CA MET B 16 -15.33 37.29 -25.65
C MET B 16 -15.77 38.31 -26.69
N VAL B 17 -16.39 39.38 -26.21
CA VAL B 17 -16.79 40.49 -27.06
C VAL B 17 -15.65 41.49 -27.11
N ALA B 18 -15.21 41.83 -28.32
CA ALA B 18 -14.19 42.86 -28.48
C ALA B 18 -14.74 44.19 -27.98
N GLU B 19 -13.82 45.04 -27.49
CA GLU B 19 -14.22 46.32 -26.93
C GLU B 19 -15.05 47.10 -27.94
N ASN B 20 -16.19 47.61 -27.49
CA ASN B 20 -17.08 48.35 -28.38
C ASN B 20 -16.39 49.63 -28.84
N ILE B 21 -16.46 49.89 -30.13
CA ILE B 21 -15.92 51.12 -30.72
C ILE B 21 -17.01 51.73 -31.60
N LEU B 22 -17.34 52.98 -31.33
CA LEU B 22 -18.40 53.65 -32.07
C LEU B 22 -18.10 53.64 -33.56
N GLY B 23 -19.08 53.25 -34.37
CA GLY B 23 -18.90 53.15 -35.80
C GLY B 23 -18.27 51.85 -36.27
N GLN B 24 -18.19 50.84 -35.42
CA GLN B 24 -17.64 49.54 -35.80
C GLN B 24 -18.60 48.43 -35.39
N PRO B 25 -18.55 47.30 -36.07
CA PRO B 25 -19.49 46.21 -35.77
C PRO B 25 -19.10 45.47 -34.50
N LYS B 26 -20.01 44.59 -34.06
CA LYS B 26 -19.78 43.76 -32.89
C LYS B 26 -18.93 42.57 -33.30
N ARG B 27 -17.68 42.54 -32.81
CA ARG B 27 -16.73 41.48 -33.13
C ARG B 27 -16.55 40.58 -31.92
N TYR B 28 -16.20 39.33 -32.19
CA TYR B 28 -15.92 38.34 -31.16
C TYR B 28 -14.46 37.91 -31.25
N LYS B 29 -13.90 37.54 -30.10
CA LYS B 29 -12.53 37.08 -30.03
C LYS B 29 -12.42 36.05 -28.92
N GLY B 30 -11.35 35.27 -28.96
CA GLY B 30 -11.10 34.28 -27.93
C GLY B 30 -10.42 33.05 -28.51
N PHE B 31 -10.09 32.12 -27.61
CA PHE B 31 -9.45 30.89 -28.03
C PHE B 31 -10.36 30.05 -28.92
N SER B 32 -11.64 29.97 -28.57
CA SER B 32 -12.57 29.21 -29.39
C SER B 32 -12.80 29.87 -30.75
N ILE B 33 -12.83 31.20 -30.78
CA ILE B 33 -12.96 31.90 -32.05
C ILE B 33 -11.74 31.63 -32.92
N ASP B 34 -10.55 31.57 -32.31
CA ASP B 34 -9.34 31.26 -33.06
C ASP B 34 -9.42 29.86 -33.66
N VAL B 35 -9.93 28.89 -32.90
CA VAL B 35 -10.07 27.54 -33.43
C VAL B 35 -11.06 27.53 -34.59
N LEU B 36 -12.18 28.25 -34.45
CA LEU B 36 -13.17 28.30 -35.52
C LEU B 36 -12.58 28.95 -36.77
N ASP B 37 -11.78 30.00 -36.60
CA ASP B 37 -11.16 30.63 -37.76
C ASP B 37 -10.20 29.68 -38.45
N ALA B 38 -9.44 28.89 -37.67
CA ALA B 38 -8.55 27.91 -38.28
C ALA B 38 -9.33 26.90 -39.11
N LEU B 39 -10.45 26.40 -38.56
CA LEU B 39 -11.29 25.49 -39.31
C LEU B 39 -11.89 26.18 -40.54
N ALA B 40 -12.30 27.43 -40.39
CA ALA B 40 -12.88 28.16 -41.51
C ALA B 40 -11.89 28.34 -42.64
N LYS B 41 -10.63 28.67 -42.31
CA LYS B 41 -9.62 28.86 -43.34
C LYS B 41 -9.30 27.53 -44.03
N ALA B 42 -9.10 26.47 -43.25
CA ALA B 42 -8.73 25.19 -43.84
C ALA B 42 -9.87 24.59 -44.65
N LEU B 43 -11.06 24.55 -44.07
CA LEU B 43 -12.22 23.97 -44.74
C LEU B 43 -12.91 24.95 -45.68
N GLY B 44 -12.53 26.23 -45.66
CA GLY B 44 -13.08 27.21 -46.58
C GLY B 44 -14.56 27.44 -46.41
N PHE B 45 -14.97 28.03 -45.28
CA PHE B 45 -16.37 28.40 -45.08
C PHE B 45 -16.42 29.69 -44.28
N LYS B 46 -17.39 30.53 -44.63
CA LYS B 46 -17.69 31.71 -43.83
C LYS B 46 -18.59 31.33 -42.67
N TYR B 47 -18.79 32.26 -41.74
CA TYR B 47 -19.70 32.01 -40.63
C TYR B 47 -20.18 33.34 -40.05
N GLU B 48 -21.34 33.28 -39.41
CA GLU B 48 -21.91 34.39 -38.66
C GLU B 48 -22.22 33.92 -37.27
N ILE B 49 -21.77 34.68 -36.27
CA ILE B 49 -21.87 34.28 -34.86
C ILE B 49 -23.01 35.06 -34.21
N TYR B 50 -23.86 34.34 -33.49
CA TYR B 50 -24.89 34.95 -32.66
C TYR B 50 -24.89 34.26 -31.30
N GLN B 51 -25.24 35.02 -30.27
CA GLN B 51 -25.29 34.48 -28.93
C GLN B 51 -26.62 33.80 -28.66
N ALA B 52 -26.59 32.77 -27.83
CA ALA B 52 -27.82 32.08 -27.46
C ALA B 52 -28.76 33.06 -26.77
N PRO B 53 -30.05 33.09 -27.12
CA PRO B 53 -30.94 34.09 -26.52
C PRO B 53 -31.00 33.99 -25.00
N ASP B 54 -30.97 32.77 -24.45
CA ASP B 54 -30.95 32.58 -23.00
C ASP B 54 -29.54 32.52 -22.44
N GLY B 55 -28.52 32.52 -23.29
CA GLY B 55 -27.14 32.51 -22.81
C GLY B 55 -26.79 31.30 -21.98
N ARG B 56 -27.26 30.12 -22.37
CA ARG B 56 -27.01 28.89 -21.64
C ARG B 56 -26.43 27.84 -22.57
N TYR B 57 -25.53 27.02 -22.02
CA TYR B 57 -24.97 25.92 -22.81
C TYR B 57 -26.05 24.93 -23.23
N GLY B 58 -26.98 24.64 -22.32
CA GLY B 58 -28.12 23.81 -22.66
C GLY B 58 -28.33 22.64 -21.73
N HIS B 59 -29.57 22.46 -21.27
CA HIS B 59 -29.96 21.30 -20.48
C HIS B 59 -31.34 20.86 -20.92
N GLN B 60 -31.64 19.58 -20.69
CA GLN B 60 -32.90 19.01 -21.13
C GLN B 60 -34.05 19.53 -20.27
N LEU B 61 -35.19 19.74 -20.92
CA LEU B 61 -36.40 20.20 -20.25
C LEU B 61 -37.32 19.00 -19.97
N HIS B 62 -38.46 19.29 -19.34
CA HIS B 62 -39.37 18.22 -18.95
C HIS B 62 -39.92 17.48 -20.16
N ASN B 63 -40.28 18.20 -21.22
CA ASN B 63 -40.93 17.61 -22.37
C ASN B 63 -39.94 17.09 -23.41
N THR B 64 -38.71 16.76 -22.99
CA THR B 64 -37.68 16.19 -23.86
C THR B 64 -37.17 17.18 -24.89
N SER B 65 -37.30 18.48 -24.64
CA SER B 65 -36.79 19.52 -25.50
C SER B 65 -35.63 20.22 -24.83
N TRP B 66 -34.66 20.66 -25.63
CA TRP B 66 -33.44 21.28 -25.14
C TRP B 66 -33.47 22.78 -25.39
N ASN B 67 -32.85 23.52 -24.47
CA ASN B 67 -32.65 24.96 -24.58
C ASN B 67 -31.17 25.26 -24.75
N GLY B 68 -30.85 26.55 -24.83
CA GLY B 68 -29.46 26.93 -24.98
C GLY B 68 -28.91 26.57 -26.36
N MET B 69 -27.58 26.45 -26.41
CA MET B 69 -26.93 26.17 -27.69
C MET B 69 -27.36 24.82 -28.25
N ILE B 70 -27.52 23.82 -27.39
CA ILE B 70 -27.94 22.50 -27.86
C ILE B 70 -29.29 22.60 -28.55
N GLY B 71 -30.23 23.36 -27.97
CA GLY B 71 -31.52 23.52 -28.60
C GLY B 71 -31.41 24.14 -29.98
N GLU B 72 -30.49 25.09 -30.16
CA GLU B 72 -30.31 25.70 -31.47
C GLU B 72 -29.87 24.68 -32.50
N LEU B 73 -28.96 23.78 -32.14
CA LEU B 73 -28.53 22.74 -33.07
C LEU B 73 -29.66 21.79 -33.42
N ILE B 74 -30.44 21.36 -32.42
CA ILE B 74 -31.52 20.42 -32.68
C ILE B 74 -32.59 21.07 -33.54
N SER B 75 -32.91 22.34 -33.26
CA SER B 75 -33.87 23.08 -34.07
C SER B 75 -33.31 23.49 -35.43
N LYS B 76 -32.01 23.25 -35.67
CA LYS B 76 -31.31 23.58 -36.90
C LYS B 76 -31.18 25.08 -37.12
N ARG B 77 -31.46 25.90 -36.10
CA ARG B 77 -31.20 27.33 -36.22
C ARG B 77 -29.71 27.64 -36.21
N ALA B 78 -28.87 26.69 -35.81
CA ALA B 78 -27.43 26.85 -35.81
C ALA B 78 -26.79 25.61 -36.43
N ASP B 79 -25.80 25.82 -37.29
CA ASP B 79 -25.08 24.71 -37.89
C ASP B 79 -24.10 24.07 -36.90
N LEU B 80 -23.47 24.89 -36.07
CA LEU B 80 -22.53 24.40 -35.07
C LEU B 80 -22.53 25.34 -33.88
N ALA B 81 -22.08 24.82 -32.74
CA ALA B 81 -21.98 25.60 -31.52
C ALA B 81 -20.57 25.47 -30.97
N ILE B 82 -20.01 26.60 -30.53
CA ILE B 82 -18.64 26.61 -30.00
C ILE B 82 -18.55 27.67 -28.90
N SER B 83 -17.94 27.28 -27.79
CA SER B 83 -17.64 28.20 -26.69
C SER B 83 -16.71 27.51 -25.70
N ALA B 84 -17.27 26.98 -24.61
CA ALA B 84 -16.55 26.12 -23.69
C ALA B 84 -17.39 24.87 -23.43
N ILE B 85 -17.93 24.30 -24.50
CA ILE B 85 -18.85 23.18 -24.41
C ILE B 85 -18.05 21.91 -24.13
N THR B 86 -18.43 21.19 -23.07
CA THR B 86 -17.78 19.93 -22.74
C THR B 86 -18.50 18.78 -23.42
N ILE B 87 -17.73 17.81 -23.87
CA ILE B 87 -18.27 16.63 -24.57
C ILE B 87 -18.81 15.68 -23.50
N THR B 88 -20.13 15.62 -23.37
CA THR B 88 -20.78 14.81 -22.37
C THR B 88 -21.71 13.78 -23.01
N PRO B 89 -21.93 12.64 -22.37
CA PRO B 89 -22.78 11.62 -22.99
C PRO B 89 -24.19 12.11 -23.26
N GLU B 90 -24.77 12.89 -22.35
CA GLU B 90 -26.14 13.37 -22.54
C GLU B 90 -26.25 14.27 -23.76
N ARG B 91 -25.28 15.17 -23.94
CA ARG B 91 -25.30 16.04 -25.11
C ARG B 91 -24.97 15.26 -26.38
N GLU B 92 -23.98 14.37 -26.32
CA GLU B 92 -23.60 13.63 -27.52
C GLU B 92 -24.73 12.77 -28.06
N SER B 93 -25.73 12.45 -27.23
CA SER B 93 -26.87 11.66 -27.69
C SER B 93 -27.84 12.45 -28.53
N VAL B 94 -27.81 13.79 -28.45
CA VAL B 94 -28.71 14.63 -29.23
C VAL B 94 -27.97 15.45 -30.28
N VAL B 95 -26.68 15.74 -30.09
CA VAL B 95 -25.86 16.40 -31.09
C VAL B 95 -24.64 15.53 -31.35
N ASP B 96 -23.78 15.95 -32.27
CA ASP B 96 -22.55 15.24 -32.59
C ASP B 96 -21.37 16.16 -32.31
N PHE B 97 -20.52 15.77 -31.37
CA PHE B 97 -19.35 16.53 -31.00
C PHE B 97 -18.15 16.10 -31.82
N SER B 98 -17.36 17.08 -32.26
CA SER B 98 -16.04 16.77 -32.80
C SER B 98 -15.11 16.33 -31.68
N LYS B 99 -14.00 15.73 -32.06
CA LYS B 99 -12.99 15.38 -31.07
C LYS B 99 -12.48 16.64 -30.39
N ARG B 100 -12.13 16.51 -29.12
CA ARG B 100 -11.81 17.68 -28.31
C ARG B 100 -10.65 18.45 -28.92
N TYR B 101 -10.74 19.78 -28.85
CA TYR B 101 -9.63 20.66 -29.18
C TYR B 101 -8.94 21.21 -27.94
N MET B 102 -9.34 20.73 -26.75
CA MET B 102 -8.72 21.15 -25.50
C MET B 102 -9.29 20.28 -24.39
N ASP B 103 -8.51 20.13 -23.31
CA ASP B 103 -8.91 19.30 -22.19
C ASP B 103 -9.69 20.12 -21.16
N TYR B 104 -10.51 19.41 -20.38
CA TYR B 104 -11.25 19.98 -19.27
C TYR B 104 -10.87 19.26 -17.99
N SER B 105 -10.72 20.02 -16.90
CA SER B 105 -10.45 19.46 -15.60
C SER B 105 -10.81 20.50 -14.55
N VAL B 106 -10.96 20.04 -13.31
CA VAL B 106 -11.34 20.90 -12.19
C VAL B 106 -10.09 21.22 -11.39
N GLY B 107 -9.86 22.51 -11.16
CA GLY B 107 -8.73 22.98 -10.39
C GLY B 107 -9.17 23.69 -9.12
N ILE B 108 -8.17 24.19 -8.39
CA ILE B 108 -8.39 24.90 -7.14
C ILE B 108 -7.83 26.30 -7.29
N LEU B 109 -8.66 27.31 -7.05
CA LEU B 109 -8.25 28.71 -7.04
C LEU B 109 -8.04 29.12 -5.59
N ILE B 110 -6.80 29.47 -5.24
CA ILE B 110 -6.42 29.73 -3.86
C ILE B 110 -5.43 30.88 -3.82
N LYS B 111 -5.41 31.58 -2.68
CA LYS B 111 -4.44 32.65 -2.49
C LYS B 111 -3.03 32.09 -2.47
N LYS B 112 -2.09 32.87 -2.98
CA LYS B 112 -0.71 32.43 -3.06
C LYS B 112 -0.10 32.31 -1.67
N GLY B 113 0.93 31.45 -1.57
CA GLY B 113 1.72 31.33 -0.37
C GLY B 113 1.19 30.35 0.67
N THR B 114 0.07 29.68 0.40
CA THR B 114 -0.45 28.72 1.36
C THR B 114 0.27 27.38 1.20
N PRO B 115 0.34 26.58 2.27
CA PRO B 115 0.98 25.26 2.16
C PRO B 115 0.16 24.25 1.35
N ILE B 116 -1.07 24.59 0.99
CA ILE B 116 -1.93 23.67 0.23
C ILE B 116 -1.43 23.65 -1.21
N ARG B 117 -1.14 22.45 -1.71
CA ARG B 117 -0.63 22.29 -3.07
C ARG B 117 -1.36 21.23 -3.87
N THR B 118 -2.26 20.45 -3.27
CA THR B 118 -2.98 19.40 -3.97
C THR B 118 -4.39 19.31 -3.40
N PHE B 119 -5.22 18.49 -4.05
CA PHE B 119 -6.54 18.20 -3.52
C PHE B 119 -6.44 17.49 -2.18
N GLN B 120 -5.47 16.59 -2.02
CA GLN B 120 -5.27 15.92 -0.75
C GLN B 120 -4.97 16.92 0.35
N ASP B 121 -4.10 17.90 0.07
CA ASP B 121 -3.82 18.93 1.05
C ASP B 121 -5.08 19.70 1.41
N LEU B 122 -5.89 20.05 0.40
CA LEU B 122 -7.11 20.80 0.65
C LEU B 122 -8.08 20.00 1.54
N SER B 123 -8.19 18.70 1.29
CA SER B 123 -9.14 17.87 2.04
C SER B 123 -8.77 17.77 3.51
N LYS B 124 -7.50 17.96 3.86
CA LYS B 124 -7.04 17.85 5.23
C LYS B 124 -7.06 19.18 5.97
N GLN B 125 -7.69 20.20 5.41
CA GLN B 125 -7.74 21.53 6.01
C GLN B 125 -9.09 21.75 6.67
N VAL B 126 -9.06 22.26 7.89
CA VAL B 126 -10.25 22.78 8.54
C VAL B 126 -10.23 24.31 8.63
N GLU B 127 -9.06 24.94 8.46
CA GLU B 127 -8.98 26.39 8.56
C GLU B 127 -9.61 27.08 7.36
N MET B 128 -9.36 26.56 6.15
CA MET B 128 -9.79 27.20 4.92
C MET B 128 -10.97 26.45 4.33
N SER B 129 -12.07 27.16 4.13
CA SER B 129 -13.26 26.57 3.52
C SER B 129 -13.10 26.50 2.01
N TYR B 130 -13.76 25.52 1.41
CA TYR B 130 -13.70 25.34 -0.04
C TYR B 130 -15.02 24.80 -0.54
N GLY B 131 -15.27 25.01 -1.83
CA GLY B 131 -16.51 24.57 -2.43
C GLY B 131 -16.56 24.93 -3.90
N THR B 132 -17.72 24.71 -4.51
CA THR B 132 -17.93 24.97 -5.92
C THR B 132 -19.31 25.61 -6.09
N VAL B 133 -19.78 25.65 -7.33
CA VAL B 133 -21.09 26.25 -7.62
C VAL B 133 -22.17 25.23 -7.32
N ARG B 134 -23.18 25.65 -6.55
CA ARG B 134 -24.26 24.74 -6.17
C ARG B 134 -25.02 24.29 -7.41
N ASP B 135 -25.48 23.02 -7.37
CA ASP B 135 -26.32 22.47 -8.42
C ASP B 135 -25.65 22.57 -9.79
N SER B 136 -24.34 22.36 -9.83
CA SER B 136 -23.58 22.34 -11.06
C SER B 136 -22.97 20.96 -11.28
N ALA B 137 -22.55 20.70 -12.52
CA ALA B 137 -21.92 19.41 -12.82
C ALA B 137 -20.69 19.18 -11.95
N VAL B 138 -19.97 20.25 -11.60
CA VAL B 138 -18.83 20.11 -10.70
C VAL B 138 -19.29 19.62 -9.34
N TYR B 139 -20.38 20.19 -8.82
CA TYR B 139 -20.91 19.74 -7.55
C TYR B 139 -21.34 18.27 -7.62
N GLU B 140 -21.99 17.88 -8.71
CA GLU B 140 -22.37 16.48 -8.89
C GLU B 140 -21.15 15.60 -9.12
N TYR B 141 -20.10 16.14 -9.75
CA TYR B 141 -18.88 15.36 -9.92
C TYR B 141 -18.29 14.95 -8.58
N PHE B 142 -18.24 15.88 -7.62
CA PHE B 142 -17.72 15.57 -6.30
C PHE B 142 -18.70 14.74 -5.48
N ARG B 143 -20.00 14.82 -5.77
CA ARG B 143 -20.95 13.92 -5.13
C ARG B 143 -20.66 12.47 -5.49
N ALA B 144 -20.42 12.21 -6.77
CA ALA B 144 -20.16 10.84 -7.21
C ALA B 144 -18.81 10.34 -6.70
N LYS B 145 -17.76 11.15 -6.86
CA LYS B 145 -16.43 10.71 -6.43
C LYS B 145 -16.39 10.54 -4.91
N GLY B 146 -17.00 11.46 -4.17
CA GLY B 146 -16.95 11.41 -2.72
C GLY B 146 -17.90 10.43 -2.07
N THR B 147 -18.75 9.78 -2.86
CA THR B 147 -19.68 8.77 -2.34
C THR B 147 -19.50 7.41 -2.99
N ASN B 148 -18.57 7.26 -3.92
CA ASN B 148 -18.38 5.99 -4.61
C ASN B 148 -17.54 5.06 -3.74
N PRO B 149 -18.08 3.91 -3.31
CA PRO B 149 -17.26 3.02 -2.46
C PRO B 149 -16.01 2.52 -3.14
N LEU B 150 -16.01 2.44 -4.47
CA LEU B 150 -14.89 1.84 -5.21
C LEU B 150 -13.75 2.82 -5.46
N GLU B 151 -13.91 4.09 -5.10
CA GLU B 151 -12.82 5.05 -5.21
C GLU B 151 -11.77 4.75 -4.15
N GLN B 152 -10.53 4.46 -4.59
CA GLN B 152 -9.47 4.11 -3.65
C GLN B 152 -9.04 5.33 -2.84
N ASP B 153 -8.99 6.51 -3.46
CA ASP B 153 -8.49 7.71 -2.80
C ASP B 153 -9.59 8.28 -1.91
N SER B 154 -9.37 8.22 -0.59
CA SER B 154 -10.33 8.74 0.37
C SER B 154 -10.35 10.27 0.41
N THR B 155 -9.56 10.94 -0.42
CA THR B 155 -9.59 12.40 -0.46
C THR B 155 -10.96 12.91 -0.87
N PHE B 156 -11.59 12.28 -1.86
CA PHE B 156 -12.86 12.77 -2.37
C PHE B 156 -13.95 12.72 -1.32
N ALA B 157 -13.96 11.66 -0.49
CA ALA B 157 -14.95 11.57 0.56
C ALA B 157 -14.83 12.73 1.54
N GLU B 158 -13.59 13.07 1.92
CA GLU B 158 -13.38 14.23 2.79
C GLU B 158 -13.81 15.52 2.11
N LEU B 159 -13.47 15.69 0.83
CA LEU B 159 -13.86 16.90 0.12
C LEU B 159 -15.38 17.02 0.02
N TRP B 160 -16.06 15.92 -0.27
CA TRP B 160 -17.51 15.96 -0.42
C TRP B 160 -18.19 16.36 0.89
N ARG B 161 -17.67 15.87 2.02
CA ARG B 161 -18.25 16.24 3.31
C ARG B 161 -18.21 17.75 3.51
N THR B 162 -17.10 18.39 3.15
CA THR B 162 -17.02 19.84 3.29
C THR B 162 -17.86 20.55 2.23
N ILE B 163 -17.81 20.07 0.99
CA ILE B 163 -18.53 20.74 -0.10
C ILE B 163 -20.03 20.68 0.13
N SER B 164 -20.55 19.53 0.55
CA SER B 164 -21.98 19.30 0.65
C SER B 164 -22.56 19.70 2.00
N LYS B 165 -21.77 20.30 2.88
CA LYS B 165 -22.25 20.70 4.20
C LYS B 165 -23.53 21.52 4.07
N ASN B 166 -24.59 21.04 4.73
CA ASN B 166 -25.90 21.70 4.71
C ASN B 166 -26.41 21.85 3.29
N GLY B 167 -26.37 20.75 2.54
CA GLY B 167 -26.81 20.78 1.16
C GLY B 167 -26.00 21.72 0.28
N GLY B 168 -24.74 21.97 0.65
CA GLY B 168 -23.89 22.86 -0.09
C GLY B 168 -24.10 24.34 0.20
N ALA B 169 -25.13 24.69 0.97
CA ALA B 169 -25.42 26.10 1.21
C ALA B 169 -24.26 26.79 1.93
N ASP B 170 -23.63 26.10 2.88
CA ASP B 170 -22.63 26.74 3.73
C ASP B 170 -21.37 27.09 2.96
N ASN B 171 -20.84 26.16 2.17
CA ASN B 171 -19.51 26.29 1.61
C ASN B 171 -19.47 26.51 0.10
N CYS B 172 -20.61 26.48 -0.59
CA CYS B 172 -20.64 26.66 -2.03
C CYS B 172 -21.19 28.04 -2.38
N VAL B 173 -20.95 28.44 -3.63
CA VAL B 173 -21.34 29.74 -4.14
C VAL B 173 -22.45 29.56 -5.18
N SER B 174 -22.99 30.68 -5.63
CA SER B 174 -24.11 30.67 -6.57
C SER B 174 -23.70 30.83 -8.03
N SER B 175 -22.48 31.30 -8.29
CA SER B 175 -22.02 31.49 -9.65
C SER B 175 -20.49 31.49 -9.65
N PRO B 176 -19.86 31.22 -10.78
CA PRO B 176 -18.38 31.25 -10.82
C PRO B 176 -17.80 32.59 -10.43
N SER B 177 -18.47 33.69 -10.75
CA SER B 177 -17.96 35.00 -10.36
C SER B 177 -17.91 35.15 -8.85
N GLU B 178 -18.94 34.66 -8.15
CA GLU B 178 -18.92 34.69 -6.69
C GLU B 178 -17.77 33.86 -6.15
N GLY B 179 -17.54 32.68 -6.73
CA GLY B 179 -16.44 31.84 -6.27
C GLY B 179 -15.09 32.50 -6.48
N ILE B 180 -14.88 33.12 -7.64
CA ILE B 180 -13.62 33.79 -7.90
C ILE B 180 -13.42 34.95 -6.93
N ARG B 181 -14.48 35.70 -6.66
CA ARG B 181 -14.37 36.83 -5.73
C ARG B 181 -13.96 36.34 -4.35
N LYS B 182 -14.61 35.29 -3.85
CA LYS B 182 -14.29 34.80 -2.51
C LYS B 182 -12.85 34.29 -2.45
N ALA B 183 -12.39 33.64 -3.52
CA ALA B 183 -11.02 33.13 -3.52
C ALA B 183 -10.00 34.26 -3.40
N LYS B 184 -10.24 35.37 -4.10
CA LYS B 184 -9.30 36.49 -4.05
C LYS B 184 -9.29 37.16 -2.68
N LYS B 185 -10.43 37.20 -2.00
CA LYS B 185 -10.46 37.77 -0.65
C LYS B 185 -9.62 36.95 0.32
N GLY B 186 -9.26 35.73 -0.03
CA GLY B 186 -8.61 34.83 0.89
C GLY B 186 -9.61 34.10 1.78
N ASN B 187 -9.09 33.11 2.51
CA ASN B 187 -9.89 32.32 3.44
C ASN B 187 -10.94 31.47 2.73
N TYR B 188 -10.81 31.29 1.41
CA TYR B 188 -11.72 30.43 0.67
C TYR B 188 -11.03 29.94 -0.59
N ALA B 189 -11.26 28.67 -0.94
CA ALA B 189 -10.70 28.07 -2.15
C ALA B 189 -11.85 27.62 -3.04
N PHE B 190 -11.81 28.00 -4.31
CA PHE B 190 -12.89 27.78 -5.26
C PHE B 190 -12.51 26.68 -6.23
N LEU B 191 -13.38 25.68 -6.35
CA LEU B 191 -13.16 24.53 -7.24
C LEU B 191 -14.02 24.71 -8.48
N TRP B 192 -13.39 24.86 -9.63
CA TRP B 192 -14.09 25.13 -10.89
C TRP B 192 -13.17 24.73 -12.04
N ASP B 193 -13.60 25.03 -13.26
CA ASP B 193 -12.82 24.69 -14.44
C ASP B 193 -11.43 25.30 -14.34
N VAL B 194 -10.41 24.48 -14.65
CA VAL B 194 -9.03 24.97 -14.58
C VAL B 194 -8.83 26.13 -15.54
N ALA B 195 -9.38 26.01 -16.76
CA ALA B 195 -9.18 27.05 -17.76
C ALA B 195 -9.76 28.38 -17.30
N VAL B 196 -10.95 28.36 -16.71
CA VAL B 196 -11.58 29.60 -16.28
C VAL B 196 -10.81 30.23 -15.12
N VAL B 197 -10.49 29.43 -14.10
CA VAL B 197 -9.79 29.98 -12.94
C VAL B 197 -8.36 30.36 -13.31
N GLU B 198 -7.73 29.60 -14.21
CA GLU B 198 -6.38 29.95 -14.65
C GLU B 198 -6.36 31.32 -15.33
N TYR B 199 -7.36 31.60 -16.17
CA TYR B 199 -7.44 32.91 -16.80
C TYR B 199 -7.77 33.98 -15.77
N ALA B 200 -8.61 33.65 -14.77
CA ALA B 200 -8.95 34.62 -13.74
C ALA B 200 -7.72 35.02 -12.93
N ALA B 201 -6.88 34.04 -12.58
CA ALA B 201 -5.67 34.35 -11.82
C ALA B 201 -4.66 35.13 -12.66
N LEU B 202 -4.52 34.76 -13.94
CA LEU B 202 -3.56 35.44 -14.80
C LEU B 202 -3.95 36.89 -15.03
N THR B 203 -5.24 37.21 -15.00
CA THR B 203 -5.73 38.58 -15.19
C THR B 203 -6.01 39.28 -13.87
N ASP B 204 -5.69 38.67 -12.74
CA ASP B 204 -5.94 39.30 -11.44
C ASP B 204 -5.19 40.62 -11.35
N ASP B 205 -5.88 41.66 -10.89
CA ASP B 205 -5.23 42.97 -10.77
C ASP B 205 -4.08 42.92 -9.77
N ASP B 206 -4.27 42.25 -8.63
CA ASP B 206 -3.26 42.18 -7.59
C ASP B 206 -2.36 40.95 -7.72
N CYS B 207 -2.65 40.04 -8.65
CA CYS B 207 -1.90 38.79 -8.77
C CYS B 207 -1.83 38.07 -7.43
N SER B 208 -2.95 38.06 -6.72
CA SER B 208 -3.02 37.52 -5.37
C SER B 208 -3.44 36.07 -5.32
N VAL B 209 -3.74 35.46 -6.47
CA VAL B 209 -4.29 34.11 -6.51
C VAL B 209 -3.48 33.24 -7.46
N THR B 210 -3.50 31.95 -7.22
CA THR B 210 -2.86 30.95 -8.06
C THR B 210 -3.85 29.81 -8.29
N VAL B 211 -3.51 28.91 -9.20
CA VAL B 211 -4.36 27.78 -9.57
C VAL B 211 -3.59 26.49 -9.38
N ILE B 212 -4.26 25.50 -8.78
CA ILE B 212 -3.72 24.17 -8.60
C ILE B 212 -4.32 23.26 -9.67
N GLY B 213 -3.46 22.55 -10.39
CA GLY B 213 -3.92 21.61 -11.40
C GLY B 213 -4.00 20.21 -10.83
N ASN B 214 -3.05 19.35 -11.20
CA ASN B 214 -2.92 17.99 -10.69
C ASN B 214 -4.03 17.07 -11.16
N SER B 215 -5.02 17.57 -11.88
CA SER B 215 -6.16 16.78 -12.31
C SER B 215 -6.00 16.41 -13.78
N ILE B 216 -5.96 15.10 -14.06
CA ILE B 216 -6.03 14.63 -15.44
C ILE B 216 -7.41 14.95 -16.00
N SER B 217 -7.49 15.11 -17.31
CA SER B 217 -8.73 15.54 -17.92
C SER B 217 -9.86 14.57 -17.58
N SER B 218 -10.98 15.11 -17.12
CA SER B 218 -12.19 14.33 -16.92
C SER B 218 -13.13 14.42 -18.12
N LYS B 219 -13.03 15.51 -18.89
CA LYS B 219 -13.78 15.68 -20.13
C LYS B 219 -12.93 16.51 -21.07
N GLY B 220 -13.53 16.93 -22.19
CA GLY B 220 -12.82 17.77 -23.15
C GLY B 220 -13.77 18.74 -23.81
N TYR B 221 -13.25 19.92 -24.14
CA TYR B 221 -14.03 20.89 -24.89
C TYR B 221 -14.07 20.51 -26.35
N GLY B 222 -15.24 20.66 -26.96
CA GLY B 222 -15.41 20.27 -28.35
C GLY B 222 -16.41 21.16 -29.06
N ILE B 223 -16.45 21.02 -30.39
CA ILE B 223 -17.41 21.73 -31.21
C ILE B 223 -18.63 20.84 -31.40
N ALA B 224 -19.81 21.41 -31.10
CA ALA B 224 -21.06 20.68 -31.23
C ALA B 224 -21.68 20.97 -32.59
N LEU B 225 -22.12 19.92 -33.28
CA LEU B 225 -22.75 20.04 -34.58
C LEU B 225 -24.07 19.28 -34.58
N GLN B 226 -24.90 19.56 -35.57
CA GLN B 226 -26.18 18.89 -35.68
C GLN B 226 -25.98 17.38 -35.84
N HIS B 227 -26.94 16.62 -35.32
CA HIS B 227 -26.86 15.16 -35.40
C HIS B 227 -26.72 14.72 -36.86
N GLY B 228 -25.75 13.86 -37.12
CA GLY B 228 -25.49 13.37 -38.46
C GLY B 228 -24.75 14.34 -39.35
N SER B 229 -24.27 15.45 -38.83
CA SER B 229 -23.61 16.45 -39.65
C SER B 229 -22.34 15.86 -40.28
N PRO B 230 -22.16 15.97 -41.59
CA PRO B 230 -20.90 15.49 -42.20
C PRO B 230 -19.68 16.29 -41.80
N TYR B 231 -19.85 17.50 -41.28
CA TYR B 231 -18.71 18.32 -40.90
C TYR B 231 -18.00 17.80 -39.66
N ARG B 232 -18.65 16.93 -38.88
CA ARG B 232 -18.06 16.50 -37.62
C ARG B 232 -16.73 15.79 -37.85
N ASP B 233 -16.68 14.85 -38.80
CA ASP B 233 -15.44 14.14 -39.07
C ASP B 233 -14.39 15.07 -39.64
N LEU B 234 -14.79 16.01 -40.50
CA LEU B 234 -13.83 16.96 -41.06
C LEU B 234 -13.24 17.85 -39.96
N PHE B 235 -14.08 18.33 -39.05
CA PHE B 235 -13.57 19.16 -37.96
C PHE B 235 -12.57 18.38 -37.10
N SER B 236 -12.90 17.12 -36.80
CA SER B 236 -12.00 16.31 -35.98
C SER B 236 -10.65 16.14 -36.64
N GLN B 237 -10.64 15.88 -37.96
CA GLN B 237 -9.37 15.68 -38.66
C GLN B 237 -8.50 16.92 -38.55
N ARG B 238 -9.05 18.10 -38.84
CA ARG B 238 -8.26 19.32 -38.74
CA ARG B 238 -8.28 19.33 -38.74
C ARG B 238 -7.82 19.59 -37.31
N ILE B 239 -8.71 19.34 -36.34
CA ILE B 239 -8.37 19.56 -34.94
C ILE B 239 -7.17 18.68 -34.56
N LEU B 240 -7.19 17.41 -34.95
CA LEU B 240 -6.06 16.54 -34.68
C LEU B 240 -4.80 17.05 -35.36
N GLU B 241 -4.92 17.51 -36.61
CA GLU B 241 -3.78 18.08 -37.31
C GLU B 241 -3.28 19.34 -36.64
N LEU B 242 -4.19 20.21 -36.20
CA LEU B 242 -3.78 21.42 -35.49
C LEU B 242 -3.03 21.06 -34.20
N GLN B 243 -3.53 20.08 -33.44
CA GLN B 243 -2.82 19.64 -32.26
C GLN B 243 -1.47 19.05 -32.61
N ASP B 244 -1.41 18.27 -33.69
CA ASP B 244 -0.16 17.60 -34.06
C ASP B 244 0.93 18.59 -34.41
N THR B 245 0.58 19.65 -35.15
CA THR B 245 1.58 20.61 -35.60
C THR B 245 1.96 21.63 -34.53
N GLY B 246 1.29 21.62 -33.38
CA GLY B 246 1.57 22.58 -32.33
C GLY B 246 0.88 23.92 -32.49
N ASP B 247 0.10 24.10 -33.56
CA ASP B 247 -0.59 25.39 -33.75
C ASP B 247 -1.60 25.63 -32.64
N LEU B 248 -2.31 24.59 -32.20
CA LEU B 248 -3.27 24.78 -31.12
C LEU B 248 -2.58 25.19 -29.84
N ASP B 249 -1.37 24.66 -29.59
CA ASP B 249 -0.60 25.09 -28.42
C ASP B 249 -0.26 26.58 -28.53
N VAL B 250 0.07 27.05 -29.74
CA VAL B 250 0.34 28.46 -29.93
C VAL B 250 -0.90 29.28 -29.58
N LEU B 251 -2.07 28.84 -30.04
CA LEU B 251 -3.30 29.57 -29.74
C LEU B 251 -3.57 29.57 -28.24
N LYS B 252 -3.35 28.44 -27.56
CA LYS B 252 -3.57 28.41 -26.12
C LYS B 252 -2.72 29.46 -25.42
N GLN B 253 -1.41 29.49 -25.72
CA GLN B 253 -0.52 30.43 -25.08
C GLN B 253 -0.87 31.87 -25.44
N LYS B 254 -1.68 32.07 -26.48
CA LYS B 254 -2.16 33.41 -26.80
C LYS B 254 -3.17 33.90 -25.77
N TRP B 255 -3.95 32.98 -25.18
CA TRP B 255 -4.96 33.33 -24.20
C TRP B 255 -4.65 32.83 -22.81
N TRP B 256 -3.76 31.84 -22.67
CA TRP B 256 -3.25 31.38 -21.38
C TRP B 256 -1.72 31.42 -21.46
N PRO B 257 -1.14 32.61 -21.42
CA PRO B 257 0.29 32.74 -21.70
C PRO B 257 1.15 31.92 -20.74
N HIS B 258 2.25 31.37 -21.27
CA HIS B 258 3.20 30.67 -20.43
C HIS B 258 3.79 31.59 -19.38
N MET B 259 4.13 32.82 -19.77
CA MET B 259 4.57 33.86 -18.84
C MET B 259 3.81 35.14 -19.19
N GLY B 260 2.93 35.57 -18.29
CA GLY B 260 2.06 36.70 -18.53
C GLY B 260 2.15 37.73 -17.41
N ARG B 261 1.03 38.43 -17.21
CA ARG B 261 1.00 39.51 -16.23
C ARG B 261 1.34 39.00 -14.83
N CYS B 262 0.67 37.95 -14.39
CA CYS B 262 0.83 37.42 -13.05
C CYS B 262 1.63 36.13 -13.10
N ASP B 263 2.65 36.03 -12.24
CA ASP B 263 3.40 34.80 -12.05
C ASP B 263 2.66 33.94 -11.03
N LEU B 264 2.29 32.72 -11.44
CA LEU B 264 1.48 31.83 -10.62
C LEU B 264 2.32 30.84 -9.81
N THR B 265 3.53 31.23 -9.43
CA THR B 265 4.41 30.37 -8.64
C THR B 265 4.62 30.94 -7.25
N LEU C 2 -11.11 10.96 13.96
CA LEU C 2 -11.58 9.76 14.65
C LEU C 2 -10.88 8.51 14.13
N THR C 3 -10.29 7.75 15.04
CA THR C 3 -9.59 6.52 14.70
C THR C 3 -10.15 5.38 15.54
N LEU C 4 -10.48 4.27 14.90
CA LEU C 4 -11.08 3.11 15.57
C LEU C 4 -10.09 1.95 15.53
N LYS C 5 -9.89 1.32 16.69
CA LYS C 5 -9.06 0.13 16.76
C LYS C 5 -9.82 -1.07 16.17
N VAL C 6 -9.19 -1.76 15.24
CA VAL C 6 -9.79 -2.90 14.57
C VAL C 6 -8.93 -4.13 14.84
N VAL C 7 -9.55 -5.18 15.37
CA VAL C 7 -8.87 -6.43 15.63
C VAL C 7 -9.28 -7.42 14.54
N THR C 8 -8.29 -8.14 14.00
CA THR C 8 -8.53 -9.04 12.88
C THR C 8 -7.62 -10.24 12.99
N VAL C 9 -7.97 -11.29 12.26
CA VAL C 9 -7.15 -12.48 12.12
C VAL C 9 -7.01 -12.77 10.63
N LEU C 10 -5.78 -13.07 10.21
CA LEU C 10 -5.53 -13.31 8.79
C LEU C 10 -6.39 -14.47 8.29
N GLU C 11 -7.07 -14.25 7.17
CA GLU C 11 -7.93 -15.27 6.57
C GLU C 11 -8.08 -14.95 5.09
N GLU C 12 -7.45 -15.74 4.24
CA GLU C 12 -7.51 -15.49 2.80
C GLU C 12 -8.92 -15.73 2.27
N PRO C 13 -9.49 -14.82 1.46
CA PRO C 13 -9.00 -13.50 1.03
C PRO C 13 -9.63 -12.36 1.83
N PHE C 14 -10.25 -12.66 2.97
CA PHE C 14 -10.94 -11.62 3.73
C PHE C 14 -9.95 -10.59 4.25
N VAL C 15 -8.88 -11.05 4.91
CA VAL C 15 -7.84 -10.16 5.41
C VAL C 15 -6.49 -10.80 5.14
N MET C 16 -5.55 -10.02 4.62
CA MET C 16 -4.24 -10.52 4.23
C MET C 16 -3.21 -9.43 4.48
N VAL C 17 -1.95 -9.84 4.55
CA VAL C 17 -0.84 -8.92 4.78
C VAL C 17 -0.41 -8.33 3.46
N ALA C 18 -0.28 -7.00 3.42
CA ALA C 18 0.19 -6.30 2.24
C ALA C 18 1.68 -6.07 2.32
N GLU C 19 2.32 -5.97 1.15
CA GLU C 19 3.76 -5.75 1.08
C GLU C 19 4.19 -4.50 1.83
N PRO C 25 5.25 -0.09 8.52
CA PRO C 25 3.84 -0.24 8.92
C PRO C 25 3.17 -1.46 8.28
N LYS C 26 2.46 -2.24 9.09
CA LYS C 26 1.78 -3.44 8.62
C LYS C 26 0.48 -3.02 7.93
N ARG C 27 0.47 -3.09 6.60
CA ARG C 27 -0.72 -2.79 5.82
C ARG C 27 -1.44 -4.08 5.45
N TYR C 28 -2.76 -4.01 5.39
CA TYR C 28 -3.60 -5.17 5.14
C TYR C 28 -4.47 -4.95 3.91
N LYS C 29 -4.90 -6.07 3.32
CA LYS C 29 -5.77 -6.03 2.15
C LYS C 29 -6.68 -7.25 2.20
N GLY C 30 -7.79 -7.17 1.49
CA GLY C 30 -8.72 -8.28 1.41
C GLY C 30 -10.14 -7.78 1.26
N PHE C 31 -11.05 -8.75 1.07
CA PHE C 31 -12.46 -8.42 0.88
C PHE C 31 -13.02 -7.69 2.10
N SER C 32 -12.70 -8.18 3.30
CA SER C 32 -13.19 -7.51 4.51
C SER C 32 -12.56 -6.12 4.66
N ILE C 33 -11.30 -5.97 4.25
CA ILE C 33 -10.65 -4.66 4.35
C ILE C 33 -11.35 -3.67 3.43
N ASP C 34 -11.71 -4.11 2.22
CA ASP C 34 -12.44 -3.23 1.30
C ASP C 34 -13.78 -2.82 1.88
N VAL C 35 -14.47 -3.76 2.54
CA VAL C 35 -15.72 -3.42 3.21
C VAL C 35 -15.47 -2.39 4.31
N LEU C 36 -14.41 -2.59 5.10
CA LEU C 36 -14.06 -1.63 6.13
C LEU C 36 -13.71 -0.27 5.53
N ASP C 37 -12.97 -0.27 4.41
CA ASP C 37 -12.64 0.99 3.75
C ASP C 37 -13.90 1.71 3.27
N ALA C 38 -14.84 0.97 2.67
CA ALA C 38 -16.06 1.60 2.18
C ALA C 38 -16.84 2.24 3.32
N LEU C 39 -16.95 1.54 4.45
CA LEU C 39 -17.63 2.12 5.60
C LEU C 39 -16.88 3.33 6.12
N ALA C 40 -15.55 3.25 6.16
CA ALA C 40 -14.77 4.35 6.73
C ALA C 40 -14.97 5.64 5.95
N LYS C 41 -14.95 5.57 4.62
CA LYS C 41 -15.12 6.77 3.82
C LYS C 41 -16.50 7.40 4.04
N ALA C 42 -17.54 6.57 4.00
CA ALA C 42 -18.89 7.11 4.12
C ALA C 42 -19.16 7.65 5.52
N LEU C 43 -18.72 6.92 6.55
CA LEU C 43 -18.92 7.34 7.93
C LEU C 43 -17.82 8.27 8.43
N GLY C 44 -16.78 8.49 7.65
CA GLY C 44 -15.77 9.49 7.97
C GLY C 44 -14.97 9.21 9.23
N PHE C 45 -14.41 8.01 9.34
CA PHE C 45 -13.52 7.67 10.44
C PHE C 45 -12.28 6.97 9.92
N LYS C 46 -11.18 7.15 10.63
CA LYS C 46 -9.96 6.40 10.38
C LYS C 46 -9.96 5.13 11.23
N TYR C 47 -8.95 4.28 11.00
CA TYR C 47 -8.85 3.06 11.79
C TYR C 47 -7.42 2.56 11.78
N GLU C 48 -7.06 1.84 12.84
CA GLU C 48 -5.79 1.15 12.95
C GLU C 48 -6.07 -0.32 13.21
N ILE C 49 -5.43 -1.20 12.45
CA ILE C 49 -5.65 -2.63 12.53
C ILE C 49 -4.51 -3.27 13.32
N TYR C 50 -4.87 -4.06 14.34
CA TYR C 50 -3.90 -4.86 15.07
C TYR C 50 -4.38 -6.30 15.07
N GLN C 51 -3.48 -7.21 14.76
CA GLN C 51 -3.83 -8.63 14.68
C GLN C 51 -4.12 -9.17 16.08
N ALA C 52 -5.04 -10.12 16.13
CA ALA C 52 -5.40 -10.73 17.41
C ALA C 52 -4.18 -11.42 18.01
N PRO C 53 -3.86 -11.19 19.28
CA PRO C 53 -2.61 -11.76 19.83
C PRO C 53 -2.55 -13.27 19.73
N ASP C 54 -3.67 -13.96 19.93
CA ASP C 54 -3.72 -15.42 19.86
C ASP C 54 -4.14 -15.95 18.50
N GLY C 55 -4.63 -15.09 17.61
CA GLY C 55 -5.02 -15.52 16.29
C GLY C 55 -6.30 -16.34 16.24
N ARG C 56 -7.15 -16.22 17.24
CA ARG C 56 -8.42 -16.94 17.30
C ARG C 56 -9.58 -15.98 17.02
N TYR C 57 -10.63 -16.51 16.38
CA TYR C 57 -11.86 -15.75 16.24
C TYR C 57 -12.47 -15.43 17.60
N GLY C 58 -12.49 -16.41 18.50
CA GLY C 58 -12.98 -16.20 19.85
C GLY C 58 -14.01 -17.23 20.29
N HIS C 59 -13.78 -17.83 21.45
CA HIS C 59 -14.72 -18.77 22.05
C HIS C 59 -14.72 -18.57 23.56
N GLN C 60 -15.83 -18.93 24.18
CA GLN C 60 -16.00 -18.76 25.62
C GLN C 60 -15.18 -19.80 26.36
N LEU C 61 -14.45 -19.35 27.38
CA LEU C 61 -13.63 -20.22 28.19
C LEU C 61 -14.44 -20.77 29.38
N HIS C 62 -13.76 -21.54 30.24
CA HIS C 62 -14.46 -22.14 31.37
C HIS C 62 -14.98 -21.08 32.35
N ASN C 63 -14.18 -20.05 32.61
CA ASN C 63 -14.54 -19.03 33.59
C ASN C 63 -15.34 -17.88 32.98
N THR C 64 -16.05 -18.13 31.89
CA THR C 64 -16.94 -17.16 31.24
C THR C 64 -16.18 -15.99 30.63
N SER C 65 -14.87 -16.10 30.47
CA SER C 65 -14.05 -15.07 29.83
C SER C 65 -13.74 -15.49 28.41
N TRP C 66 -13.81 -14.54 27.48
CA TRP C 66 -13.62 -14.82 26.06
C TRP C 66 -12.21 -14.48 25.63
N ASN C 67 -11.74 -15.18 24.60
CA ASN C 67 -10.45 -14.95 23.98
C ASN C 67 -10.66 -14.58 22.52
N GLY C 68 -9.55 -14.46 21.78
CA GLY C 68 -9.65 -14.13 20.37
C GLY C 68 -10.16 -12.72 20.16
N MET C 69 -10.77 -12.50 18.99
CA MET C 69 -11.31 -11.19 18.66
C MET C 69 -12.45 -10.80 19.59
N ILE C 70 -13.31 -11.76 19.94
CA ILE C 70 -14.43 -11.47 20.83
C ILE C 70 -13.93 -10.96 22.18
N GLY C 71 -12.92 -11.62 22.73
CA GLY C 71 -12.37 -11.18 24.00
C GLY C 71 -11.84 -9.75 23.95
N GLU C 72 -11.24 -9.38 22.82
CA GLU C 72 -10.73 -8.01 22.68
C GLU C 72 -11.87 -7.00 22.73
N LEU C 73 -13.00 -7.31 22.08
CA LEU C 73 -14.14 -6.40 22.12
C LEU C 73 -14.71 -6.27 23.53
N ILE C 74 -14.84 -7.41 24.23
CA ILE C 74 -15.43 -7.37 25.57
C ILE C 74 -14.54 -6.55 26.51
N SER C 75 -13.23 -6.74 26.44
CA SER C 75 -12.30 -5.94 27.23
C SER C 75 -12.16 -4.52 26.70
N LYS C 76 -12.81 -4.19 25.58
CA LYS C 76 -12.80 -2.86 24.98
C LYS C 76 -11.43 -2.45 24.45
N ARG C 77 -10.52 -3.41 24.27
CA ARG C 77 -9.25 -3.11 23.62
C ARG C 77 -9.40 -2.88 22.12
N ALA C 78 -10.56 -3.20 21.55
CA ALA C 78 -10.83 -2.96 20.14
C ALA C 78 -12.24 -2.37 20.01
N ASP C 79 -12.38 -1.38 19.12
CA ASP C 79 -13.68 -0.80 18.86
C ASP C 79 -14.55 -1.71 17.99
N LEU C 80 -13.95 -2.46 17.08
CA LEU C 80 -14.68 -3.37 16.22
C LEU C 80 -13.74 -4.48 15.76
N ALA C 81 -14.33 -5.58 15.32
CA ALA C 81 -13.59 -6.72 14.82
C ALA C 81 -14.15 -7.13 13.47
N ILE C 82 -13.28 -7.46 12.52
CA ILE C 82 -13.70 -7.84 11.18
C ILE C 82 -12.69 -8.83 10.62
N SER C 83 -13.20 -9.85 9.94
CA SER C 83 -12.38 -10.81 9.20
C SER C 83 -13.28 -11.76 8.43
N ALA C 84 -13.56 -12.93 8.99
CA ALA C 84 -14.52 -13.88 8.45
C ALA C 84 -15.40 -14.40 9.58
N ILE C 85 -15.87 -13.48 10.41
CA ILE C 85 -16.62 -13.84 11.62
C ILE C 85 -18.06 -14.14 11.24
N THR C 86 -18.48 -15.39 11.45
CA THR C 86 -19.88 -15.73 11.27
C THR C 86 -20.72 -15.14 12.40
N ILE C 87 -21.96 -14.82 12.08
CA ILE C 87 -22.89 -14.24 13.05
C ILE C 87 -23.60 -15.40 13.75
N THR C 88 -23.29 -15.61 15.02
CA THR C 88 -23.82 -16.72 15.79
C THR C 88 -24.51 -16.22 17.05
N PRO C 89 -25.52 -16.94 17.54
CA PRO C 89 -26.19 -16.50 18.77
C PRO C 89 -25.26 -16.40 19.97
N GLU C 90 -24.29 -17.33 20.08
CA GLU C 90 -23.38 -17.30 21.21
C GLU C 90 -22.58 -16.01 21.25
N ARG C 91 -22.07 -15.58 20.09
CA ARG C 91 -21.31 -14.34 20.03
C ARG C 91 -22.21 -13.11 20.12
N GLU C 92 -23.39 -13.17 19.51
CA GLU C 92 -24.29 -12.02 19.53
C GLU C 92 -24.72 -11.65 20.94
N SER C 93 -24.74 -12.63 21.85
CA SER C 93 -25.14 -12.34 23.22
C SER C 93 -24.12 -11.43 23.93
N VAL C 94 -22.86 -11.49 23.53
CA VAL C 94 -21.81 -10.72 24.18
C VAL C 94 -21.36 -9.52 23.36
N VAL C 95 -21.52 -9.53 22.04
CA VAL C 95 -21.18 -8.42 21.17
C VAL C 95 -22.39 -8.10 20.30
N ASP C 96 -22.22 -7.12 19.42
CA ASP C 96 -23.28 -6.68 18.51
C ASP C 96 -22.78 -6.78 17.09
N PHE C 97 -23.35 -7.72 16.32
CA PHE C 97 -22.99 -7.90 14.93
C PHE C 97 -23.86 -7.02 14.04
N SER C 98 -23.21 -6.40 13.05
CA SER C 98 -23.96 -5.73 12.00
C SER C 98 -24.63 -6.78 11.10
N LYS C 99 -25.55 -6.32 10.27
CA LYS C 99 -26.15 -7.21 9.29
C LYS C 99 -25.08 -7.74 8.35
N ARG C 100 -25.27 -8.99 7.90
CA ARG C 100 -24.22 -9.67 7.15
C ARG C 100 -23.88 -8.90 5.87
N TYR C 101 -22.60 -8.94 5.51
CA TYR C 101 -22.14 -8.46 4.22
C TYR C 101 -21.73 -9.59 3.29
N MET C 102 -21.98 -10.84 3.67
CA MET C 102 -21.71 -11.98 2.81
C MET C 102 -22.29 -13.23 3.48
N ASP C 103 -22.77 -14.16 2.66
CA ASP C 103 -23.33 -15.40 3.15
C ASP C 103 -22.23 -16.38 3.53
N TYR C 104 -22.58 -17.30 4.43
CA TYR C 104 -21.67 -18.35 4.87
C TYR C 104 -22.32 -19.70 4.65
N SER C 105 -21.51 -20.67 4.22
CA SER C 105 -21.96 -22.06 4.09
C SER C 105 -20.73 -22.95 4.08
N VAL C 106 -20.96 -24.23 4.32
CA VAL C 106 -19.90 -25.24 4.35
C VAL C 106 -19.89 -25.96 3.00
N GLY C 107 -18.73 -25.99 2.35
CA GLY C 107 -18.57 -26.68 1.08
C GLY C 107 -17.58 -27.82 1.18
N ILE C 108 -17.17 -28.35 0.03
CA ILE C 108 -16.21 -29.45 -0.03
C ILE C 108 -15.12 -29.06 -1.01
N LEU C 109 -13.88 -28.96 -0.51
CA LEU C 109 -12.72 -28.79 -1.38
C LEU C 109 -12.20 -30.17 -1.75
N ILE C 110 -12.19 -30.47 -3.06
CA ILE C 110 -11.90 -31.81 -3.55
C ILE C 110 -11.26 -31.71 -4.92
N LYS C 111 -10.51 -32.74 -5.28
CA LYS C 111 -9.87 -32.79 -6.58
C LYS C 111 -10.91 -32.81 -7.69
N LYS C 112 -10.59 -32.17 -8.81
CA LYS C 112 -11.43 -32.23 -9.99
C LYS C 112 -11.41 -33.63 -10.59
N GLY C 113 -12.50 -33.98 -11.27
CA GLY C 113 -12.54 -35.19 -12.08
C GLY C 113 -13.13 -36.41 -11.42
N THR C 114 -13.66 -36.28 -10.21
CA THR C 114 -14.25 -37.42 -9.52
C THR C 114 -15.77 -37.44 -9.76
N PRO C 115 -16.39 -38.62 -9.66
CA PRO C 115 -17.86 -38.67 -9.76
C PRO C 115 -18.58 -38.02 -8.58
N ILE C 116 -17.85 -37.55 -7.58
CA ILE C 116 -18.45 -36.90 -6.42
C ILE C 116 -18.87 -35.49 -6.81
N ARG C 117 -20.16 -35.18 -6.68
CA ARG C 117 -20.69 -33.88 -7.05
C ARG C 117 -21.56 -33.26 -5.97
N THR C 118 -21.88 -33.98 -4.90
CA THR C 118 -22.74 -33.46 -3.84
C THR C 118 -22.29 -34.05 -2.50
N PHE C 119 -22.87 -33.52 -1.42
CA PHE C 119 -22.58 -34.07 -0.10
C PHE C 119 -23.03 -35.53 -0.01
N GLN C 120 -24.17 -35.86 -0.63
CA GLN C 120 -24.64 -37.23 -0.61
C GLN C 120 -23.66 -38.17 -1.29
N ASP C 121 -23.09 -37.75 -2.42
CA ASP C 121 -22.10 -38.57 -3.11
C ASP C 121 -20.88 -38.81 -2.23
N LEU C 122 -20.41 -37.76 -1.55
CA LEU C 122 -19.26 -37.92 -0.66
C LEU C 122 -19.58 -38.90 0.47
N SER C 123 -20.79 -38.81 1.02
CA SER C 123 -21.17 -39.66 2.15
C SER C 123 -21.16 -41.14 1.78
N LYS C 124 -21.27 -41.47 0.50
CA LYS C 124 -21.29 -42.85 0.06
C LYS C 124 -19.89 -43.42 -0.19
N GLN C 125 -18.84 -42.65 0.07
CA GLN C 125 -17.47 -43.07 -0.14
C GLN C 125 -16.91 -43.59 1.18
N VAL C 126 -17.16 -44.87 1.47
CA VAL C 126 -16.67 -45.47 2.70
C VAL C 126 -15.15 -45.49 2.70
N GLU C 127 -14.54 -45.90 1.58
CA GLU C 127 -13.09 -46.01 1.51
C GLU C 127 -12.42 -44.64 1.56
N MET C 128 -13.05 -43.63 0.96
CA MET C 128 -12.44 -42.31 0.87
C MET C 128 -12.30 -41.67 2.25
N SER C 129 -11.32 -40.80 2.38
CA SER C 129 -11.06 -40.04 3.61
C SER C 129 -11.46 -38.59 3.40
N TYR C 130 -12.28 -38.07 4.31
CA TYR C 130 -12.69 -36.68 4.26
C TYR C 130 -13.07 -36.24 5.68
N GLY C 131 -12.97 -34.95 5.94
CA GLY C 131 -13.28 -34.45 7.25
C GLY C 131 -13.22 -32.94 7.31
N THR C 132 -13.14 -32.42 8.53
CA THR C 132 -13.12 -30.98 8.78
C THR C 132 -12.11 -30.73 9.89
N VAL C 133 -12.17 -29.53 10.47
CA VAL C 133 -11.28 -29.17 11.57
C VAL C 133 -11.86 -29.71 12.87
N ARG C 134 -11.02 -30.38 13.66
CA ARG C 134 -11.47 -30.91 14.94
C ARG C 134 -11.87 -29.79 15.88
N ASP C 135 -12.88 -30.07 16.72
CA ASP C 135 -13.34 -29.11 17.72
C ASP C 135 -13.71 -27.78 17.09
N SER C 136 -14.37 -27.84 15.94
CA SER C 136 -14.82 -26.66 15.22
C SER C 136 -16.35 -26.64 15.15
N ALA C 137 -16.89 -25.46 14.89
CA ALA C 137 -18.35 -25.35 14.73
C ALA C 137 -18.83 -26.25 13.61
N VAL C 138 -18.04 -26.38 12.55
CA VAL C 138 -18.39 -27.30 11.46
C VAL C 138 -18.43 -28.73 11.98
N TYR C 139 -17.45 -29.10 12.82
CA TYR C 139 -17.42 -30.45 13.36
C TYR C 139 -18.66 -30.71 14.21
N GLU C 140 -19.04 -29.76 15.05
CA GLU C 140 -20.23 -29.92 15.88
C GLU C 140 -21.51 -29.86 15.05
N TYR C 141 -21.49 -29.12 13.94
CA TYR C 141 -22.65 -29.08 13.06
C TYR C 141 -22.96 -30.46 12.51
N PHE C 142 -21.93 -31.17 12.03
CA PHE C 142 -22.14 -32.52 11.51
C PHE C 142 -22.43 -33.53 12.63
N ARG C 143 -21.99 -33.25 13.85
CA ARG C 143 -22.40 -34.09 14.97
C ARG C 143 -23.91 -34.00 15.19
N ALA C 144 -24.45 -32.78 15.17
CA ALA C 144 -25.88 -32.60 15.42
C ALA C 144 -26.71 -33.21 14.30
N LYS C 145 -26.39 -32.87 13.04
CA LYS C 145 -27.15 -33.41 11.92
CA LYS C 145 -27.15 -33.41 11.92
C LYS C 145 -27.03 -34.92 11.84
N GLY C 146 -25.82 -35.45 12.06
CA GLY C 146 -25.60 -36.88 11.96
C GLY C 146 -26.14 -37.70 13.11
N THR C 147 -26.57 -37.08 14.20
CA THR C 147 -27.11 -37.79 15.35
C THR C 147 -28.55 -37.43 15.66
N ASN C 148 -29.15 -36.52 14.91
CA ASN C 148 -30.54 -36.12 15.17
C ASN C 148 -31.47 -37.28 14.83
N PRO C 149 -32.27 -37.78 15.76
CA PRO C 149 -33.20 -38.87 15.43
C PRO C 149 -34.20 -38.51 14.35
N LEU C 150 -34.60 -37.25 14.27
CA LEU C 150 -35.62 -36.82 13.31
C LEU C 150 -35.05 -36.50 11.94
N GLU C 151 -33.73 -36.51 11.77
CA GLU C 151 -33.13 -36.21 10.48
C GLU C 151 -33.58 -37.22 9.44
N GLN C 152 -34.26 -36.74 8.40
CA GLN C 152 -34.79 -37.63 7.37
C GLN C 152 -33.70 -38.14 6.43
N ASP C 153 -32.63 -37.37 6.23
CA ASP C 153 -31.60 -37.72 5.26
C ASP C 153 -30.49 -38.50 5.96
N SER C 154 -30.22 -39.71 5.45
CA SER C 154 -29.15 -40.53 6.00
C SER C 154 -27.76 -40.00 5.63
N THR C 155 -27.69 -39.01 4.73
CA THR C 155 -26.38 -38.49 4.32
C THR C 155 -25.59 -37.98 5.52
N PHE C 156 -26.22 -37.19 6.38
CA PHE C 156 -25.50 -36.61 7.51
C PHE C 156 -25.00 -37.70 8.46
N ALA C 157 -25.81 -38.72 8.72
CA ALA C 157 -25.36 -39.82 9.57
C ALA C 157 -24.14 -40.50 8.96
N GLU C 158 -24.17 -40.74 7.64
CA GLU C 158 -23.02 -41.35 6.99
C GLU C 158 -21.80 -40.44 7.03
N LEU C 159 -21.99 -39.14 6.78
CA LEU C 159 -20.87 -38.20 6.84
C LEU C 159 -20.28 -38.15 8.24
N TRP C 160 -21.13 -38.09 9.27
CA TRP C 160 -20.63 -37.99 10.63
C TRP C 160 -19.79 -39.19 11.02
N ARG C 161 -20.10 -40.36 10.46
CA ARG C 161 -19.34 -41.57 10.78
C ARG C 161 -17.87 -41.43 10.36
N THR C 162 -17.64 -40.96 9.13
CA THR C 162 -16.28 -40.79 8.64
C THR C 162 -15.59 -39.62 9.34
N ILE C 163 -16.34 -38.55 9.62
CA ILE C 163 -15.76 -37.37 10.25
C ILE C 163 -15.28 -37.70 11.66
N SER C 164 -16.03 -38.53 12.39
CA SER C 164 -15.81 -38.74 13.81
C SER C 164 -15.04 -40.02 14.12
N LYS C 165 -14.45 -40.67 13.12
CA LYS C 165 -13.71 -41.89 13.37
C LYS C 165 -12.59 -41.64 14.39
N ASN C 166 -12.53 -42.50 15.41
CA ASN C 166 -11.54 -42.39 16.47
C ASN C 166 -11.50 -40.98 17.05
N GLY C 167 -12.69 -40.45 17.35
CA GLY C 167 -12.77 -39.12 17.90
C GLY C 167 -12.31 -38.02 16.96
N GLY C 168 -12.36 -38.28 15.65
CA GLY C 168 -11.93 -37.30 14.67
C GLY C 168 -10.44 -37.29 14.40
N ALA C 169 -9.66 -38.12 15.08
CA ALA C 169 -8.22 -38.11 14.85
C ALA C 169 -7.87 -38.53 13.43
N ASP C 170 -8.58 -39.53 12.91
CA ASP C 170 -8.18 -40.12 11.62
C ASP C 170 -8.42 -39.17 10.46
N ASN C 171 -9.62 -38.60 10.38
CA ASN C 171 -10.06 -37.93 9.15
C ASN C 171 -10.19 -36.42 9.26
N CYS C 172 -10.01 -35.84 10.44
CA CYS C 172 -10.08 -34.39 10.60
C CYS C 172 -8.67 -33.81 10.72
N VAL C 173 -8.59 -32.50 10.50
CA VAL C 173 -7.32 -31.79 10.53
C VAL C 173 -7.33 -30.82 11.71
N SER C 174 -6.14 -30.30 12.03
CA SER C 174 -5.98 -29.40 13.17
C SER C 174 -6.23 -27.94 12.83
N SER C 175 -6.18 -27.57 11.55
CA SER C 175 -6.38 -26.18 11.16
C SER C 175 -6.90 -26.15 9.72
N PRO C 176 -7.55 -25.06 9.31
CA PRO C 176 -7.99 -24.96 7.92
C PRO C 176 -6.85 -25.05 6.92
N SER C 177 -5.68 -24.52 7.26
CA SER C 177 -4.54 -24.60 6.34
C SER C 177 -4.15 -26.05 6.08
N GLU C 178 -4.14 -26.87 7.13
CA GLU C 178 -3.82 -28.28 6.95
C GLU C 178 -4.86 -28.97 6.07
N GLY C 179 -6.14 -28.64 6.26
CA GLY C 179 -7.18 -29.25 5.44
C GLY C 179 -7.05 -28.88 3.97
N ILE C 180 -6.73 -27.61 3.70
CA ILE C 180 -6.58 -27.17 2.31
C ILE C 180 -5.36 -27.82 1.68
N ARG C 181 -4.27 -27.96 2.45
CA ARG C 181 -3.09 -28.64 1.92
C ARG C 181 -3.39 -30.09 1.57
N LYS C 182 -4.07 -30.82 2.47
CA LYS C 182 -4.37 -32.22 2.20
C LYS C 182 -5.28 -32.35 0.98
N ALA C 183 -6.30 -31.50 0.87
CA ALA C 183 -7.20 -31.57 -0.28
C ALA C 183 -6.46 -31.28 -1.57
N LYS C 184 -5.56 -30.30 -1.55
CA LYS C 184 -4.79 -29.97 -2.75
C LYS C 184 -3.84 -31.11 -3.15
N LYS C 185 -3.52 -32.02 -2.24
CA LYS C 185 -2.72 -33.18 -2.58
C LYS C 185 -3.52 -34.25 -3.31
N GLY C 186 -4.84 -34.09 -3.42
CA GLY C 186 -5.65 -34.90 -4.31
C GLY C 186 -6.21 -36.18 -3.72
N ASN C 187 -5.97 -36.48 -2.45
CA ASN C 187 -6.46 -37.71 -1.85
C ASN C 187 -7.18 -37.40 -0.54
N TYR C 188 -7.96 -36.33 -0.53
CA TYR C 188 -8.67 -35.90 0.67
C TYR C 188 -9.67 -34.82 0.29
N ALA C 189 -10.85 -34.86 0.91
CA ALA C 189 -11.87 -33.84 0.73
C ALA C 189 -12.05 -33.09 2.04
N PHE C 190 -11.98 -31.77 1.99
CA PHE C 190 -12.01 -30.92 3.16
C PHE C 190 -13.32 -30.14 3.20
N LEU C 191 -14.01 -30.19 4.33
CA LEU C 191 -15.29 -29.54 4.52
C LEU C 191 -15.07 -28.30 5.39
N TRP C 192 -15.30 -27.12 4.81
CA TRP C 192 -15.01 -25.86 5.49
C TRP C 192 -15.77 -24.75 4.76
N ASP C 193 -15.52 -23.50 5.17
CA ASP C 193 -16.19 -22.36 4.57
C ASP C 193 -16.06 -22.39 3.05
N VAL C 194 -17.18 -22.21 2.35
CA VAL C 194 -17.15 -22.20 0.89
C VAL C 194 -16.26 -21.08 0.39
N ALA C 195 -16.41 -19.88 0.99
CA ALA C 195 -15.61 -18.75 0.55
C ALA C 195 -14.12 -19.01 0.74
N VAL C 196 -13.73 -19.59 1.88
CA VAL C 196 -12.32 -19.84 2.14
C VAL C 196 -11.77 -20.88 1.17
N VAL C 197 -12.48 -22.01 1.01
CA VAL C 197 -11.99 -23.06 0.13
C VAL C 197 -12.09 -22.64 -1.33
N GLU C 198 -13.10 -21.82 -1.68
CA GLU C 198 -13.22 -21.36 -3.06
C GLU C 198 -12.02 -20.51 -3.46
N TYR C 199 -11.55 -19.64 -2.56
CA TYR C 199 -10.34 -18.87 -2.86
C TYR C 199 -9.13 -19.79 -3.02
N ALA C 200 -9.01 -20.80 -2.16
CA ALA C 200 -7.90 -21.73 -2.27
C ALA C 200 -7.93 -22.45 -3.62
N ALA C 201 -9.12 -22.84 -4.07
CA ALA C 201 -9.25 -23.45 -5.39
C ALA C 201 -8.88 -22.46 -6.48
N LEU C 202 -9.34 -21.21 -6.37
CA LEU C 202 -9.06 -20.22 -7.40
C LEU C 202 -7.57 -19.96 -7.52
N THR C 203 -6.81 -20.11 -6.43
CA THR C 203 -5.38 -19.85 -6.42
C THR C 203 -4.56 -21.13 -6.48
N ASP C 204 -5.17 -22.27 -6.79
CA ASP C 204 -4.43 -23.52 -6.88
C ASP C 204 -3.39 -23.43 -8.00
N ASP C 205 -2.22 -24.01 -7.75
CA ASP C 205 -1.09 -23.83 -8.67
C ASP C 205 -1.41 -24.35 -10.06
N ASP C 206 -2.03 -25.53 -10.15
CA ASP C 206 -2.36 -26.13 -11.44
C ASP C 206 -3.87 -26.29 -11.62
N CYS C 207 -4.68 -25.59 -10.84
CA CYS C 207 -6.13 -25.59 -11.00
C CYS C 207 -6.67 -27.01 -10.95
N SER C 208 -6.19 -27.79 -9.98
CA SER C 208 -6.52 -29.20 -9.87
C SER C 208 -7.66 -29.49 -8.89
N VAL C 209 -8.22 -28.47 -8.24
CA VAL C 209 -9.24 -28.68 -7.21
C VAL C 209 -10.46 -27.82 -7.52
N THR C 210 -11.60 -28.27 -7.01
CA THR C 210 -12.87 -27.59 -7.15
C THR C 210 -13.56 -27.56 -5.80
N VAL C 211 -14.70 -26.87 -5.73
CA VAL C 211 -15.47 -26.71 -4.51
C VAL C 211 -16.92 -27.09 -4.78
N ILE C 212 -17.49 -27.89 -3.89
CA ILE C 212 -18.88 -28.32 -3.98
C ILE C 212 -19.70 -27.53 -2.96
N GLY C 213 -20.80 -26.96 -3.42
CA GLY C 213 -21.69 -26.22 -2.54
C GLY C 213 -22.82 -27.10 -2.05
N ASN C 214 -24.03 -26.89 -2.58
CA ASN C 214 -25.22 -27.68 -2.34
C ASN C 214 -25.85 -27.38 -0.98
N SER C 215 -25.22 -26.56 -0.13
CA SER C 215 -25.77 -26.20 1.16
C SER C 215 -26.28 -24.77 1.09
N ILE C 216 -27.57 -24.59 1.33
CA ILE C 216 -28.12 -23.25 1.39
C ILE C 216 -27.46 -22.49 2.55
N SER C 217 -27.30 -21.19 2.37
CA SER C 217 -26.61 -20.37 3.35
C SER C 217 -27.18 -20.60 4.74
N SER C 218 -26.31 -21.03 5.67
CA SER C 218 -26.72 -21.29 7.04
C SER C 218 -26.48 -20.10 7.96
N LYS C 219 -25.44 -19.31 7.71
CA LYS C 219 -25.09 -18.17 8.54
C LYS C 219 -24.63 -17.02 7.63
N GLY C 220 -24.21 -15.93 8.25
CA GLY C 220 -23.72 -14.79 7.51
C GLY C 220 -22.48 -14.23 8.15
N TYR C 221 -21.57 -13.74 7.31
CA TYR C 221 -20.40 -13.02 7.79
C TYR C 221 -20.81 -11.60 8.18
N GLY C 222 -20.33 -11.14 9.34
CA GLY C 222 -20.69 -9.84 9.85
C GLY C 222 -19.53 -9.16 10.53
N ILE C 223 -19.74 -7.90 10.90
CA ILE C 223 -18.77 -7.10 11.62
C ILE C 223 -19.18 -7.04 13.08
N ALA C 224 -18.25 -7.41 13.97
CA ALA C 224 -18.51 -7.42 15.40
C ALA C 224 -18.11 -6.10 16.03
N LEU C 225 -18.92 -5.62 16.96
CA LEU C 225 -18.65 -4.38 17.67
C LEU C 225 -18.96 -4.58 19.14
N GLN C 226 -18.37 -3.73 19.98
CA GLN C 226 -18.61 -3.80 21.42
C GLN C 226 -20.10 -3.76 21.71
N HIS C 227 -20.49 -4.35 22.84
CA HIS C 227 -21.90 -4.39 23.20
C HIS C 227 -22.45 -2.97 23.34
N GLY C 228 -23.58 -2.72 22.70
CA GLY C 228 -24.20 -1.42 22.74
C GLY C 228 -23.51 -0.36 21.90
N SER C 229 -22.60 -0.75 21.01
CA SER C 229 -21.91 0.22 20.19
C SER C 229 -22.90 0.91 19.26
N PRO C 230 -22.90 2.25 19.19
CA PRO C 230 -23.80 2.93 18.24
C PRO C 230 -23.42 2.72 16.78
N TYR C 231 -22.24 2.17 16.51
CA TYR C 231 -21.81 1.96 15.14
C TYR C 231 -22.53 0.81 14.45
N ARG C 232 -23.16 -0.09 15.22
CA ARG C 232 -23.74 -1.29 14.61
C ARG C 232 -24.83 -0.93 13.61
N ASP C 233 -25.78 -0.07 14.02
CA ASP C 233 -26.84 0.33 13.10
C ASP C 233 -26.29 1.07 11.90
N LEU C 234 -25.31 1.96 12.13
CA LEU C 234 -24.70 2.68 11.02
C LEU C 234 -24.04 1.73 10.03
N PHE C 235 -23.30 0.75 10.54
CA PHE C 235 -22.64 -0.21 9.66
C PHE C 235 -23.66 -1.02 8.87
N SER C 236 -24.74 -1.47 9.54
CA SER C 236 -25.76 -2.24 8.84
C SER C 236 -26.42 -1.42 7.74
N GLN C 237 -26.74 -0.16 8.03
CA GLN C 237 -27.37 0.69 7.01
C GLN C 237 -26.46 0.85 5.80
N ARG C 238 -25.18 1.12 6.05
CA ARG C 238 -24.24 1.29 4.94
C ARG C 238 -24.00 -0.03 4.22
N ILE C 239 -23.97 -1.14 4.96
CA ILE C 239 -23.81 -2.45 4.32
C ILE C 239 -24.97 -2.74 3.39
N LEU C 240 -26.20 -2.43 3.83
CA LEU C 240 -27.36 -2.68 2.98
C LEU C 240 -27.28 -1.85 1.70
N GLU C 241 -26.85 -0.60 1.80
CA GLU C 241 -26.72 0.24 0.61
C GLU C 241 -25.67 -0.32 -0.34
N LEU C 242 -24.56 -0.82 0.21
CA LEU C 242 -23.53 -1.41 -0.65
C LEU C 242 -24.07 -2.61 -1.43
N GLN C 243 -24.84 -3.46 -0.77
CA GLN C 243 -25.45 -4.60 -1.47
C GLN C 243 -26.46 -4.12 -2.51
N ASP C 244 -27.27 -3.11 -2.16
CA ASP C 244 -28.33 -2.67 -3.05
C ASP C 244 -27.78 -2.12 -4.36
N THR C 245 -26.69 -1.35 -4.29
CA THR C 245 -26.12 -0.75 -5.49
C THR C 245 -25.28 -1.72 -6.31
N GLY C 246 -25.04 -2.93 -5.80
CA GLY C 246 -24.19 -3.88 -6.49
C GLY C 246 -22.71 -3.70 -6.25
N ASP C 247 -22.31 -2.71 -5.45
CA ASP C 247 -20.89 -2.48 -5.20
C ASP C 247 -20.26 -3.66 -4.45
N LEU C 248 -21.01 -4.26 -3.52
CA LEU C 248 -20.48 -5.41 -2.79
C LEU C 248 -20.11 -6.54 -3.74
N ASP C 249 -20.95 -6.79 -4.75
CA ASP C 249 -20.64 -7.82 -5.72
C ASP C 249 -19.35 -7.52 -6.47
N VAL C 250 -19.12 -6.24 -6.80
CA VAL C 250 -17.86 -5.86 -7.44
C VAL C 250 -16.69 -6.17 -6.51
N LEU C 251 -16.82 -5.84 -5.23
CA LEU C 251 -15.76 -6.13 -4.27
C LEU C 251 -15.54 -7.64 -4.14
N LYS C 252 -16.62 -8.41 -4.12
CA LYS C 252 -16.47 -9.86 -4.05
C LYS C 252 -15.73 -10.39 -5.27
N GLN C 253 -16.08 -9.91 -6.46
CA GLN C 253 -15.40 -10.34 -7.67
C GLN C 253 -13.93 -9.91 -7.69
N LYS C 254 -13.59 -8.90 -6.91
CA LYS C 254 -12.20 -8.47 -6.81
C LYS C 254 -11.33 -9.59 -6.23
N TRP C 255 -11.86 -10.32 -5.25
CA TRP C 255 -11.13 -11.40 -4.60
C TRP C 255 -11.63 -12.79 -4.96
N TRP C 256 -12.85 -12.90 -5.49
CA TRP C 256 -13.39 -14.15 -6.02
C TRP C 256 -13.82 -13.90 -7.47
N PRO C 257 -12.85 -13.81 -8.38
CA PRO C 257 -13.20 -13.45 -9.77
C PRO C 257 -14.17 -14.45 -10.39
N HIS C 258 -15.09 -13.93 -11.19
CA HIS C 258 -16.04 -14.79 -11.89
C HIS C 258 -15.31 -15.81 -12.76
N MET C 259 -14.40 -15.33 -13.62
CA MET C 259 -13.48 -16.19 -14.34
C MET C 259 -12.10 -15.57 -14.28
N GLY C 260 -11.08 -16.41 -14.37
CA GLY C 260 -9.73 -15.95 -14.20
C GLY C 260 -8.72 -17.07 -14.10
N ARG C 261 -7.90 -17.05 -13.06
CA ARG C 261 -6.81 -18.01 -12.93
C ARG C 261 -7.29 -19.44 -13.16
N CYS C 262 -8.24 -19.90 -12.35
CA CYS C 262 -8.71 -21.27 -12.39
C CYS C 262 -10.22 -21.32 -12.57
N ASP C 263 -10.67 -22.22 -13.42
CA ASP C 263 -12.09 -22.55 -13.54
C ASP C 263 -12.38 -23.74 -12.62
N LEU C 264 -13.47 -23.63 -11.85
CA LEU C 264 -13.79 -24.62 -10.82
C LEU C 264 -14.82 -25.63 -11.30
N THR C 265 -14.79 -26.00 -12.57
CA THR C 265 -15.71 -26.97 -13.15
C THR C 265 -14.93 -28.21 -13.57
N SER C 266 -15.46 -29.38 -13.22
CA SER C 266 -14.86 -30.67 -13.57
C SER C 266 -15.84 -31.49 -14.39
N HIS C 267 -15.42 -32.69 -14.76
CA HIS C 267 -16.24 -33.57 -15.60
C HIS C 267 -15.56 -34.93 -15.77
N LEU D 2 -48.37 -8.59 28.18
CA LEU D 2 -48.01 -7.67 27.11
C LEU D 2 -48.54 -8.16 25.76
N THR D 3 -49.17 -7.26 25.01
CA THR D 3 -49.72 -7.56 23.71
C THR D 3 -49.17 -6.58 22.69
N LEU D 4 -48.65 -7.11 21.59
CA LEU D 4 -48.02 -6.31 20.54
C LEU D 4 -48.92 -6.29 19.30
N LYS D 5 -49.11 -5.10 18.73
CA LYS D 5 -49.86 -4.96 17.50
C LYS D 5 -48.98 -5.37 16.32
N VAL D 6 -49.43 -6.38 15.57
CA VAL D 6 -48.69 -6.91 14.44
C VAL D 6 -49.49 -6.64 13.17
N VAL D 7 -48.86 -5.98 12.21
CA VAL D 7 -49.46 -5.72 10.91
C VAL D 7 -48.86 -6.68 9.90
N THR D 8 -49.68 -7.14 8.96
CA THR D 8 -49.24 -8.13 7.99
C THR D 8 -50.05 -7.97 6.71
N VAL D 9 -49.64 -8.73 5.69
CA VAL D 9 -50.38 -8.82 4.44
C VAL D 9 -50.33 -10.28 3.99
N LEU D 10 -51.41 -10.74 3.37
CA LEU D 10 -51.47 -12.13 2.92
C LEU D 10 -50.43 -12.37 1.84
N GLU D 11 -49.62 -13.42 2.05
CA GLU D 11 -48.56 -13.75 1.10
C GLU D 11 -48.26 -15.25 1.27
N GLU D 12 -48.78 -16.06 0.35
CA GLU D 12 -48.57 -17.50 0.46
C GLU D 12 -47.08 -17.83 0.28
N PRO D 13 -46.52 -18.73 1.10
CA PRO D 13 -47.08 -19.39 2.29
C PRO D 13 -46.66 -18.71 3.59
N PHE D 14 -46.13 -17.48 3.50
CA PHE D 14 -45.63 -16.81 4.70
C PHE D 14 -46.77 -16.49 5.67
N VAL D 15 -47.84 -15.86 5.16
CA VAL D 15 -48.99 -15.49 5.97
C VAL D 15 -50.25 -15.88 5.21
N MET D 16 -51.09 -16.71 5.84
CA MET D 16 -52.33 -17.18 5.24
C MET D 16 -53.41 -17.21 6.31
N VAL D 17 -54.66 -17.16 5.86
CA VAL D 17 -55.81 -17.08 6.76
C VAL D 17 -56.09 -18.47 7.34
N ALA D 18 -56.22 -18.53 8.66
CA ALA D 18 -56.63 -19.76 9.34
C ALA D 18 -58.15 -19.82 9.35
N GLU D 19 -58.69 -20.94 8.88
CA GLU D 19 -60.14 -21.07 8.66
C GLU D 19 -60.83 -21.26 10.00
N ASN D 20 -61.14 -20.15 10.66
CA ASN D 20 -61.94 -20.16 11.88
C ASN D 20 -63.43 -20.21 11.52
N ILE D 21 -64.24 -20.54 12.52
CA ILE D 21 -65.68 -20.74 12.33
C ILE D 21 -66.44 -19.99 13.41
N LEU D 22 -67.68 -19.62 13.09
CA LEU D 22 -68.62 -19.03 14.06
C LEU D 22 -68.09 -17.72 14.63
N GLY D 23 -67.74 -16.80 13.73
CA GLY D 23 -67.45 -15.44 14.11
C GLY D 23 -66.27 -15.28 15.05
N GLN D 24 -65.42 -16.29 15.16
CA GLN D 24 -64.23 -16.18 16.00
C GLN D 24 -63.25 -15.20 15.36
N PRO D 25 -62.35 -14.61 16.16
CA PRO D 25 -61.37 -13.68 15.58
C PRO D 25 -60.56 -14.35 14.48
N LYS D 26 -60.34 -13.59 13.40
CA LYS D 26 -59.68 -14.13 12.23
C LYS D 26 -58.20 -14.35 12.53
N ARG D 27 -57.82 -15.60 12.76
CA ARG D 27 -56.43 -15.96 13.01
C ARG D 27 -55.75 -16.37 11.71
N TYR D 28 -54.41 -16.39 11.76
CA TYR D 28 -53.60 -16.57 10.56
C TYR D 28 -52.62 -17.72 10.78
N LYS D 29 -52.07 -18.20 9.66
CA LYS D 29 -51.11 -19.30 9.67
C LYS D 29 -50.09 -19.06 8.56
N GLY D 30 -48.96 -19.73 8.67
CA GLY D 30 -47.94 -19.66 7.64
C GLY D 30 -46.56 -19.78 8.25
N PHE D 31 -45.56 -19.71 7.37
CA PHE D 31 -44.17 -19.79 7.82
C PHE D 31 -43.83 -18.63 8.73
N SER D 32 -44.24 -17.41 8.37
CA SER D 32 -43.93 -16.25 9.19
C SER D 32 -44.72 -16.25 10.49
N ILE D 33 -45.93 -16.84 10.48
CA ILE D 33 -46.70 -16.95 11.71
C ILE D 33 -45.99 -17.84 12.72
N ASP D 34 -45.44 -18.97 12.25
CA ASP D 34 -44.69 -19.85 13.15
C ASP D 34 -43.45 -19.14 13.69
N VAL D 35 -42.76 -18.38 12.85
CA VAL D 35 -41.60 -17.63 13.33
C VAL D 35 -42.01 -16.68 14.45
N LEU D 36 -43.07 -15.92 14.23
CA LEU D 36 -43.56 -15.01 15.27
C LEU D 36 -44.00 -15.79 16.50
N ASP D 37 -44.63 -16.95 16.29
CA ASP D 37 -45.04 -17.78 17.42
C ASP D 37 -43.84 -18.19 18.25
N ALA D 38 -42.73 -18.57 17.62
CA ALA D 38 -41.54 -18.94 18.36
C ALA D 38 -40.98 -17.76 19.13
N LEU D 39 -40.98 -16.57 18.52
CA LEU D 39 -40.53 -15.38 19.23
C LEU D 39 -41.43 -15.08 20.42
N ALA D 40 -42.74 -15.20 20.23
CA ALA D 40 -43.68 -14.89 21.32
C ALA D 40 -43.47 -15.83 22.50
N LYS D 41 -43.28 -17.12 22.24
CA LYS D 41 -43.07 -18.08 23.32
C LYS D 41 -41.77 -17.79 24.05
N ALA D 42 -40.70 -17.50 23.31
CA ALA D 42 -39.39 -17.31 23.95
C ALA D 42 -39.31 -16.00 24.70
N LEU D 43 -39.81 -14.92 24.12
CA LEU D 43 -39.77 -13.61 24.73
C LEU D 43 -40.98 -13.33 25.63
N GLY D 44 -41.95 -14.24 25.66
CA GLY D 44 -43.07 -14.12 26.57
C GLY D 44 -43.97 -12.91 26.33
N PHE D 45 -44.42 -12.74 25.09
CA PHE D 45 -45.36 -11.68 24.76
C PHE D 45 -46.53 -12.26 23.96
N LYS D 46 -47.68 -11.63 24.10
CA LYS D 46 -48.84 -11.89 23.25
C LYS D 46 -48.83 -10.92 22.08
N TYR D 47 -49.68 -11.18 21.08
CA TYR D 47 -49.75 -10.31 19.93
C TYR D 47 -51.14 -10.37 19.31
N GLU D 48 -51.48 -9.30 18.59
CA GLU D 48 -52.70 -9.21 17.80
C GLU D 48 -52.31 -8.89 16.37
N ILE D 49 -52.85 -9.66 15.42
CA ILE D 49 -52.50 -9.54 14.01
C ILE D 49 -53.65 -8.88 13.27
N TYR D 50 -53.34 -7.85 12.49
CA TYR D 50 -54.30 -7.22 11.60
C TYR D 50 -53.64 -6.96 10.26
N GLN D 51 -54.44 -6.94 9.22
CA GLN D 51 -53.92 -6.75 7.86
C GLN D 51 -53.81 -5.27 7.55
N ALA D 52 -52.81 -4.93 6.74
CA ALA D 52 -52.62 -3.54 6.34
C ALA D 52 -53.87 -3.05 5.63
N PRO D 53 -54.41 -1.87 5.98
CA PRO D 53 -55.67 -1.43 5.36
C PRO D 53 -55.57 -1.30 3.83
N ASP D 54 -54.44 -0.87 3.31
CA ASP D 54 -54.23 -0.75 1.87
C ASP D 54 -53.64 -2.02 1.25
N GLY D 55 -53.29 -3.01 2.07
CA GLY D 55 -52.76 -4.25 1.55
C GLY D 55 -51.42 -4.15 0.86
N ARG D 56 -50.64 -3.13 1.18
CA ARG D 56 -49.35 -2.89 0.55
C ARG D 56 -48.21 -3.12 1.53
N TYR D 57 -47.08 -3.61 1.01
CA TYR D 57 -45.88 -3.68 1.83
C TYR D 57 -45.44 -2.29 2.26
N GLY D 58 -45.51 -1.32 1.36
CA GLY D 58 -45.20 0.07 1.70
C GLY D 58 -44.09 0.62 0.84
N HIS D 59 -44.30 1.85 0.36
CA HIS D 59 -43.31 2.58 -0.39
C HIS D 59 -43.44 4.06 -0.05
N GLN D 60 -42.35 4.80 -0.26
CA GLN D 60 -42.33 6.21 0.09
C GLN D 60 -43.17 7.02 -0.90
N LEU D 61 -44.07 7.84 -0.37
CA LEU D 61 -44.92 8.68 -1.20
C LEU D 61 -44.15 9.95 -1.58
N HIS D 62 -44.84 10.88 -2.24
CA HIS D 62 -44.20 12.09 -2.72
C HIS D 62 -43.96 13.12 -1.62
N ASN D 63 -44.73 13.05 -0.52
CA ASN D 63 -44.54 13.96 0.62
C ASN D 63 -43.71 13.31 1.72
N THR D 64 -42.85 12.36 1.38
CA THR D 64 -41.93 11.68 2.30
C THR D 64 -42.65 10.68 3.19
N SER D 65 -43.97 10.59 3.13
CA SER D 65 -44.72 9.66 3.97
C SER D 65 -44.79 8.29 3.31
N TRP D 66 -44.89 7.26 4.14
CA TRP D 66 -44.95 5.88 3.69
C TRP D 66 -46.34 5.32 3.91
N ASN D 67 -46.77 4.46 3.00
CA ASN D 67 -48.01 3.71 3.12
C ASN D 67 -47.69 2.25 3.42
N GLY D 68 -48.74 1.42 3.46
CA GLY D 68 -48.53 0.01 3.72
C GLY D 68 -48.07 -0.26 5.15
N MET D 69 -47.45 -1.43 5.32
CA MET D 69 -47.00 -1.82 6.66
C MET D 69 -45.96 -0.86 7.20
N ILE D 70 -45.05 -0.38 6.34
CA ILE D 70 -44.02 0.54 6.79
C ILE D 70 -44.63 1.80 7.37
N GLY D 71 -45.65 2.34 6.72
CA GLY D 71 -46.34 3.51 7.25
C GLY D 71 -47.01 3.22 8.58
N GLU D 72 -47.52 2.01 8.76
CA GLU D 72 -48.12 1.64 10.04
C GLU D 72 -47.08 1.67 11.16
N LEU D 73 -45.86 1.22 10.87
CA LEU D 73 -44.79 1.28 11.87
C LEU D 73 -44.37 2.72 12.13
N ILE D 74 -44.23 3.53 11.08
CA ILE D 74 -43.80 4.91 11.26
C ILE D 74 -44.84 5.68 12.06
N SER D 75 -46.12 5.49 11.75
CA SER D 75 -47.19 6.14 12.50
C SER D 75 -47.42 5.51 13.86
N LYS D 76 -46.73 4.41 14.17
CA LYS D 76 -46.83 3.70 15.44
C LYS D 76 -48.18 3.02 15.62
N ARG D 77 -48.95 2.84 14.55
CA ARG D 77 -50.17 2.06 14.63
C ARG D 77 -49.89 0.58 14.78
N ALA D 78 -48.67 0.13 14.47
CA ALA D 78 -48.26 -1.25 14.63
C ALA D 78 -46.91 -1.29 15.33
N ASP D 79 -46.76 -2.24 16.26
CA ASP D 79 -45.48 -2.39 16.95
C ASP D 79 -44.45 -3.10 16.08
N LEU D 80 -44.89 -4.04 15.25
CA LEU D 80 -43.99 -4.73 14.34
C LEU D 80 -44.78 -5.22 13.14
N ALA D 81 -44.07 -5.44 12.03
CA ALA D 81 -44.66 -5.91 10.80
C ALA D 81 -43.92 -7.15 10.33
N ILE D 82 -44.67 -8.14 9.85
CA ILE D 82 -44.07 -9.40 9.40
C ILE D 82 -44.92 -9.95 8.26
N SER D 83 -44.25 -10.59 7.30
CA SER D 83 -44.90 -11.26 6.19
C SER D 83 -43.84 -11.89 5.30
N ALA D 84 -43.48 -11.20 4.21
CA ALA D 84 -42.34 -11.56 3.36
C ALA D 84 -41.53 -10.31 3.06
N ILE D 85 -41.28 -9.52 4.10
CA ILE D 85 -40.63 -8.22 3.94
C ILE D 85 -39.14 -8.44 3.76
N THR D 86 -38.60 -8.02 2.62
CA THR D 86 -37.17 -8.07 2.38
C THR D 86 -36.51 -6.85 3.01
N ILE D 87 -35.35 -7.09 3.63
CA ILE D 87 -34.61 -6.02 4.30
C ILE D 87 -33.88 -5.22 3.24
N THR D 88 -34.28 -3.96 3.06
CA THR D 88 -33.71 -3.08 2.05
C THR D 88 -33.22 -1.80 2.71
N PRO D 89 -32.21 -1.15 2.13
CA PRO D 89 -31.71 0.10 2.75
C PRO D 89 -32.76 1.18 2.84
N GLU D 90 -33.67 1.26 1.86
CA GLU D 90 -34.71 2.30 1.91
C GLU D 90 -35.62 2.11 3.12
N ARG D 91 -36.01 0.87 3.40
CA ARG D 91 -36.89 0.62 4.53
C ARG D 91 -36.14 0.74 5.85
N GLU D 92 -34.91 0.21 5.92
CA GLU D 92 -34.16 0.24 7.17
C GLU D 92 -33.86 1.67 7.62
N SER D 93 -33.82 2.63 6.69
CA SER D 93 -33.58 4.01 7.08
C SER D 93 -34.75 4.61 7.85
N VAL D 94 -35.95 4.04 7.73
CA VAL D 94 -37.14 4.56 8.40
C VAL D 94 -37.70 3.60 9.42
N VAL D 95 -37.28 2.34 9.44
CA VAL D 95 -37.70 1.37 10.45
C VAL D 95 -36.49 0.54 10.85
N ASP D 96 -36.69 -0.37 11.80
CA ASP D 96 -35.64 -1.24 12.30
C ASP D 96 -36.00 -2.68 11.98
N PHE D 97 -35.17 -3.34 11.18
CA PHE D 97 -35.37 -4.73 10.82
C PHE D 97 -34.59 -5.63 11.75
N SER D 98 -35.20 -6.74 12.14
CA SER D 98 -34.46 -7.79 12.81
C SER D 98 -33.51 -8.47 11.83
N LYS D 99 -32.57 -9.24 12.36
CA LYS D 99 -31.73 -10.05 11.49
C LYS D 99 -32.59 -11.05 10.74
N ARG D 100 -32.25 -11.28 9.48
CA ARG D 100 -33.10 -12.08 8.61
C ARG D 100 -33.37 -13.46 9.21
N TYR D 101 -34.62 -13.90 9.11
CA TYR D 101 -34.98 -15.27 9.46
C TYR D 101 -35.13 -16.16 8.23
N MET D 102 -34.80 -15.64 7.05
CA MET D 102 -34.79 -16.43 5.82
C MET D 102 -34.14 -15.61 4.73
N ASP D 103 -33.44 -16.29 3.83
CA ASP D 103 -32.73 -15.63 2.74
C ASP D 103 -33.66 -15.38 1.56
N TYR D 104 -33.30 -14.39 0.76
CA TYR D 104 -34.04 -14.02 -0.44
C TYR D 104 -33.14 -14.13 -1.66
N SER D 105 -33.68 -14.67 -2.74
CA SER D 105 -32.96 -14.75 -4.01
C SER D 105 -33.98 -14.82 -5.13
N VAL D 106 -33.52 -14.49 -6.34
CA VAL D 106 -34.37 -14.48 -7.53
C VAL D 106 -34.11 -15.76 -8.32
N GLY D 107 -35.14 -16.56 -8.53
CA GLY D 107 -35.05 -17.79 -9.26
C GLY D 107 -35.86 -17.74 -10.56
N ILE D 108 -35.89 -18.89 -11.23
CA ILE D 108 -36.56 -19.04 -12.52
C ILE D 108 -37.64 -20.10 -12.37
N LEU D 109 -38.86 -19.75 -12.80
CA LEU D 109 -39.97 -20.70 -12.87
C LEU D 109 -40.15 -21.09 -14.33
N ILE D 110 -39.88 -22.36 -14.65
CA ILE D 110 -39.88 -22.84 -16.02
C ILE D 110 -40.48 -24.23 -16.06
N LYS D 111 -40.97 -24.60 -17.25
CA LYS D 111 -41.53 -25.94 -17.44
C LYS D 111 -40.43 -26.99 -17.35
N LYS D 112 -40.83 -28.19 -16.94
CA LYS D 112 -39.88 -29.29 -16.81
C LYS D 112 -39.46 -29.81 -18.18
N GLY D 113 -38.34 -30.53 -18.20
CA GLY D 113 -37.86 -31.19 -19.40
C GLY D 113 -36.99 -30.36 -20.31
N THR D 114 -36.84 -29.06 -20.03
CA THR D 114 -36.02 -28.22 -20.89
C THR D 114 -34.53 -28.41 -20.55
N PRO D 115 -33.63 -28.16 -21.51
CA PRO D 115 -32.20 -28.21 -21.22
C PRO D 115 -31.68 -27.02 -20.44
N ILE D 116 -32.53 -26.02 -20.18
CA ILE D 116 -32.11 -24.86 -19.41
C ILE D 116 -32.00 -25.23 -17.95
N ARG D 117 -30.84 -24.96 -17.35
CA ARG D 117 -30.62 -25.29 -15.94
C ARG D 117 -29.92 -24.18 -15.16
N THR D 118 -29.55 -23.07 -15.81
CA THR D 118 -28.90 -21.98 -15.11
C THR D 118 -29.32 -20.67 -15.77
N PHE D 119 -29.02 -19.56 -15.09
CA PHE D 119 -29.28 -18.25 -15.68
C PHE D 119 -28.48 -18.06 -16.96
N GLN D 120 -27.25 -18.56 -16.99
CA GLN D 120 -26.44 -18.46 -18.20
C GLN D 120 -27.09 -19.23 -19.35
N ASP D 121 -27.63 -20.41 -19.06
CA ASP D 121 -28.33 -21.17 -20.09
C ASP D 121 -29.54 -20.39 -20.60
N LEU D 122 -30.28 -19.75 -19.70
CA LEU D 122 -31.44 -18.97 -20.11
C LEU D 122 -31.04 -17.78 -20.97
N SER D 123 -29.92 -17.14 -20.64
CA SER D 123 -29.49 -15.97 -21.40
C SER D 123 -29.16 -16.34 -22.85
N LYS D 124 -28.79 -17.60 -23.09
CA LYS D 124 -28.48 -18.07 -24.44
C LYS D 124 -29.69 -18.70 -25.13
N GLN D 125 -30.89 -18.26 -24.80
CA GLN D 125 -32.13 -18.80 -25.36
C GLN D 125 -32.78 -17.75 -26.25
N VAL D 126 -33.01 -18.11 -27.51
CA VAL D 126 -33.84 -17.31 -28.41
C VAL D 126 -35.24 -17.90 -28.56
N GLU D 127 -35.41 -19.20 -28.30
CA GLU D 127 -36.70 -19.84 -28.50
C GLU D 127 -37.69 -19.47 -27.40
N MET D 128 -37.23 -19.44 -26.16
CA MET D 128 -38.11 -19.26 -25.01
C MET D 128 -37.95 -17.84 -24.44
N SER D 129 -39.06 -17.14 -24.33
CA SER D 129 -39.07 -15.82 -23.72
C SER D 129 -38.94 -15.92 -22.21
N TYR D 130 -38.38 -14.87 -21.60
CA TYR D 130 -38.25 -14.82 -20.15
C TYR D 130 -38.29 -13.37 -19.71
N GLY D 131 -38.68 -13.17 -18.44
CA GLY D 131 -38.80 -11.83 -17.92
C GLY D 131 -39.23 -11.86 -16.47
N THR D 132 -39.62 -10.69 -15.98
CA THR D 132 -40.06 -10.51 -14.59
C THR D 132 -41.22 -9.53 -14.58
N VAL D 133 -41.55 -9.03 -13.39
CA VAL D 133 -42.64 -8.07 -13.24
C VAL D 133 -42.12 -6.68 -13.57
N ARG D 134 -42.84 -5.97 -14.44
CA ARG D 134 -42.40 -4.64 -14.85
C ARG D 134 -42.38 -3.68 -13.67
N ASP D 135 -41.37 -2.82 -13.64
CA ASP D 135 -41.26 -1.75 -12.66
C ASP D 135 -41.39 -2.30 -11.24
N SER D 136 -40.65 -3.37 -10.96
CA SER D 136 -40.58 -3.98 -9.64
C SER D 136 -39.13 -3.95 -9.16
N ALA D 137 -38.92 -4.41 -7.92
CA ALA D 137 -37.57 -4.49 -7.38
C ALA D 137 -36.71 -5.45 -8.19
N VAL D 138 -37.29 -6.59 -8.61
CA VAL D 138 -36.55 -7.56 -9.40
C VAL D 138 -36.15 -6.94 -10.74
N TYR D 139 -37.05 -6.19 -11.36
CA TYR D 139 -36.74 -5.55 -12.63
C TYR D 139 -35.57 -4.58 -12.49
N GLU D 140 -35.57 -3.79 -11.40
CA GLU D 140 -34.45 -2.88 -11.17
C GLU D 140 -33.18 -3.63 -10.81
N TYR D 141 -33.31 -4.80 -10.17
CA TYR D 141 -32.12 -5.59 -9.86
C TYR D 141 -31.40 -6.02 -11.13
N PHE D 142 -32.16 -6.44 -12.15
CA PHE D 142 -31.55 -6.83 -13.42
C PHE D 142 -31.08 -5.62 -14.22
N ARG D 143 -31.68 -4.44 -14.01
CA ARG D 143 -31.17 -3.23 -14.63
C ARG D 143 -29.75 -2.92 -14.15
N ALA D 144 -29.56 -2.90 -12.83
CA ALA D 144 -28.25 -2.57 -12.29
C ALA D 144 -27.21 -3.60 -12.71
N LYS D 145 -27.54 -4.89 -12.59
CA LYS D 145 -26.59 -5.93 -12.96
C LYS D 145 -26.32 -5.92 -14.46
N GLY D 146 -27.33 -5.66 -15.27
CA GLY D 146 -27.20 -5.72 -16.71
C GLY D 146 -26.59 -4.50 -17.37
N THR D 147 -26.48 -3.39 -16.64
CA THR D 147 -25.88 -2.17 -17.17
C THR D 147 -24.61 -1.77 -16.43
N ASN D 148 -24.12 -2.62 -15.52
CA ASN D 148 -22.94 -2.30 -14.74
C ASN D 148 -21.70 -2.74 -15.52
N PRO D 149 -20.84 -1.82 -15.96
CA PRO D 149 -19.63 -2.25 -16.68
C PRO D 149 -18.69 -3.10 -15.85
N LEU D 150 -18.75 -2.99 -14.52
CA LEU D 150 -17.83 -3.70 -13.64
C LEU D 150 -18.25 -5.14 -13.38
N GLU D 151 -19.47 -5.53 -13.77
CA GLU D 151 -19.89 -6.91 -13.62
C GLU D 151 -19.08 -7.80 -14.57
N GLN D 152 -18.37 -8.77 -14.01
CA GLN D 152 -17.52 -9.64 -14.81
C GLN D 152 -18.31 -10.68 -15.59
N ASP D 153 -19.51 -11.03 -15.14
CA ASP D 153 -20.32 -12.05 -15.80
C ASP D 153 -21.19 -11.38 -16.87
N SER D 154 -20.95 -11.76 -18.12
CA SER D 154 -21.72 -11.20 -19.22
C SER D 154 -23.16 -11.69 -19.23
N THR D 155 -23.51 -12.66 -18.39
CA THR D 155 -24.87 -13.19 -18.38
C THR D 155 -25.88 -12.11 -18.03
N PHE D 156 -25.55 -11.26 -17.05
CA PHE D 156 -26.51 -10.25 -16.61
C PHE D 156 -26.84 -9.26 -17.73
N ALA D 157 -25.83 -8.85 -18.50
CA ALA D 157 -26.09 -7.97 -19.64
C ALA D 157 -26.98 -8.66 -20.67
N GLU D 158 -26.71 -9.94 -20.95
CA GLU D 158 -27.54 -10.67 -21.91
C GLU D 158 -28.97 -10.78 -21.41
N LEU D 159 -29.16 -11.08 -20.13
CA LEU D 159 -30.51 -11.18 -19.57
C LEU D 159 -31.22 -9.83 -19.64
N TRP D 160 -30.51 -8.75 -19.35
CA TRP D 160 -31.15 -7.43 -19.29
C TRP D 160 -31.70 -7.03 -20.66
N ARG D 161 -30.98 -7.33 -21.73
CA ARG D 161 -31.45 -6.96 -23.07
C ARG D 161 -32.79 -7.62 -23.38
N THR D 162 -32.94 -8.91 -23.05
CA THR D 162 -34.21 -9.59 -23.26
C THR D 162 -35.27 -9.09 -22.29
N ILE D 163 -34.90 -8.88 -21.03
CA ILE D 163 -35.86 -8.44 -20.02
C ILE D 163 -36.36 -7.04 -20.35
N SER D 164 -35.46 -6.14 -20.76
CA SER D 164 -35.78 -4.74 -20.97
C SER D 164 -36.18 -4.43 -22.41
N LYS D 165 -36.34 -5.44 -23.26
CA LYS D 165 -36.68 -5.20 -24.66
C LYS D 165 -37.96 -4.39 -24.76
N ASN D 166 -37.93 -3.36 -25.61
CA ASN D 166 -39.08 -2.47 -25.81
C ASN D 166 -39.55 -1.88 -24.48
N GLY D 167 -38.59 -1.48 -23.64
CA GLY D 167 -38.92 -0.89 -22.37
C GLY D 167 -39.57 -1.82 -21.38
N GLY D 168 -39.43 -3.13 -21.59
CA GLY D 168 -40.00 -4.13 -20.71
C GLY D 168 -41.39 -4.59 -21.07
N ALA D 169 -42.08 -3.92 -21.99
CA ALA D 169 -43.42 -4.33 -22.37
C ALA D 169 -43.41 -5.65 -23.11
N ASP D 170 -42.32 -5.96 -23.82
CA ASP D 170 -42.30 -7.12 -24.71
C ASP D 170 -42.25 -8.43 -23.93
N ASN D 171 -41.39 -8.51 -22.92
CA ASN D 171 -41.06 -9.79 -22.29
C ASN D 171 -41.39 -9.85 -20.80
N CYS D 172 -41.91 -8.79 -20.21
CA CYS D 172 -42.25 -8.78 -18.79
C CYS D 172 -43.77 -8.82 -18.63
N VAL D 173 -44.19 -9.11 -17.39
CA VAL D 173 -45.61 -9.23 -17.06
C VAL D 173 -45.97 -8.09 -16.11
N SER D 174 -47.26 -8.00 -15.76
CA SER D 174 -47.75 -6.92 -14.91
C SER D 174 -47.83 -7.30 -13.44
N SER D 175 -47.90 -8.59 -13.11
CA SER D 175 -48.05 -9.02 -11.73
C SER D 175 -47.43 -10.40 -11.59
N PRO D 176 -47.11 -10.82 -10.36
CA PRO D 176 -46.57 -12.18 -10.18
C PRO D 176 -47.51 -13.27 -10.66
N SER D 177 -48.82 -13.08 -10.50
CA SER D 177 -49.77 -14.09 -10.94
C SER D 177 -49.72 -14.28 -12.44
N GLU D 178 -49.60 -13.19 -13.20
CA GLU D 178 -49.51 -13.29 -14.65
C GLU D 178 -48.26 -14.06 -15.06
N GLY D 179 -47.12 -13.77 -14.41
CA GLY D 179 -45.90 -14.49 -14.75
C GLY D 179 -46.01 -15.98 -14.50
N ILE D 180 -46.61 -16.36 -13.37
CA ILE D 180 -46.82 -17.77 -13.08
C ILE D 180 -47.76 -18.39 -14.11
N ARG D 181 -48.83 -17.67 -14.47
CA ARG D 181 -49.78 -18.18 -15.46
C ARG D 181 -49.07 -18.49 -16.77
N LYS D 182 -48.27 -17.54 -17.27
CA LYS D 182 -47.59 -17.76 -18.54
C LYS D 182 -46.53 -18.85 -18.41
N ALA D 183 -45.84 -18.90 -17.27
CA ALA D 183 -44.79 -19.91 -17.09
C ALA D 183 -45.37 -21.31 -17.15
N LYS D 184 -46.52 -21.53 -16.54
CA LYS D 184 -47.11 -22.87 -16.51
C LYS D 184 -47.54 -23.33 -17.89
N LYS D 185 -47.86 -22.40 -18.79
CA LYS D 185 -48.23 -22.78 -20.15
C LYS D 185 -47.05 -23.29 -20.95
N GLY D 186 -45.82 -23.01 -20.51
CA GLY D 186 -44.63 -23.65 -21.04
C GLY D 186 -43.84 -22.84 -22.04
N ASN D 187 -44.35 -21.68 -22.48
CA ASN D 187 -43.65 -20.86 -23.46
C ASN D 187 -43.07 -19.59 -22.84
N TYR D 188 -42.80 -19.60 -21.54
CA TYR D 188 -42.32 -18.42 -20.85
C TYR D 188 -41.63 -18.85 -19.56
N ALA D 189 -40.55 -18.15 -19.22
CA ALA D 189 -39.82 -18.39 -17.98
C ALA D 189 -39.90 -17.13 -17.12
N PHE D 190 -40.43 -17.27 -15.92
CA PHE D 190 -40.71 -16.14 -15.03
C PHE D 190 -39.63 -16.06 -13.97
N LEU D 191 -38.98 -14.90 -13.86
CA LEU D 191 -37.94 -14.67 -12.88
C LEU D 191 -38.52 -13.85 -11.74
N TRP D 192 -38.53 -14.43 -10.53
CA TRP D 192 -39.16 -13.81 -9.38
C TRP D 192 -38.64 -14.49 -8.12
N ASP D 193 -39.13 -14.03 -6.96
CA ASP D 193 -38.77 -14.60 -5.68
C ASP D 193 -38.77 -16.12 -5.73
N VAL D 194 -37.64 -16.73 -5.38
CA VAL D 194 -37.53 -18.19 -5.44
C VAL D 194 -38.54 -18.83 -4.50
N ALA D 195 -38.76 -18.22 -3.33
CA ALA D 195 -39.73 -18.77 -2.39
C ALA D 195 -41.13 -18.77 -2.98
N VAL D 196 -41.51 -17.68 -3.66
CA VAL D 196 -42.84 -17.59 -4.23
C VAL D 196 -43.02 -18.60 -5.36
N VAL D 197 -42.06 -18.64 -6.29
CA VAL D 197 -42.18 -19.55 -7.43
C VAL D 197 -42.04 -21.00 -6.98
N GLU D 198 -41.16 -21.26 -6.00
CA GLU D 198 -40.99 -22.63 -5.54
C GLU D 198 -42.26 -23.17 -4.92
N TYR D 199 -42.95 -22.37 -4.11
CA TYR D 199 -44.24 -22.79 -3.58
C TYR D 199 -45.25 -22.98 -4.70
N ALA D 200 -45.22 -22.10 -5.69
CA ALA D 200 -46.12 -22.26 -6.84
C ALA D 200 -45.86 -23.57 -7.56
N ALA D 201 -44.58 -23.92 -7.76
CA ALA D 201 -44.24 -25.18 -8.42
C ALA D 201 -44.68 -26.37 -7.58
N LEU D 202 -44.52 -26.28 -6.25
CA LEU D 202 -44.92 -27.38 -5.38
C LEU D 202 -46.43 -27.60 -5.41
N THR D 203 -47.20 -26.52 -5.46
CA THR D 203 -48.65 -26.60 -5.40
C THR D 203 -49.30 -26.65 -6.78
N ASP D 204 -48.52 -26.70 -7.86
CA ASP D 204 -49.10 -26.78 -9.19
C ASP D 204 -49.92 -28.06 -9.31
N ASP D 205 -51.14 -27.93 -9.86
CA ASP D 205 -52.00 -29.09 -10.00
C ASP D 205 -51.39 -30.14 -10.93
N ASP D 206 -50.82 -29.70 -12.05
CA ASP D 206 -50.27 -30.61 -13.04
C ASP D 206 -48.82 -30.99 -12.76
N CYS D 207 -48.16 -30.33 -11.79
CA CYS D 207 -46.75 -30.58 -11.52
C CYS D 207 -45.92 -30.43 -12.79
N SER D 208 -46.25 -29.41 -13.59
CA SER D 208 -45.66 -29.22 -14.90
C SER D 208 -44.51 -28.24 -14.92
N VAL D 209 -44.14 -27.65 -13.77
CA VAL D 209 -43.11 -26.62 -13.73
C VAL D 209 -42.07 -26.99 -12.68
N THR D 210 -40.86 -26.45 -12.87
CA THR D 210 -39.77 -26.60 -11.93
C THR D 210 -39.19 -25.23 -11.63
N VAL D 211 -38.29 -25.17 -10.65
CA VAL D 211 -37.68 -23.92 -10.21
C VAL D 211 -36.16 -24.08 -10.29
N ILE D 212 -35.49 -23.07 -10.85
CA ILE D 212 -34.04 -23.01 -10.90
C ILE D 212 -33.55 -22.07 -9.81
N GLY D 213 -32.66 -22.58 -8.96
CA GLY D 213 -32.08 -21.76 -7.92
C GLY D 213 -30.74 -21.20 -8.34
N ASN D 214 -29.65 -21.75 -7.80
CA ASN D 214 -28.29 -21.40 -8.17
C ASN D 214 -27.93 -19.96 -7.80
N SER D 215 -28.80 -19.27 -7.06
CA SER D 215 -28.60 -17.87 -6.73
C SER D 215 -28.27 -17.74 -5.25
N ILE D 216 -27.12 -17.12 -4.97
CA ILE D 216 -26.80 -16.75 -3.59
C ILE D 216 -27.71 -15.61 -3.17
N SER D 217 -28.02 -15.55 -1.87
CA SER D 217 -29.01 -14.59 -1.39
C SER D 217 -28.57 -13.16 -1.72
N SER D 218 -29.51 -12.38 -2.26
CA SER D 218 -29.30 -10.97 -2.51
C SER D 218 -29.93 -10.07 -1.45
N LYS D 219 -30.89 -10.59 -0.68
CA LYS D 219 -31.51 -9.85 0.40
C LYS D 219 -31.90 -10.86 1.48
N GLY D 220 -32.63 -10.38 2.48
CA GLY D 220 -33.10 -11.25 3.54
C GLY D 220 -34.49 -10.88 4.04
N TYR D 221 -35.31 -11.89 4.32
CA TYR D 221 -36.62 -11.66 4.91
C TYR D 221 -36.44 -11.38 6.40
N GLY D 222 -37.08 -10.31 6.88
CA GLY D 222 -36.94 -9.93 8.27
C GLY D 222 -38.23 -9.34 8.83
N ILE D 223 -38.23 -9.17 10.14
CA ILE D 223 -39.34 -8.53 10.86
C ILE D 223 -39.02 -7.06 11.04
N ALA D 224 -39.97 -6.19 10.70
CA ALA D 224 -39.80 -4.76 10.81
C ALA D 224 -40.43 -4.27 12.10
N LEU D 225 -39.72 -3.37 12.79
CA LEU D 225 -40.19 -2.76 14.03
C LEU D 225 -40.03 -1.25 13.94
N GLN D 226 -40.62 -0.55 14.90
CA GLN D 226 -40.52 0.90 14.93
C GLN D 226 -39.07 1.33 15.12
N HIS D 227 -38.73 2.50 14.59
CA HIS D 227 -37.40 3.04 14.78
C HIS D 227 -37.08 3.16 16.26
N GLY D 228 -35.91 2.67 16.66
CA GLY D 228 -35.53 2.67 18.05
C GLY D 228 -36.24 1.64 18.91
N SER D 229 -36.95 0.70 18.30
CA SER D 229 -37.68 -0.29 19.07
C SER D 229 -36.72 -1.17 19.86
N PRO D 230 -36.88 -1.29 21.19
CA PRO D 230 -35.99 -2.18 21.94
C PRO D 230 -36.15 -3.64 21.58
N TYR D 231 -37.26 -4.03 20.97
CA TYR D 231 -37.52 -5.42 20.65
C TYR D 231 -36.71 -5.94 19.46
N ARG D 232 -36.07 -5.05 18.69
CA ARG D 232 -35.34 -5.50 17.51
C ARG D 232 -34.18 -6.39 17.89
N ASP D 233 -33.37 -5.97 18.87
CA ASP D 233 -32.22 -6.78 19.27
C ASP D 233 -32.66 -8.12 19.85
N LEU D 234 -33.73 -8.11 20.65
CA LEU D 234 -34.23 -9.36 21.23
C LEU D 234 -34.69 -10.32 20.14
N PHE D 235 -35.41 -9.82 19.14
CA PHE D 235 -35.85 -10.68 18.05
C PHE D 235 -34.65 -11.29 17.32
N SER D 236 -33.63 -10.48 17.04
CA SER D 236 -32.47 -10.99 16.30
C SER D 236 -31.76 -12.09 17.09
N GLN D 237 -31.63 -11.90 18.41
CA GLN D 237 -30.96 -12.91 19.23
C GLN D 237 -31.71 -14.24 19.15
N ARG D 238 -33.04 -14.20 19.32
CA ARG D 238 -33.83 -15.43 19.26
CA ARG D 238 -33.81 -15.44 19.27
C ARG D 238 -33.81 -16.02 17.86
N ILE D 239 -33.88 -15.17 16.84
CA ILE D 239 -33.89 -15.66 15.46
C ILE D 239 -32.61 -16.43 15.17
N LEU D 240 -31.46 -15.91 15.62
CA LEU D 240 -30.21 -16.63 15.44
C LEU D 240 -30.25 -17.97 16.15
N GLU D 241 -30.81 -18.00 17.37
CA GLU D 241 -30.92 -19.27 18.09
C GLU D 241 -31.82 -20.25 17.34
N LEU D 242 -32.92 -19.77 16.78
CA LEU D 242 -33.80 -20.64 16.01
C LEU D 242 -33.08 -21.18 14.77
N GLN D 243 -32.30 -20.33 14.10
CA GLN D 243 -31.50 -20.81 12.98
C GLN D 243 -30.47 -21.82 13.44
N ASP D 244 -29.79 -21.55 14.56
CA ASP D 244 -28.70 -22.41 15.02
C ASP D 244 -29.21 -23.80 15.37
N THR D 245 -30.36 -23.88 16.03
CA THR D 245 -30.90 -25.18 16.46
C THR D 245 -31.56 -25.96 15.33
N GLY D 246 -31.70 -25.36 14.15
CA GLY D 246 -32.38 -26.01 13.05
C GLY D 246 -33.89 -25.89 13.06
N ASP D 247 -34.46 -25.16 14.02
CA ASP D 247 -35.91 -25.03 14.08
C ASP D 247 -36.46 -24.33 12.84
N LEU D 248 -35.78 -23.28 12.38
CA LEU D 248 -36.25 -22.57 11.19
C LEU D 248 -36.20 -23.47 9.96
N ASP D 249 -35.17 -24.32 9.85
CA ASP D 249 -35.13 -25.27 8.75
C ASP D 249 -36.35 -26.18 8.77
N VAL D 250 -36.74 -26.65 9.96
CA VAL D 250 -37.94 -27.49 10.05
C VAL D 250 -39.17 -26.73 9.57
N LEU D 251 -39.28 -25.45 9.97
CA LEU D 251 -40.41 -24.65 9.51
C LEU D 251 -40.38 -24.44 8.00
N LYS D 252 -39.18 -24.23 7.43
CA LYS D 252 -39.09 -24.06 5.98
C LYS D 252 -39.54 -25.31 5.25
N GLN D 253 -39.13 -26.50 5.72
CA GLN D 253 -39.59 -27.73 5.10
C GLN D 253 -41.10 -27.93 5.29
N LYS D 254 -41.65 -27.38 6.37
CA LYS D 254 -43.09 -27.55 6.62
C LYS D 254 -43.93 -26.89 5.54
N TRP D 255 -43.56 -25.68 5.13
CA TRP D 255 -44.34 -24.90 4.18
C TRP D 255 -43.81 -24.97 2.75
N TRP D 256 -42.62 -25.53 2.56
CA TRP D 256 -42.09 -25.81 1.22
C TRP D 256 -41.65 -27.27 1.17
N PRO D 257 -42.58 -28.21 1.31
CA PRO D 257 -42.20 -29.63 1.36
C PRO D 257 -41.93 -30.18 -0.04
N HIS D 258 -40.77 -30.82 -0.20
CA HIS D 258 -40.47 -31.51 -1.44
C HIS D 258 -41.31 -32.77 -1.59
N MET D 259 -41.47 -33.52 -0.50
CA MET D 259 -42.30 -34.72 -0.50
C MET D 259 -43.72 -34.36 -0.07
N GLY D 260 -44.69 -35.13 -0.55
CA GLY D 260 -46.08 -34.89 -0.29
C GLY D 260 -46.75 -33.95 -1.27
N ARG D 261 -45.99 -33.35 -2.18
CA ARG D 261 -46.53 -32.47 -3.21
C ARG D 261 -45.74 -32.74 -4.49
N CYS D 262 -45.85 -31.84 -5.46
CA CYS D 262 -45.17 -32.03 -6.73
C CYS D 262 -43.67 -32.21 -6.52
N ASP D 263 -43.10 -33.16 -7.26
CA ASP D 263 -41.65 -33.35 -7.29
C ASP D 263 -41.07 -32.44 -8.37
N LEU D 264 -40.24 -31.50 -7.96
CA LEU D 264 -39.70 -30.49 -8.88
C LEU D 264 -38.53 -31.00 -9.71
N THR D 265 -38.32 -32.31 -9.77
CA THR D 265 -37.25 -32.90 -10.58
C THR D 265 -37.71 -34.17 -11.28
N SER D 266 -38.98 -34.23 -11.68
CA SER D 266 -39.54 -35.46 -12.24
C SER D 266 -38.79 -35.87 -13.50
N HIS D 267 -38.52 -34.93 -14.40
CA HIS D 267 -37.80 -35.23 -15.63
C HIS D 267 -36.32 -35.48 -15.33
N LEU E 2 11.18 6.79 42.19
CA LEU E 2 11.61 7.71 41.16
C LEU E 2 11.42 7.11 39.77
N THR E 3 10.71 7.84 38.91
CA THR E 3 10.43 7.41 37.55
C THR E 3 11.04 8.40 36.56
N LEU E 4 11.62 7.88 35.49
CA LEU E 4 12.27 8.69 34.46
C LEU E 4 11.58 8.45 33.13
N LYS E 5 11.28 9.54 32.43
CA LYS E 5 10.67 9.44 31.10
C LYS E 5 11.74 9.15 30.06
N VAL E 6 11.53 8.11 29.26
CA VAL E 6 12.49 7.66 28.26
C VAL E 6 11.85 7.79 26.88
N VAL E 7 12.52 8.49 25.99
CA VAL E 7 12.08 8.67 24.61
C VAL E 7 12.94 7.78 23.72
N THR E 8 12.32 7.06 22.81
CA THR E 8 13.00 6.09 21.97
C THR E 8 12.45 6.13 20.56
N VAL E 9 13.11 5.39 19.67
CA VAL E 9 12.68 5.20 18.29
C VAL E 9 12.90 3.74 17.93
N LEU E 10 11.93 3.16 17.22
CA LEU E 10 12.04 1.76 16.83
C LEU E 10 13.27 1.54 15.97
N GLU E 11 14.07 0.53 16.32
CA GLU E 11 15.28 0.22 15.55
C GLU E 11 15.63 -1.24 15.84
N GLU E 12 15.38 -2.12 14.88
CA GLU E 12 15.67 -3.54 15.07
C GLU E 12 17.18 -3.76 15.12
N PRO E 13 17.70 -4.53 16.09
CA PRO E 13 17.04 -5.11 17.27
C PRO E 13 17.21 -4.25 18.52
N PHE E 14 17.64 -2.99 18.36
CA PHE E 14 17.91 -2.15 19.53
C PHE E 14 16.65 -1.91 20.33
N VAL E 15 15.58 -1.43 19.68
CA VAL E 15 14.31 -1.18 20.34
C VAL E 15 13.20 -1.70 19.45
N MET E 16 12.33 -2.53 20.03
CA MET E 16 11.22 -3.14 19.29
C MET E 16 10.02 -3.22 20.20
N VAL E 17 8.84 -3.27 19.59
CA VAL E 17 7.59 -3.42 20.32
C VAL E 17 7.36 -4.89 20.63
N ALA E 18 6.89 -5.17 21.83
CA ALA E 18 6.63 -6.55 22.25
C ALA E 18 5.19 -6.94 21.93
N LYS E 26 1.93 -1.17 26.62
CA LYS E 26 2.92 -0.57 25.73
C LYS E 26 4.32 -0.97 26.17
N ARG E 27 4.67 -2.23 25.96
CA ARG E 27 5.97 -2.77 26.36
C ARG E 27 6.92 -2.81 25.17
N TYR E 28 8.22 -2.73 25.47
CA TYR E 28 9.26 -2.73 24.46
C TYR E 28 10.31 -3.78 24.80
N LYS E 29 11.05 -4.18 23.77
CA LYS E 29 12.12 -5.17 23.91
C LYS E 29 13.26 -4.81 22.96
N GLY E 30 14.44 -5.32 23.28
CA GLY E 30 15.60 -5.11 22.43
C GLY E 30 16.89 -4.97 23.21
N PHE E 31 18.01 -4.88 22.50
CA PHE E 31 19.30 -4.73 23.16
C PHE E 31 19.33 -3.44 23.98
N SER E 32 18.88 -2.33 23.39
CA SER E 32 18.85 -1.07 24.13
C SER E 32 17.90 -1.15 25.31
N ILE E 33 16.77 -1.84 25.15
CA ILE E 33 15.84 -2.02 26.26
C ILE E 33 16.50 -2.79 27.38
N ASP E 34 17.22 -3.87 27.05
CA ASP E 34 17.90 -4.66 28.08
C ASP E 34 18.96 -3.83 28.79
N VAL E 35 19.71 -3.01 28.04
CA VAL E 35 20.68 -2.12 28.67
C VAL E 35 19.98 -1.16 29.63
N LEU E 36 18.83 -0.63 29.21
CA LEU E 36 18.07 0.26 30.09
C LEU E 36 17.64 -0.46 31.36
N ASP E 37 17.16 -1.70 31.22
CA ASP E 37 16.75 -2.46 32.40
C ASP E 37 17.92 -2.68 33.35
N ALA E 38 19.10 -2.97 32.81
CA ALA E 38 20.27 -3.20 33.66
C ALA E 38 20.61 -1.98 34.49
N LEU E 39 20.57 -0.79 33.87
CA LEU E 39 20.81 0.43 34.62
C LEU E 39 19.68 0.69 35.62
N ALA E 40 18.44 0.43 35.22
CA ALA E 40 17.31 0.62 36.13
C ALA E 40 17.45 -0.26 37.37
N LYS E 41 17.81 -1.53 37.18
CA LYS E 41 18.01 -2.42 38.32
C LYS E 41 19.21 -1.99 39.15
N ALA E 42 20.30 -1.59 38.49
CA ALA E 42 21.51 -1.20 39.22
C ALA E 42 21.27 0.07 40.02
N LEU E 43 20.68 1.10 39.39
CA LEU E 43 20.45 2.37 40.05
C LEU E 43 19.05 2.47 40.66
N GLY E 44 18.21 1.45 40.48
CA GLY E 44 16.92 1.39 41.16
C GLY E 44 15.97 2.52 40.83
N PHE E 45 15.47 2.56 39.60
CA PHE E 45 14.48 3.56 39.21
C PHE E 45 13.50 2.95 38.21
N LYS E 46 12.28 3.48 38.20
CA LYS E 46 11.29 3.11 37.21
C LYS E 46 11.50 3.91 35.93
N TYR E 47 10.78 3.54 34.88
CA TYR E 47 10.81 4.31 33.64
C TYR E 47 9.59 3.97 32.80
N GLU E 48 9.11 4.97 32.08
CA GLU E 48 8.05 4.81 31.09
C GLU E 48 8.59 5.23 29.73
N ILE E 49 8.39 4.39 28.72
CA ILE E 49 8.95 4.60 27.39
C ILE E 49 7.86 5.10 26.46
N TYR E 50 8.14 6.17 25.74
CA TYR E 50 7.25 6.69 24.71
C TYR E 50 8.06 6.99 23.46
N GLN E 51 7.50 6.65 22.30
CA GLN E 51 8.20 6.88 21.04
C GLN E 51 8.22 8.36 20.71
N ALA E 52 9.23 8.77 19.94
CA ALA E 52 9.29 10.14 19.45
C ALA E 52 8.09 10.39 18.55
N PRO E 53 7.37 11.51 18.72
CA PRO E 53 6.15 11.71 17.92
C PRO E 53 6.41 11.68 16.42
N ASP E 54 7.53 12.23 15.97
CA ASP E 54 7.88 12.24 14.55
C ASP E 54 8.68 11.01 14.13
N GLY E 55 9.05 10.15 15.07
CA GLY E 55 9.71 8.90 14.73
C GLY E 55 11.07 9.08 14.08
N ARG E 56 11.85 10.05 14.56
CA ARG E 56 13.20 10.27 14.04
C ARG E 56 14.14 10.55 15.20
N TYR E 57 15.43 10.29 14.95
CA TYR E 57 16.44 10.52 15.99
C TYR E 57 16.53 12.00 16.35
N GLY E 58 16.43 12.88 15.36
CA GLY E 58 16.43 14.31 15.63
C GLY E 58 17.65 15.01 15.05
N HIS E 59 17.39 16.11 14.34
CA HIS E 59 18.44 16.94 13.78
C HIS E 59 18.05 18.40 13.96
N GLN E 60 19.06 19.27 13.95
CA GLN E 60 18.83 20.69 14.15
C GLN E 60 18.14 21.30 12.95
N LEU E 61 17.09 22.08 13.19
CA LEU E 61 16.35 22.75 12.14
C LEU E 61 17.02 24.08 11.79
N HIS E 62 16.40 24.83 10.89
CA HIS E 62 16.98 26.10 10.46
C HIS E 62 16.83 27.18 11.53
N ASN E 63 15.81 27.09 12.37
CA ASN E 63 15.57 28.08 13.42
C ASN E 63 16.18 27.68 14.75
N THR E 64 17.24 26.88 14.73
CA THR E 64 18.03 26.49 15.89
C THR E 64 17.32 25.50 16.82
N SER E 65 16.12 25.05 16.46
CA SER E 65 15.37 24.12 17.28
C SER E 65 15.62 22.69 16.81
N TRP E 66 15.60 21.76 17.77
CA TRP E 66 15.84 20.35 17.50
C TRP E 66 14.53 19.58 17.54
N ASN E 67 14.39 18.62 16.63
CA ASN E 67 13.25 17.73 16.58
C ASN E 67 13.68 16.33 17.01
N GLY E 68 12.74 15.38 16.93
CA GLY E 68 13.06 14.01 17.27
C GLY E 68 13.37 13.85 18.75
N MET E 69 14.12 12.78 19.05
CA MET E 69 14.46 12.49 20.44
C MET E 69 15.28 13.62 21.05
N ILE E 70 16.23 14.17 20.29
CA ILE E 70 17.06 15.25 20.82
C ILE E 70 16.20 16.43 21.25
N GLY E 71 15.19 16.77 20.44
CA GLY E 71 14.29 17.85 20.81
C GLY E 71 13.54 17.55 22.09
N GLU E 72 13.18 16.28 22.31
CA GLU E 72 12.49 15.91 23.54
C GLU E 72 13.38 16.17 24.75
N LEU E 73 14.66 15.83 24.66
CA LEU E 73 15.57 16.07 25.78
C LEU E 73 15.75 17.57 26.04
N ILE E 74 15.98 18.34 24.98
CA ILE E 74 16.19 19.78 25.15
C ILE E 74 14.93 20.42 25.73
N SER E 75 13.76 20.04 25.21
CA SER E 75 12.50 20.54 25.76
C SER E 75 12.21 19.98 27.14
N LYS E 76 12.98 18.99 27.59
CA LYS E 76 12.87 18.38 28.91
C LYS E 76 11.62 17.51 29.05
N ARG E 77 10.94 17.20 27.95
CA ARG E 77 9.84 16.25 28.01
C ARG E 77 10.32 14.84 28.34
N ALA E 78 11.61 14.57 28.16
CA ALA E 78 12.19 13.26 28.47
C ALA E 78 13.45 13.45 29.30
N ASP E 79 13.70 12.49 30.20
CA ASP E 79 14.89 12.52 31.03
C ASP E 79 16.09 11.87 30.36
N LEU E 80 15.87 10.89 29.48
CA LEU E 80 16.94 10.25 28.75
C LEU E 80 16.36 9.64 27.48
N ALA E 81 17.21 9.52 26.47
CA ALA E 81 16.83 8.92 25.19
C ALA E 81 17.72 7.74 24.90
N ILE E 82 17.13 6.68 24.35
CA ILE E 82 17.87 5.45 24.06
C ILE E 82 17.26 4.79 22.83
N SER E 83 18.12 4.28 21.97
CA SER E 83 17.71 3.56 20.77
C SER E 83 18.95 3.01 20.06
N ALA E 84 19.37 3.66 18.98
CA ALA E 84 20.64 3.38 18.32
C ALA E 84 21.36 4.69 18.06
N ILE E 85 21.37 5.56 19.07
CA ILE E 85 21.90 6.91 18.94
C ILE E 85 23.41 6.86 19.00
N THR E 86 24.07 7.34 17.95
CA THR E 86 25.52 7.40 17.90
C THR E 86 25.99 8.70 18.54
N ILE E 87 27.10 8.61 19.28
CA ILE E 87 27.65 9.76 19.99
C ILE E 87 28.41 10.61 18.98
N THR E 88 27.88 11.80 18.70
CA THR E 88 28.45 12.71 17.72
C THR E 88 28.68 14.07 18.34
N PRO E 89 29.68 14.82 17.86
CA PRO E 89 29.97 16.13 18.48
C PRO E 89 28.79 17.09 18.42
N GLU E 90 28.03 17.06 17.32
CA GLU E 90 26.89 17.98 17.21
C GLU E 90 25.84 17.69 18.27
N ARG E 91 25.55 16.42 18.53
CA ARG E 91 24.59 16.07 19.57
C ARG E 91 25.16 16.36 20.96
N GLU E 92 26.43 16.00 21.19
CA GLU E 92 27.02 16.20 22.51
C GLU E 92 27.10 17.67 22.89
N SER E 93 27.10 18.58 21.92
CA SER E 93 27.16 20.01 22.23
C SER E 93 25.85 20.53 22.80
N VAL E 94 24.74 19.79 22.62
CA VAL E 94 23.45 20.21 23.15
C VAL E 94 22.88 19.23 24.17
N VAL E 95 23.41 18.02 24.26
CA VAL E 95 22.99 17.04 25.26
C VAL E 95 24.25 16.39 25.84
N ASP E 96 24.06 15.46 26.77
CA ASP E 96 25.15 14.75 27.41
C ASP E 96 24.98 13.26 27.17
N PHE E 97 26.01 12.64 26.59
CA PHE E 97 26.00 11.21 26.30
C PHE E 97 26.75 10.46 27.39
N SER E 98 26.17 9.36 27.86
CA SER E 98 26.93 8.43 28.66
C SER E 98 27.98 7.73 27.80
N LYS E 99 28.95 7.11 28.46
CA LYS E 99 29.94 6.33 27.72
C LYS E 99 29.26 5.20 26.97
N ARG E 100 29.80 4.87 25.79
CA ARG E 100 29.13 3.97 24.87
C ARG E 100 28.91 2.60 25.51
N TYR E 101 27.76 1.99 25.20
CA TYR E 101 27.49 0.61 25.55
C TYR E 101 27.60 -0.33 24.35
N MET E 102 28.07 0.17 23.22
CA MET E 102 28.27 -0.65 22.02
C MET E 102 28.99 0.19 20.99
N ASP E 103 29.81 -0.47 20.17
CA ASP E 103 30.59 0.20 19.15
C ASP E 103 29.80 0.31 17.85
N TYR E 104 30.08 1.38 17.10
CA TYR E 104 29.45 1.64 15.81
C TYR E 104 30.51 1.57 14.72
N SER E 105 30.14 0.97 13.59
CA SER E 105 31.02 0.91 12.44
C SER E 105 30.18 0.61 11.20
N VAL E 106 30.78 0.86 10.04
CA VAL E 106 30.12 0.63 8.75
C VAL E 106 30.67 -0.66 8.16
N GLY E 107 29.76 -1.54 7.75
CA GLY E 107 30.13 -2.82 7.15
C GLY E 107 29.62 -2.98 5.74
N ILE E 108 29.84 -4.17 5.16
CA ILE E 108 29.41 -4.47 3.80
C ILE E 108 28.46 -5.65 3.86
N LEU E 109 27.26 -5.48 3.31
CA LEU E 109 26.29 -6.57 3.15
C LEU E 109 26.38 -7.07 1.72
N ILE E 110 26.75 -8.34 1.56
CA ILE E 110 27.07 -8.90 0.25
C ILE E 110 26.64 -10.36 0.20
N LYS E 111 26.50 -10.87 -1.02
CA LYS E 111 26.20 -12.29 -1.22
C LYS E 111 27.34 -13.15 -0.70
N LYS E 112 26.98 -14.33 -0.19
CA LYS E 112 27.98 -15.30 0.23
C LYS E 112 28.72 -15.88 -0.97
N GLY E 113 29.90 -16.43 -0.72
CA GLY E 113 30.68 -17.08 -1.73
C GLY E 113 31.48 -16.17 -2.63
N THR E 114 31.40 -14.86 -2.44
CA THR E 114 32.17 -13.93 -3.26
C THR E 114 33.61 -13.85 -2.76
N PRO E 115 34.55 -13.49 -3.63
CA PRO E 115 35.94 -13.32 -3.17
C PRO E 115 36.15 -12.07 -2.33
N ILE E 116 35.18 -11.17 -2.28
CA ILE E 116 35.34 -9.93 -1.53
C ILE E 116 35.27 -10.22 -0.04
N ARG E 117 36.30 -9.80 0.70
CA ARG E 117 36.36 -9.98 2.13
C ARG E 117 36.78 -8.73 2.89
N THR E 118 37.17 -7.66 2.19
CA THR E 118 37.56 -6.42 2.84
C THR E 118 37.13 -5.26 1.95
N PHE E 119 37.12 -4.06 2.53
CA PHE E 119 36.82 -2.87 1.75
C PHE E 119 37.80 -2.71 0.59
N GLN E 120 39.07 -3.09 0.80
CA GLN E 120 40.05 -2.99 -0.25
C GLN E 120 39.67 -3.87 -1.45
N ASP E 121 39.22 -5.10 -1.19
CA ASP E 121 38.80 -5.97 -2.27
C ASP E 121 37.60 -5.39 -3.02
N LEU E 122 36.64 -4.82 -2.29
CA LEU E 122 35.48 -4.23 -2.93
C LEU E 122 35.87 -3.06 -3.83
N SER E 123 36.84 -2.25 -3.38
CA SER E 123 37.25 -1.10 -4.17
C SER E 123 37.89 -1.53 -5.49
N LYS E 124 38.45 -2.73 -5.54
CA LYS E 124 39.09 -3.25 -6.75
C LYS E 124 38.13 -4.00 -7.66
N GLN E 125 36.84 -4.07 -7.30
CA GLN E 125 35.85 -4.84 -8.05
C GLN E 125 35.03 -3.91 -8.93
N VAL E 126 35.04 -4.17 -10.24
CA VAL E 126 34.17 -3.47 -11.17
C VAL E 126 32.89 -4.26 -11.44
N GLU E 127 32.87 -5.56 -11.13
CA GLU E 127 31.71 -6.39 -11.42
C GLU E 127 30.50 -5.97 -10.59
N MET E 128 30.70 -5.81 -9.28
CA MET E 128 29.60 -5.57 -8.34
C MET E 128 29.56 -4.10 -7.96
N SER E 129 28.40 -3.47 -8.16
CA SER E 129 28.19 -2.10 -7.74
C SER E 129 27.95 -2.05 -6.23
N TYR E 130 28.48 -1.01 -5.59
CA TYR E 130 28.35 -0.84 -4.15
C TYR E 130 28.01 0.60 -3.82
N GLY E 131 27.34 0.79 -2.69
CA GLY E 131 26.96 2.12 -2.27
C GLY E 131 26.33 2.11 -0.90
N THR E 132 25.75 3.25 -0.54
CA THR E 132 25.13 3.43 0.77
C THR E 132 23.83 4.20 0.59
N VAL E 133 23.30 4.72 1.69
CA VAL E 133 22.10 5.53 1.66
C VAL E 133 22.49 6.98 1.42
N ARG E 134 21.84 7.61 0.45
CA ARG E 134 22.15 8.99 0.10
C ARG E 134 21.78 9.95 1.22
N ASP E 135 22.51 11.05 1.31
CA ASP E 135 22.23 12.13 2.25
C ASP E 135 22.19 11.62 3.69
N SER E 136 23.04 10.63 4.00
CA SER E 136 23.15 10.08 5.33
C SER E 136 24.57 10.29 5.85
N ALA E 137 24.74 10.11 7.15
CA ALA E 137 26.05 10.26 7.76
C ALA E 137 27.06 9.30 7.13
N VAL E 138 26.61 8.11 6.73
CA VAL E 138 27.51 7.16 6.08
C VAL E 138 28.00 7.71 4.75
N TYR E 139 27.10 8.32 3.97
CA TYR E 139 27.52 8.94 2.72
C TYR E 139 28.52 10.07 2.96
N GLU E 140 28.26 10.89 3.98
CA GLU E 140 29.19 11.95 4.34
C GLU E 140 30.49 11.39 4.90
N TYR E 141 30.43 10.26 5.62
CA TYR E 141 31.64 9.66 6.14
C TYR E 141 32.59 9.28 5.01
N PHE E 142 32.08 8.69 3.93
CA PHE E 142 32.92 8.34 2.80
C PHE E 142 33.30 9.56 1.97
N ARG E 143 32.53 10.65 2.06
CA ARG E 143 32.93 11.88 1.39
C ARG E 143 34.23 12.43 1.98
N ALA E 144 34.30 12.51 3.31
CA ALA E 144 35.48 13.06 3.95
C ALA E 144 36.70 12.16 3.73
N LYS E 145 36.55 10.86 4.01
CA LYS E 145 37.68 9.95 3.87
C LYS E 145 38.17 9.87 2.43
N GLY E 146 37.24 9.91 1.47
CA GLY E 146 37.60 9.79 0.07
C GLY E 146 38.10 11.07 -0.57
N THR E 147 37.92 12.21 0.08
CA THR E 147 38.38 13.49 -0.44
C THR E 147 39.47 14.12 0.43
N ASN E 148 39.93 13.43 1.48
CA ASN E 148 40.97 13.98 2.34
C ASN E 148 42.33 13.64 1.75
N PRO E 149 43.11 14.62 1.29
CA PRO E 149 44.42 14.29 0.70
C PRO E 149 45.39 13.65 1.67
N LEU E 150 45.21 13.85 2.97
CA LEU E 150 46.14 13.31 3.97
C LEU E 150 45.86 11.85 4.31
N GLU E 151 44.71 11.31 3.91
CA GLU E 151 44.43 9.89 4.16
C GLU E 151 45.42 9.03 3.39
N GLN E 152 46.16 8.19 4.11
CA GLN E 152 47.21 7.40 3.49
C GLN E 152 46.67 6.21 2.70
N ASP E 153 45.48 5.73 3.04
CA ASP E 153 44.89 4.59 2.35
C ASP E 153 44.06 5.09 1.17
N SER E 154 44.49 4.75 -0.04
CA SER E 154 43.78 5.16 -1.25
C SER E 154 42.47 4.41 -1.45
N THR E 155 42.17 3.43 -0.61
CA THR E 155 40.92 2.68 -0.75
C THR E 155 39.71 3.61 -0.67
N PHE E 156 39.71 4.51 0.32
CA PHE E 156 38.55 5.38 0.51
C PHE E 156 38.32 6.27 -0.70
N ALA E 157 39.39 6.78 -1.31
CA ALA E 157 39.23 7.59 -2.51
C ALA E 157 38.58 6.78 -3.63
N GLU E 158 39.03 5.53 -3.83
CA GLU E 158 38.43 4.71 -4.86
C GLU E 158 36.96 4.44 -4.57
N LEU E 159 36.63 4.10 -3.32
CA LEU E 159 35.24 3.84 -2.97
C LEU E 159 34.37 5.07 -3.17
N TRP E 160 34.89 6.25 -2.81
CA TRP E 160 34.08 7.47 -2.89
C TRP E 160 33.67 7.77 -4.33
N ARG E 161 34.57 7.56 -5.29
CA ARG E 161 34.23 7.82 -6.68
C ARG E 161 33.07 6.95 -7.14
N THR E 162 33.10 5.66 -6.79
CA THR E 162 31.97 4.79 -7.11
C THR E 162 30.71 5.22 -6.37
N ILE E 163 30.83 5.56 -5.09
CA ILE E 163 29.67 5.93 -4.29
C ILE E 163 29.09 7.25 -4.75
N SER E 164 29.93 8.19 -5.20
CA SER E 164 29.51 9.55 -5.46
C SER E 164 29.24 9.83 -6.94
N LYS E 165 29.08 8.79 -7.76
CA LYS E 165 28.75 9.00 -9.15
C LYS E 165 27.42 9.76 -9.28
N ASN E 166 27.46 10.88 -9.99
CA ASN E 166 26.27 11.69 -10.23
C ASN E 166 25.57 12.04 -8.91
N GLY E 167 26.37 12.40 -7.91
CA GLY E 167 25.82 12.74 -6.62
C GLY E 167 25.28 11.58 -5.84
N GLY E 168 25.68 10.36 -6.18
CA GLY E 168 25.24 9.16 -5.50
C GLY E 168 24.00 8.51 -6.06
N ALA E 169 23.28 9.19 -6.97
CA ALA E 169 22.05 8.61 -7.49
C ALA E 169 22.28 7.29 -8.20
N ASP E 170 23.44 7.14 -8.86
CA ASP E 170 23.67 5.96 -9.69
C ASP E 170 23.82 4.70 -8.84
N ASN E 171 24.65 4.76 -7.79
CA ASN E 171 25.06 3.56 -7.06
C ASN E 171 24.58 3.54 -5.62
N CYS E 172 23.85 4.54 -5.16
CA CYS E 172 23.30 4.54 -3.81
C CYS E 172 21.82 4.19 -3.83
N VAL E 173 21.25 4.01 -2.63
CA VAL E 173 19.85 3.68 -2.45
C VAL E 173 19.19 4.76 -1.62
N SER E 174 17.86 4.71 -1.57
CA SER E 174 17.08 5.72 -0.87
C SER E 174 16.91 5.41 0.61
N SER E 175 16.98 4.14 1.01
CA SER E 175 16.76 3.76 2.40
C SER E 175 17.56 2.50 2.68
N PRO E 176 17.83 2.20 3.95
CA PRO E 176 18.51 0.94 4.27
C PRO E 176 17.78 -0.29 3.75
N SER E 177 16.45 -0.27 3.78
CA SER E 177 15.68 -1.43 3.32
C SER E 177 15.95 -1.70 1.85
N GLU E 178 16.00 -0.66 1.02
CA GLU E 178 16.28 -0.84 -0.40
C GLU E 178 17.66 -1.44 -0.60
N GLY E 179 18.66 -0.96 0.15
CA GLY E 179 19.99 -1.53 0.02
C GLY E 179 20.05 -2.99 0.40
N ILE E 180 19.37 -3.37 1.49
CA ILE E 180 19.32 -4.76 1.89
C ILE E 180 18.63 -5.60 0.82
N ARG E 181 17.51 -5.10 0.30
CA ARG E 181 16.79 -5.85 -0.74
C ARG E 181 17.65 -6.02 -1.98
N LYS E 182 18.35 -4.96 -2.40
CA LYS E 182 19.21 -5.07 -3.56
C LYS E 182 20.43 -5.95 -3.28
N ALA E 183 20.95 -5.92 -2.06
CA ALA E 183 22.10 -6.75 -1.72
C ALA E 183 21.73 -8.23 -1.75
N LYS E 184 20.53 -8.58 -1.28
CA LYS E 184 20.13 -9.98 -1.24
C LYS E 184 19.95 -10.55 -2.65
N LYS E 185 19.58 -9.71 -3.62
CA LYS E 185 19.43 -10.20 -4.98
C LYS E 185 20.74 -10.74 -5.54
N GLY E 186 21.87 -10.17 -5.13
CA GLY E 186 23.17 -10.69 -5.47
C GLY E 186 23.98 -9.87 -6.45
N ASN E 187 23.55 -8.66 -6.80
CA ASN E 187 24.28 -7.80 -7.73
C ASN E 187 24.51 -6.42 -7.13
N TYR E 188 24.69 -6.35 -5.81
CA TYR E 188 24.89 -5.08 -5.13
C TYR E 188 25.46 -5.34 -3.75
N ALA E 189 26.35 -4.45 -3.30
CA ALA E 189 26.94 -4.51 -1.97
C ALA E 189 26.57 -3.23 -1.23
N PHE E 190 25.96 -3.39 -0.06
CA PHE E 190 25.38 -2.27 0.69
C PHE E 190 26.29 -1.91 1.86
N LEU E 191 26.68 -0.64 1.93
CA LEU E 191 27.51 -0.12 3.00
C LEU E 191 26.63 0.61 4.01
N TRP E 192 26.62 0.13 5.25
CA TRP E 192 25.73 0.68 6.26
C TRP E 192 26.19 0.14 7.62
N ASP E 193 25.48 0.56 8.67
CA ASP E 193 25.84 0.19 10.03
C ASP E 193 25.95 -1.33 10.16
N VAL E 194 27.00 -1.77 10.84
CA VAL E 194 27.24 -3.21 10.98
C VAL E 194 26.10 -3.86 11.76
N ALA E 195 25.67 -3.23 12.86
CA ALA E 195 24.62 -3.82 13.67
C ALA E 195 23.33 -3.98 12.88
N VAL E 196 23.03 -3.04 11.99
CA VAL E 196 21.81 -3.10 11.20
C VAL E 196 21.90 -4.23 10.17
N VAL E 197 22.99 -4.24 9.39
CA VAL E 197 23.11 -5.24 8.33
C VAL E 197 23.34 -6.63 8.93
N GLU E 198 24.11 -6.70 10.02
CA GLU E 198 24.38 -8.00 10.63
C GLU E 198 23.09 -8.67 11.11
N TYR E 199 22.18 -7.90 11.70
CA TYR E 199 20.89 -8.46 12.08
C TYR E 199 20.10 -8.89 10.86
N ALA E 200 20.18 -8.13 9.77
CA ALA E 200 19.50 -8.52 8.54
C ALA E 200 20.02 -9.86 8.02
N ALA E 201 21.34 -10.06 8.04
CA ALA E 201 21.90 -11.31 7.58
C ALA E 201 21.48 -12.47 8.46
N LEU E 202 21.42 -12.25 9.78
CA LEU E 202 21.01 -13.33 10.68
C LEU E 202 19.58 -13.76 10.41
N THR E 203 18.69 -12.81 10.11
CA THR E 203 17.28 -13.09 9.92
C THR E 203 16.92 -13.39 8.47
N ASP E 204 17.89 -13.45 7.56
CA ASP E 204 17.60 -13.76 6.17
C ASP E 204 17.01 -15.16 6.06
N ASP E 205 15.91 -15.28 5.30
CA ASP E 205 15.26 -16.57 5.15
C ASP E 205 16.17 -17.58 4.47
N ASP E 206 16.88 -17.16 3.43
CA ASP E 206 17.74 -18.05 2.64
C ASP E 206 19.14 -18.19 3.23
N CYS E 207 19.50 -17.38 4.22
CA CYS E 207 20.87 -17.35 4.73
C CYS E 207 21.85 -17.13 3.58
N SER E 208 21.46 -16.27 2.64
CA SER E 208 22.20 -16.08 1.40
C SER E 208 23.16 -14.91 1.45
N VAL E 209 23.25 -14.20 2.57
CA VAL E 209 24.08 -13.01 2.68
C VAL E 209 24.94 -13.10 3.93
N THR E 210 26.10 -12.45 3.86
CA THR E 210 27.01 -12.31 4.99
C THR E 210 27.41 -10.84 5.10
N VAL E 211 28.11 -10.52 6.19
CA VAL E 211 28.52 -9.14 6.46
C VAL E 211 30.03 -9.11 6.64
N ILE E 212 30.68 -8.17 5.95
CA ILE E 212 32.11 -7.93 6.12
C ILE E 212 32.29 -6.83 7.14
N GLY E 213 33.19 -7.06 8.10
CA GLY E 213 33.49 -6.06 9.10
C GLY E 213 34.68 -5.23 8.68
N ASN E 214 35.84 -5.50 9.27
CA ASN E 214 37.11 -4.90 8.86
C ASN E 214 37.15 -3.40 9.13
N SER E 215 36.21 -2.87 9.91
CA SER E 215 36.18 -1.45 10.26
C SER E 215 36.26 -1.32 11.77
N ILE E 216 37.27 -0.57 12.25
CA ILE E 216 37.31 -0.23 13.65
C ILE E 216 36.25 0.81 13.96
N SER E 217 35.84 0.85 15.23
CA SER E 217 34.73 1.73 15.62
C SER E 217 35.05 3.17 15.26
N SER E 218 34.19 3.77 14.43
CA SER E 218 34.27 5.20 14.15
C SER E 218 33.45 6.04 15.12
N LYS E 219 32.45 5.43 15.76
CA LYS E 219 31.62 6.10 16.76
C LYS E 219 31.20 5.06 17.78
N GLY E 220 30.22 5.41 18.59
CA GLY E 220 29.66 4.47 19.56
C GLY E 220 28.22 4.82 19.86
N TYR E 221 27.42 3.77 20.12
CA TYR E 221 26.06 3.97 20.58
C TYR E 221 26.07 4.33 22.06
N GLY E 222 25.19 5.25 22.44
CA GLY E 222 25.15 5.73 23.81
C GLY E 222 23.77 6.18 24.21
N ILE E 223 23.64 6.46 25.50
CA ILE E 223 22.39 6.94 26.09
C ILE E 223 22.50 8.46 26.24
N ALA E 224 21.52 9.18 25.69
CA ALA E 224 21.50 10.63 25.71
C ALA E 224 20.65 11.14 26.86
N LEU E 225 21.16 12.13 27.57
CA LEU E 225 20.47 12.74 28.70
C LEU E 225 20.45 14.25 28.52
N GLN E 226 19.66 14.91 29.36
CA GLN E 226 19.59 16.37 29.32
C GLN E 226 20.96 16.97 29.63
N HIS E 227 21.25 18.11 29.00
CA HIS E 227 22.52 18.78 29.24
C HIS E 227 22.72 19.04 30.72
N GLY E 228 23.87 18.59 31.25
CA GLY E 228 24.14 18.73 32.66
C GLY E 228 23.42 17.75 33.55
N SER E 229 22.90 16.66 32.99
CA SER E 229 22.17 15.69 33.79
C SER E 229 23.11 15.01 34.78
N PRO E 230 22.75 14.88 36.06
CA PRO E 230 23.61 14.16 37.00
C PRO E 230 23.62 12.66 36.81
N TYR E 231 22.68 12.10 36.05
CA TYR E 231 22.63 10.67 35.83
C TYR E 231 23.66 10.18 34.83
N ARG E 232 24.23 11.08 34.01
CA ARG E 232 25.10 10.66 32.94
C ARG E 232 26.32 9.91 33.48
N ASP E 233 26.98 10.47 34.48
CA ASP E 233 28.17 9.84 35.03
C ASP E 233 27.83 8.51 35.68
N LEU E 234 26.70 8.44 36.39
CA LEU E 234 26.28 7.18 37.00
C LEU E 234 26.00 6.13 35.95
N PHE E 235 25.37 6.53 34.83
CA PHE E 235 25.15 5.58 33.74
C PHE E 235 26.47 5.11 33.15
N SER E 236 27.40 6.03 32.91
CA SER E 236 28.70 5.64 32.36
C SER E 236 29.42 4.69 33.30
N GLN E 237 29.40 4.97 34.60
CA GLN E 237 30.07 4.10 35.56
C GLN E 237 29.49 2.70 35.53
N ARG E 238 28.16 2.59 35.45
CA ARG E 238 27.51 1.29 35.43
C ARG E 238 27.67 0.60 34.08
N ILE E 239 27.72 1.36 32.98
CA ILE E 239 27.94 0.76 31.67
C ILE E 239 29.32 0.12 31.61
N LEU E 240 30.34 0.82 32.13
CA LEU E 240 31.68 0.25 32.15
C LEU E 240 31.71 -1.06 32.93
N GLU E 241 31.04 -1.09 34.09
CA GLU E 241 31.01 -2.31 34.89
C GLU E 241 30.32 -3.44 34.15
N LEU E 242 29.21 -3.15 33.48
CA LEU E 242 28.52 -4.18 32.69
C LEU E 242 29.43 -4.72 31.60
N GLN E 243 30.18 -3.83 30.93
CA GLN E 243 31.12 -4.30 29.91
C GLN E 243 32.23 -5.14 30.53
N ASP E 244 32.77 -4.72 31.67
CA ASP E 244 33.93 -5.39 32.26
C ASP E 244 33.59 -6.82 32.65
N THR E 245 32.39 -7.05 33.19
CA THR E 245 32.00 -8.38 33.63
C THR E 245 31.48 -9.26 32.51
N GLY E 246 31.38 -8.73 31.28
CA GLY E 246 30.87 -9.50 30.17
C GLY E 246 29.36 -9.57 30.08
N ASP E 247 28.64 -8.91 30.99
CA ASP E 247 27.18 -8.96 30.95
C ASP E 247 26.65 -8.34 29.66
N LEU E 248 27.25 -7.23 29.21
CA LEU E 248 26.80 -6.62 27.96
C LEU E 248 27.07 -7.53 26.78
N ASP E 249 28.16 -8.32 26.82
CA ASP E 249 28.39 -9.30 25.77
C ASP E 249 27.28 -10.35 25.75
N VAL E 250 26.83 -10.79 26.92
CA VAL E 250 25.74 -11.75 27.00
C VAL E 250 24.49 -11.17 26.36
N LEU E 251 24.20 -9.89 26.63
CA LEU E 251 23.01 -9.26 26.04
C LEU E 251 23.14 -9.16 24.52
N LYS E 252 24.34 -8.85 24.03
CA LYS E 252 24.53 -8.78 22.57
C LYS E 252 24.27 -10.12 21.91
N GLN E 253 24.76 -11.21 22.51
CA GLN E 253 24.51 -12.54 21.96
C GLN E 253 23.02 -12.84 21.92
N LYS E 254 22.25 -12.27 22.85
CA LYS E 254 20.81 -12.50 22.86
C LYS E 254 20.16 -11.96 21.59
N TRP E 255 20.58 -10.79 21.13
CA TRP E 255 19.98 -10.15 19.97
C TRP E 255 20.81 -10.29 18.69
N TRP E 256 22.10 -10.63 18.82
CA TRP E 256 22.96 -10.95 17.68
C TRP E 256 23.62 -12.29 17.95
N PRO E 257 22.84 -13.38 17.94
CA PRO E 257 23.39 -14.68 18.36
C PRO E 257 24.54 -15.11 17.46
N HIS E 258 25.56 -15.70 18.10
CA HIS E 258 26.61 -16.37 17.35
C HIS E 258 26.13 -17.72 16.81
N MET E 259 25.28 -18.41 17.58
CA MET E 259 24.64 -19.64 17.17
C MET E 259 23.14 -19.51 17.44
N GLY E 260 22.33 -20.00 16.50
CA GLY E 260 20.88 -19.95 16.65
C GLY E 260 20.17 -19.44 15.41
N ARG E 261 20.94 -18.97 14.43
CA ARG E 261 20.37 -18.43 13.21
C ARG E 261 21.36 -18.73 12.07
N CYS E 262 21.19 -18.03 10.95
CA CYS E 262 22.08 -18.24 9.81
C CYS E 262 23.54 -18.07 10.23
N ASP E 263 24.40 -18.88 9.62
CA ASP E 263 25.84 -18.74 9.80
C ASP E 263 26.36 -17.68 8.83
N LEU E 264 27.08 -16.69 9.36
CA LEU E 264 27.52 -15.54 8.58
C LEU E 264 28.96 -15.68 8.12
N THR E 265 29.41 -16.89 7.81
CA THR E 265 30.75 -17.14 7.34
C THR E 265 30.71 -17.54 5.87
N SER E 266 31.53 -16.88 5.06
CA SER E 266 31.58 -17.14 3.62
C SER E 266 32.88 -17.86 3.24
N LEU F 2 46.73 29.88 31.27
CA LEU F 2 46.34 28.68 32.00
C LEU F 2 47.27 27.52 31.68
N THR F 3 47.84 26.93 32.72
CA THR F 3 48.78 25.81 32.58
C THR F 3 48.25 24.60 33.33
N LEU F 4 48.33 23.43 32.70
CA LEU F 4 47.86 22.19 33.28
C LEU F 4 49.04 21.26 33.53
N LYS F 5 48.97 20.52 34.63
CA LYS F 5 50.01 19.55 34.99
C LYS F 5 49.65 18.20 34.39
N VAL F 6 50.51 17.67 33.53
CA VAL F 6 50.26 16.43 32.82
C VAL F 6 51.23 15.38 33.33
N VAL F 7 50.69 14.21 33.71
CA VAL F 7 51.48 13.07 34.12
C VAL F 7 51.34 11.99 33.05
N THR F 8 52.45 11.34 32.70
CA THR F 8 52.46 10.36 31.64
C THR F 8 53.44 9.24 31.97
N VAL F 9 53.41 8.19 31.16
CA VAL F 9 54.36 7.10 31.22
C VAL F 9 54.72 6.73 29.80
N LEU F 10 56.01 6.47 29.56
CA LEU F 10 56.46 6.16 28.21
C LEU F 10 55.78 4.89 27.72
N GLU F 11 55.29 4.93 26.48
CA GLU F 11 54.66 3.77 25.85
C GLU F 11 54.70 4.01 24.35
N GLU F 12 55.49 3.20 23.65
CA GLU F 12 55.65 3.40 22.21
C GLU F 12 54.38 2.95 21.48
N PRO F 13 53.86 3.75 20.53
CA PRO F 13 54.26 5.11 20.13
C PRO F 13 53.39 6.19 20.79
N PHE F 14 52.61 5.84 21.82
CA PHE F 14 51.73 6.81 22.44
C PHE F 14 52.53 7.98 23.01
N VAL F 15 53.52 7.67 23.84
CA VAL F 15 54.39 8.69 24.43
C VAL F 15 55.83 8.21 24.33
N MET F 16 56.71 9.08 23.85
CA MET F 16 58.12 8.75 23.64
C MET F 16 58.96 9.97 23.93
N VAL F 17 60.25 9.74 24.16
CA VAL F 17 61.20 10.81 24.42
C VAL F 17 61.75 11.30 23.09
N ALA F 18 61.77 12.62 22.91
CA ALA F 18 62.29 13.21 21.68
C ALA F 18 63.81 13.35 21.76
N PRO F 25 66.08 20.22 26.96
CA PRO F 25 65.20 19.85 25.84
C PRO F 25 64.54 18.50 26.03
N LYS F 26 64.04 18.24 27.25
CA LYS F 26 63.40 16.97 27.57
C LYS F 26 61.94 17.02 27.10
N ARG F 27 61.77 16.94 25.79
CA ARG F 27 60.46 16.98 25.17
C ARG F 27 59.91 15.56 24.99
N TYR F 28 58.61 15.50 24.71
CA TYR F 28 57.92 14.24 24.49
C TYR F 28 57.22 14.26 23.14
N LYS F 29 57.00 13.09 22.58
CA LYS F 29 56.36 12.97 21.28
C LYS F 29 55.57 11.67 21.23
N GLY F 30 54.60 11.62 20.32
CA GLY F 30 53.79 10.43 20.14
C GLY F 30 52.34 10.73 19.85
N PHE F 31 51.55 9.67 19.64
CA PHE F 31 50.15 9.86 19.31
C PHE F 31 49.40 10.59 20.41
N SER F 32 49.65 10.20 21.67
CA SER F 32 48.98 10.86 22.79
C SER F 32 49.41 12.32 22.89
N ILE F 33 50.70 12.60 22.65
CA ILE F 33 51.18 13.98 22.70
C ILE F 33 50.47 14.83 21.65
N ASP F 34 50.31 14.29 20.44
CA ASP F 34 49.61 15.02 19.40
C ASP F 34 48.15 15.27 19.80
N VAL F 35 47.51 14.28 20.41
CA VAL F 35 46.14 14.46 20.88
C VAL F 35 46.10 15.53 21.96
N LEU F 36 47.05 15.50 22.90
CA LEU F 36 47.12 16.51 23.94
C LEU F 36 47.36 17.90 23.34
N ASP F 37 48.30 17.99 22.39
CA ASP F 37 48.60 19.29 21.79
C ASP F 37 47.41 19.85 21.04
N ALA F 38 46.66 18.99 20.35
CA ALA F 38 45.45 19.44 19.67
C ALA F 38 44.45 20.01 20.67
N LEU F 39 44.29 19.35 21.82
CA LEU F 39 43.42 19.88 22.86
C LEU F 39 43.96 21.21 23.39
N ALA F 40 45.27 21.31 23.58
CA ALA F 40 45.86 22.55 24.10
C ALA F 40 45.57 23.72 23.16
N LYS F 41 45.73 23.51 21.85
CA LYS F 41 45.47 24.58 20.89
C LYS F 41 43.98 24.94 20.87
N ALA F 42 43.12 23.93 20.79
CA ALA F 42 41.69 24.18 20.68
C ALA F 42 41.15 24.86 21.94
N LEU F 43 41.50 24.34 23.11
CA LEU F 43 41.03 24.89 24.38
C LEU F 43 41.97 25.95 24.93
N GLY F 44 43.10 26.20 24.28
CA GLY F 44 43.98 27.29 24.65
C GLY F 44 44.55 27.18 26.05
N PHE F 45 45.34 26.14 26.31
CA PHE F 45 46.05 26.01 27.57
C PHE F 45 47.47 25.52 27.31
N LYS F 46 48.41 26.01 28.13
CA LYS F 46 49.74 25.42 28.18
C LYS F 46 49.72 24.22 29.11
N TYR F 47 50.84 23.49 29.14
CA TYR F 47 50.92 22.35 30.04
C TYR F 47 52.38 22.01 30.32
N GLU F 48 52.59 21.29 31.42
CA GLU F 48 53.88 20.74 31.79
C GLU F 48 53.75 19.23 31.91
N ILE F 49 54.63 18.50 31.25
CA ILE F 49 54.61 17.04 31.26
C ILE F 49 55.72 16.53 32.18
N TYR F 50 55.39 15.56 33.01
CA TYR F 50 56.37 14.82 33.79
C TYR F 50 55.96 13.36 33.83
N GLN F 51 56.94 12.48 33.98
CA GLN F 51 56.67 11.06 34.09
C GLN F 51 56.35 10.69 35.53
N ALA F 52 55.44 9.74 35.70
CA ALA F 52 55.10 9.31 37.04
C ALA F 52 56.35 8.82 37.75
N PRO F 53 56.56 9.17 39.03
CA PRO F 53 57.81 8.80 39.69
C PRO F 53 58.08 7.30 39.69
N ASP F 54 57.03 6.48 39.80
CA ASP F 54 57.19 5.03 39.79
C ASP F 54 57.03 4.43 38.40
N GLY F 55 56.66 5.23 37.40
CA GLY F 55 56.50 4.71 36.06
C GLY F 55 55.32 3.79 35.87
N ARG F 56 54.33 3.84 36.77
CA ARG F 56 53.20 2.93 36.76
C ARG F 56 51.94 3.66 36.33
N TYR F 57 51.07 2.93 35.61
CA TYR F 57 49.75 3.47 35.28
C TYR F 57 48.95 3.72 36.56
N GLY F 58 49.03 2.81 37.52
CA GLY F 58 48.38 3.02 38.82
C GLY F 58 47.38 1.92 39.14
N HIS F 59 47.51 1.39 40.35
CA HIS F 59 46.57 0.40 40.87
C HIS F 59 46.34 0.69 42.35
N GLN F 60 45.20 0.22 42.86
CA GLN F 60 44.85 0.49 44.25
C GLN F 60 45.69 -0.38 45.18
N LEU F 61 46.10 0.21 46.30
CA LEU F 61 46.90 -0.48 47.31
C LEU F 61 46.01 -0.93 48.46
N HIS F 62 46.62 -1.67 49.40
CA HIS F 62 45.87 -2.25 50.51
C HIS F 62 45.24 -1.19 51.41
N ASN F 63 45.78 0.02 51.42
CA ASN F 63 45.25 1.11 52.25
C ASN F 63 44.29 2.01 51.48
N THR F 64 43.72 1.52 50.39
CA THR F 64 42.78 2.25 49.53
C THR F 64 43.46 3.36 48.74
N SER F 65 44.77 3.50 48.83
CA SER F 65 45.51 4.54 48.14
C SER F 65 46.07 4.01 46.83
N TRP F 66 46.11 4.88 45.82
CA TRP F 66 46.59 4.51 44.49
C TRP F 66 48.00 5.06 44.27
N ASN F 67 48.76 4.33 43.46
CA ASN F 67 50.09 4.75 43.03
C ASN F 67 50.06 5.07 41.54
N GLY F 68 51.22 5.35 40.97
CA GLY F 68 51.30 5.60 39.55
C GLY F 68 50.59 6.89 39.16
N MET F 69 50.15 6.94 37.90
CA MET F 69 49.48 8.14 37.40
C MET F 69 48.20 8.42 38.16
N ILE F 70 47.42 7.37 38.45
CA ILE F 70 46.16 7.56 39.17
C ILE F 70 46.43 8.21 40.53
N GLY F 71 47.47 7.75 41.22
CA GLY F 71 47.83 8.37 42.49
C GLY F 71 48.19 9.83 42.33
N GLU F 72 48.85 10.18 41.22
CA GLU F 72 49.19 11.57 40.97
C GLU F 72 47.93 12.42 40.76
N LEU F 73 46.94 11.89 40.05
CA LEU F 73 45.69 12.62 39.87
C LEU F 73 44.95 12.81 41.18
N ILE F 74 44.89 11.75 42.00
CA ILE F 74 44.12 11.81 43.25
C ILE F 74 44.75 12.83 44.19
N SER F 75 46.08 12.83 44.31
CA SER F 75 46.76 13.84 45.11
C SER F 75 46.70 15.23 44.49
N LYS F 76 46.22 15.34 43.25
CA LYS F 76 46.06 16.60 42.55
C LYS F 76 47.39 17.24 42.17
N ARG F 77 48.47 16.47 42.17
CA ARG F 77 49.72 16.93 41.59
C ARG F 77 49.68 16.96 40.07
N ALA F 78 48.68 16.35 39.45
CA ALA F 78 48.52 16.33 38.00
C ALA F 78 47.07 16.62 37.66
N ASP F 79 46.85 17.56 36.74
CA ASP F 79 45.50 17.88 36.31
C ASP F 79 44.93 16.84 35.37
N LEU F 80 45.79 16.15 34.62
CA LEU F 80 45.33 15.11 33.70
C LEU F 80 46.46 14.11 33.50
N ALA F 81 46.08 12.88 33.16
CA ALA F 81 47.02 11.81 32.85
C ALA F 81 46.71 11.27 31.47
N ILE F 82 47.76 11.03 30.68
CA ILE F 82 47.58 10.58 29.30
C ILE F 82 48.77 9.71 28.92
N SER F 83 48.50 8.65 28.17
CA SER F 83 49.52 7.77 27.64
C SER F 83 48.85 6.70 26.77
N ALA F 84 48.60 5.53 27.35
CA ALA F 84 47.80 4.47 26.73
C ALA F 84 46.83 3.91 27.76
N ILE F 85 46.17 4.80 28.48
CA ILE F 85 45.35 4.43 29.63
C ILE F 85 44.00 3.93 29.13
N THR F 86 43.67 2.69 29.48
CA THR F 86 42.38 2.12 29.10
C THR F 86 41.30 2.54 30.09
N ILE F 87 40.12 2.85 29.56
CA ILE F 87 38.99 3.28 30.37
C ILE F 87 38.37 2.04 31.01
N THR F 88 38.52 1.91 32.33
CA THR F 88 38.03 0.76 33.06
C THR F 88 37.18 1.21 34.24
N PRO F 89 36.18 0.42 34.63
CA PRO F 89 35.31 0.85 35.74
C PRO F 89 36.06 1.12 37.04
N GLU F 90 37.08 0.32 37.34
CA GLU F 90 37.83 0.52 38.58
C GLU F 90 38.47 1.90 38.61
N ARG F 91 39.10 2.30 37.50
CA ARG F 91 39.76 3.60 37.47
C ARG F 91 38.75 4.74 37.41
N GLU F 92 37.64 4.55 36.67
CA GLU F 92 36.65 5.61 36.52
C GLU F 92 36.00 5.98 37.86
N SER F 93 36.05 5.10 38.85
CA SER F 93 35.44 5.38 40.14
C SER F 93 36.27 6.33 41.00
N VAL F 94 37.53 6.58 40.62
CA VAL F 94 38.40 7.43 41.43
C VAL F 94 38.84 8.64 40.62
N VAL F 95 38.85 8.51 39.30
CA VAL F 95 39.15 9.61 38.39
C VAL F 95 38.04 9.71 37.36
N ASP F 96 38.09 10.77 36.54
CA ASP F 96 37.09 11.02 35.51
C ASP F 96 37.76 10.95 34.15
N PHE F 97 37.47 9.90 33.39
CA PHE F 97 38.02 9.74 32.06
C PHE F 97 37.23 10.55 31.04
N SER F 98 37.92 11.14 30.09
CA SER F 98 37.27 11.68 28.91
C SER F 98 36.78 10.52 28.04
N LYS F 99 35.94 10.85 27.07
CA LYS F 99 35.53 9.84 26.10
C LYS F 99 36.75 9.39 25.31
N ARG F 100 36.72 8.14 24.85
CA ARG F 100 37.89 7.54 24.24
C ARG F 100 38.31 8.32 22.99
N TYR F 101 39.63 8.45 22.82
CA TYR F 101 40.20 8.95 21.56
C TYR F 101 40.83 7.84 20.74
N MET F 102 40.80 6.59 21.22
CA MET F 102 41.27 5.45 20.45
C MET F 102 40.70 4.19 21.06
N ASP F 103 40.52 3.17 20.23
CA ASP F 103 39.98 1.89 20.68
C ASP F 103 41.10 0.98 21.16
N TYR F 104 40.76 0.13 22.13
CA TYR F 104 41.67 -0.89 22.63
C TYR F 104 41.09 -2.26 22.30
N SER F 105 41.98 -3.18 21.89
CA SER F 105 41.58 -4.56 21.63
C SER F 105 42.82 -5.43 21.71
N VAL F 106 42.58 -6.74 21.85
CA VAL F 106 43.65 -7.73 21.90
C VAL F 106 43.73 -8.40 20.53
N GLY F 107 44.90 -8.31 19.91
CA GLY F 107 45.14 -8.91 18.61
C GLY F 107 46.14 -10.05 18.70
N ILE F 108 46.47 -10.58 17.51
CA ILE F 108 47.41 -11.68 17.38
C ILE F 108 48.58 -11.19 16.54
N LEU F 109 49.79 -11.26 17.10
CA LEU F 109 51.01 -10.99 16.35
C LEU F 109 51.56 -12.33 15.86
N ILE F 110 51.74 -12.44 14.55
CA ILE F 110 52.12 -13.71 13.93
C ILE F 110 52.80 -13.39 12.61
N LYS F 111 53.62 -14.31 12.13
CA LYS F 111 54.30 -14.10 10.86
C LYS F 111 53.31 -14.22 9.70
N LYS F 112 53.58 -13.49 8.63
CA LYS F 112 52.73 -13.50 7.46
C LYS F 112 52.81 -14.86 6.76
N GLY F 113 51.75 -15.17 6.02
CA GLY F 113 51.75 -16.33 5.14
C GLY F 113 51.19 -17.60 5.73
N THR F 114 50.67 -17.55 6.95
CA THR F 114 50.10 -18.73 7.57
C THR F 114 48.62 -18.86 7.23
N PRO F 115 48.05 -20.06 7.34
CA PRO F 115 46.60 -20.20 7.14
C PRO F 115 45.77 -19.60 8.27
N ILE F 116 46.40 -19.16 9.36
CA ILE F 116 45.68 -18.58 10.49
C ILE F 116 45.35 -17.13 10.16
N ARG F 117 44.05 -16.82 10.10
CA ARG F 117 43.60 -15.49 9.78
C ARG F 117 42.60 -14.93 10.79
N THR F 118 42.18 -15.71 11.78
CA THR F 118 41.25 -15.26 12.80
C THR F 118 41.57 -15.98 14.10
N PHE F 119 40.97 -15.50 15.19
CA PHE F 119 41.13 -16.17 16.47
C PHE F 119 40.61 -17.61 16.41
N GLN F 120 39.53 -17.83 15.66
CA GLN F 120 39.00 -19.18 15.53
C GLN F 120 40.00 -20.11 14.86
N ASP F 121 40.68 -19.64 13.82
CA ASP F 121 41.68 -20.46 13.15
C ASP F 121 42.84 -20.79 14.10
N LEU F 122 43.27 -19.82 14.90
CA LEU F 122 44.35 -20.07 15.85
C LEU F 122 43.94 -21.15 16.85
N SER F 123 42.70 -21.11 17.32
CA SER F 123 42.26 -22.07 18.33
C SER F 123 42.25 -23.50 17.79
N LYS F 124 42.02 -23.66 16.48
CA LYS F 124 41.93 -24.98 15.88
C LYS F 124 43.27 -25.54 15.43
N GLN F 125 44.36 -24.81 15.65
CA GLN F 125 45.70 -25.23 15.25
C GLN F 125 46.47 -25.72 16.45
N VAL F 126 47.18 -26.84 16.28
CA VAL F 126 48.06 -27.37 17.32
C VAL F 126 49.53 -27.24 16.97
N GLU F 127 49.86 -26.94 15.70
CA GLU F 127 51.26 -26.91 15.29
C GLU F 127 51.99 -25.72 15.88
N MET F 128 51.34 -24.56 15.95
CA MET F 128 51.98 -23.32 16.38
C MET F 128 51.54 -22.98 17.79
N SER F 129 52.50 -22.80 18.68
CA SER F 129 52.22 -22.36 20.04
C SER F 129 51.79 -20.90 20.04
N TYR F 130 50.93 -20.56 21.00
CA TYR F 130 50.48 -19.18 21.16
C TYR F 130 50.14 -18.93 22.62
N GLY F 131 50.19 -17.66 23.01
CA GLY F 131 49.93 -17.31 24.38
C GLY F 131 50.01 -15.81 24.58
N THR F 132 50.09 -15.40 25.84
CA THR F 132 50.12 -14.00 26.21
C THR F 132 51.08 -13.84 27.39
N VAL F 133 51.01 -12.68 28.04
CA VAL F 133 51.85 -12.40 29.19
C VAL F 133 51.21 -13.00 30.43
N ARG F 134 52.01 -13.72 31.21
CA ARG F 134 51.51 -14.35 32.43
C ARG F 134 51.16 -13.29 33.48
N ASP F 135 50.14 -13.60 34.27
CA ASP F 135 49.72 -12.73 35.37
C ASP F 135 49.34 -11.33 34.90
N SER F 136 48.79 -11.25 33.69
CA SER F 136 48.39 -9.98 33.09
C SER F 136 46.87 -9.91 32.99
N ALA F 137 46.38 -8.70 32.75
CA ALA F 137 44.94 -8.53 32.54
C ALA F 137 44.46 -9.33 31.33
N VAL F 138 45.26 -9.34 30.26
CA VAL F 138 44.89 -10.10 29.08
C VAL F 138 44.75 -11.58 29.43
N TYR F 139 45.69 -12.11 30.21
CA TYR F 139 45.60 -13.51 30.60
C TYR F 139 44.31 -13.78 31.37
N GLU F 140 43.98 -12.90 32.32
CA GLU F 140 42.74 -13.07 33.07
C GLU F 140 41.52 -12.99 32.16
N TYR F 141 41.58 -12.12 31.13
CA TYR F 141 40.46 -12.01 30.20
C TYR F 141 40.20 -13.34 29.50
N PHE F 142 41.25 -13.98 29.02
CA PHE F 142 41.07 -15.27 28.35
C PHE F 142 40.65 -16.35 29.34
N ARG F 143 41.03 -16.19 30.61
CA ARG F 143 40.50 -17.09 31.64
C ARG F 143 39.00 -16.94 31.76
N ALA F 144 38.52 -15.70 31.90
CA ALA F 144 37.10 -15.46 32.08
C ALA F 144 36.30 -15.95 30.88
N LYS F 145 36.77 -15.63 29.68
CA LYS F 145 36.04 -16.04 28.48
C LYS F 145 36.14 -17.53 28.25
N GLY F 146 37.30 -18.12 28.53
CA GLY F 146 37.47 -19.56 28.35
C GLY F 146 36.84 -20.40 29.44
N THR F 147 36.37 -19.78 30.51
CA THR F 147 35.74 -20.48 31.63
C THR F 147 34.26 -20.16 31.76
N ASN F 148 33.68 -19.43 30.81
CA ASN F 148 32.29 -18.99 30.91
C ASN F 148 31.38 -20.04 30.29
N PRO F 149 30.50 -20.68 31.05
CA PRO F 149 29.57 -21.65 30.44
C PRO F 149 28.60 -21.01 29.45
N LEU F 150 28.36 -19.71 29.54
CA LEU F 150 27.42 -19.03 28.66
C LEU F 150 27.99 -18.70 27.29
N GLU F 151 29.31 -18.79 27.12
CA GLU F 151 29.92 -18.41 25.86
C GLU F 151 29.44 -19.33 24.74
N GLN F 152 28.83 -18.75 23.70
CA GLN F 152 28.32 -19.52 22.59
C GLN F 152 29.40 -19.91 21.59
N ASP F 153 30.57 -19.28 21.63
CA ASP F 153 31.66 -19.56 20.71
C ASP F 153 32.68 -20.44 21.41
N SER F 154 32.97 -21.61 20.84
CA SER F 154 33.93 -22.53 21.41
C SER F 154 35.37 -22.04 21.26
N THR F 155 35.60 -20.96 20.50
CA THR F 155 36.96 -20.50 20.25
C THR F 155 37.65 -20.11 21.56
N PHE F 156 36.95 -19.40 22.44
CA PHE F 156 37.57 -18.93 23.67
C PHE F 156 38.00 -20.09 24.55
N ALA F 157 37.16 -21.12 24.68
CA ALA F 157 37.54 -22.27 25.49
C ALA F 157 38.76 -22.97 24.91
N GLU F 158 38.82 -23.13 23.58
CA GLU F 158 39.96 -23.78 22.96
C GLU F 158 41.23 -22.94 23.11
N LEU F 159 41.10 -21.62 23.00
CA LEU F 159 42.26 -20.75 23.20
C LEU F 159 42.78 -20.87 24.62
N TRP F 160 41.89 -20.91 25.61
CA TRP F 160 42.32 -21.00 27.01
C TRP F 160 43.03 -22.32 27.29
N ARG F 161 42.68 -23.39 26.57
CA ARG F 161 43.31 -24.68 26.81
C ARG F 161 44.81 -24.62 26.53
N THR F 162 45.20 -23.98 25.42
CA THR F 162 46.62 -23.84 25.10
C THR F 162 47.27 -22.75 25.93
N ILE F 163 46.56 -21.66 26.19
CA ILE F 163 47.15 -20.52 26.90
C ILE F 163 47.56 -20.92 28.31
N SER F 164 46.70 -21.63 29.02
CA SER F 164 46.91 -21.95 30.42
C SER F 164 47.60 -23.29 30.63
N LYS F 165 48.13 -23.90 29.58
CA LYS F 165 48.76 -25.21 29.70
C LYS F 165 49.84 -25.19 30.77
N ASN F 166 49.72 -26.10 31.74
CA ASN F 166 50.66 -26.18 32.85
C ASN F 166 50.82 -24.83 33.55
N GLY F 167 49.69 -24.17 33.80
CA GLY F 167 49.70 -22.89 34.48
C GLY F 167 50.26 -21.75 33.67
N GLY F 168 50.28 -21.87 32.34
CA GLY F 168 50.80 -20.84 31.49
C GLY F 168 52.31 -20.85 31.30
N ALA F 169 53.02 -21.77 31.96
CA ALA F 169 54.47 -21.80 31.82
C ALA F 169 54.89 -22.16 30.40
N ASP F 170 54.17 -23.08 29.75
CA ASP F 170 54.64 -23.62 28.48
C ASP F 170 54.48 -22.64 27.33
N ASN F 171 53.35 -21.94 27.26
CA ASN F 171 52.99 -21.17 26.07
C ASN F 171 52.88 -19.67 26.29
N CYS F 172 53.00 -19.18 27.52
CA CYS F 172 52.94 -17.76 27.79
C CYS F 172 54.34 -17.23 28.09
N VAL F 173 54.47 -15.91 27.97
CA VAL F 173 55.73 -15.23 28.18
C VAL F 173 55.62 -14.38 29.44
N SER F 174 56.74 -13.77 29.84
CA SER F 174 56.78 -12.98 31.06
C SER F 174 56.50 -11.50 30.82
N SER F 175 56.87 -10.98 29.66
CA SER F 175 56.74 -9.56 29.37
C SER F 175 56.28 -9.37 27.94
N PRO F 176 55.70 -8.21 27.61
CA PRO F 176 55.33 -7.94 26.22
C PRO F 176 56.53 -7.99 25.27
N SER F 177 57.70 -7.54 25.73
CA SER F 177 58.88 -7.57 24.88
C SER F 177 59.27 -8.99 24.52
N GLU F 178 59.19 -9.92 25.48
CA GLU F 178 59.51 -11.31 25.20
C GLU F 178 58.55 -11.90 24.17
N GLY F 179 57.25 -11.63 24.34
CA GLY F 179 56.29 -12.15 23.38
C GLY F 179 56.51 -11.62 21.98
N ILE F 180 56.80 -10.32 21.87
CA ILE F 180 57.09 -9.74 20.56
C ILE F 180 58.34 -10.38 19.96
N ARG F 181 59.36 -10.61 20.78
CA ARG F 181 60.58 -11.24 20.28
CA ARG F 181 60.58 -11.24 20.28
C ARG F 181 60.29 -12.65 19.77
N LYS F 182 59.51 -13.43 20.52
CA LYS F 182 59.19 -14.79 20.09
C LYS F 182 58.34 -14.79 18.82
N ALA F 183 57.35 -13.91 18.76
CA ALA F 183 56.48 -13.87 17.58
C ALA F 183 57.27 -13.51 16.33
N LYS F 184 58.20 -12.56 16.44
CA LYS F 184 59.00 -12.16 15.29
C LYS F 184 59.88 -13.29 14.78
N LYS F 185 60.10 -14.34 15.58
CA LYS F 185 60.87 -15.48 15.12
C LYS F 185 60.05 -16.45 14.28
N GLY F 186 58.73 -16.27 14.21
CA GLY F 186 57.91 -16.95 13.24
C GLY F 186 57.24 -18.22 13.72
N ASN F 187 57.64 -18.77 14.88
CA ASN F 187 57.09 -20.03 15.38
C ASN F 187 56.25 -19.81 16.63
N TYR F 188 55.67 -18.62 16.78
CA TYR F 188 54.89 -18.29 17.96
C TYR F 188 53.94 -17.15 17.61
N ALA F 189 52.73 -17.22 18.13
CA ALA F 189 51.73 -16.17 17.96
C ALA F 189 51.46 -15.52 19.31
N PHE F 190 51.61 -14.20 19.36
CA PHE F 190 51.53 -13.44 20.61
C PHE F 190 50.19 -12.70 20.66
N LEU F 191 49.45 -12.92 21.75
CA LEU F 191 48.16 -12.28 21.96
C LEU F 191 48.36 -11.11 22.92
N TRP F 192 48.15 -9.90 22.44
CA TRP F 192 48.43 -8.70 23.23
C TRP F 192 47.71 -7.52 22.59
N ASP F 193 47.90 -6.35 23.20
CA ASP F 193 47.26 -5.13 22.71
C ASP F 193 47.55 -4.90 21.24
N VAL F 194 46.50 -4.58 20.47
CA VAL F 194 46.66 -4.38 19.04
C VAL F 194 47.62 -3.24 18.76
N ALA F 195 47.45 -2.12 19.48
CA ALA F 195 48.27 -0.95 19.21
C ALA F 195 49.75 -1.25 19.46
N VAL F 196 50.06 -1.99 20.53
CA VAL F 196 51.44 -2.31 20.84
C VAL F 196 52.01 -3.28 19.80
N VAL F 197 51.29 -4.37 19.53
CA VAL F 197 51.82 -5.37 18.59
C VAL F 197 51.79 -4.82 17.17
N GLU F 198 50.81 -3.98 16.84
CA GLU F 198 50.77 -3.39 15.50
C GLU F 198 51.99 -2.51 15.25
N TYR F 199 52.40 -1.74 16.25
CA TYR F 199 53.60 -0.92 16.11
C TYR F 199 54.84 -1.80 15.93
N ALA F 200 54.90 -2.93 16.64
CA ALA F 200 56.03 -3.83 16.49
C ALA F 200 56.10 -4.39 15.08
N ALA F 201 54.95 -4.74 14.50
CA ALA F 201 54.93 -5.27 13.14
C ALA F 201 55.35 -4.21 12.13
N LEU F 202 54.95 -2.95 12.35
CA LEU F 202 55.28 -1.89 11.41
C LEU F 202 56.77 -1.59 11.38
N THR F 203 57.47 -1.82 12.49
CA THR F 203 58.90 -1.59 12.58
C THR F 203 59.71 -2.88 12.45
N ASP F 204 59.09 -3.97 12.00
CA ASP F 204 59.81 -5.22 11.81
C ASP F 204 60.90 -5.05 10.76
N ASP F 205 62.05 -5.68 11.01
CA ASP F 205 63.19 -5.51 10.12
C ASP F 205 62.89 -5.98 8.71
N ASP F 206 62.24 -7.15 8.59
CA ASP F 206 61.94 -7.74 7.29
CA ASP F 206 61.94 -7.75 7.29
C ASP F 206 60.47 -7.66 6.93
N CYS F 207 59.63 -7.05 7.78
CA CYS F 207 58.20 -6.96 7.53
C CYS F 207 57.58 -8.35 7.38
N SER F 208 58.01 -9.28 8.22
CA SER F 208 57.57 -10.67 8.15
C SER F 208 56.40 -10.98 9.08
N VAL F 209 55.89 -9.99 9.82
CA VAL F 209 54.83 -10.22 10.78
C VAL F 209 53.64 -9.33 10.47
N THR F 210 52.46 -9.80 10.87
CA THR F 210 51.22 -9.06 10.73
C THR F 210 50.46 -9.16 12.04
N VAL F 211 49.33 -8.45 12.12
CA VAL F 211 48.49 -8.44 13.31
C VAL F 211 47.06 -8.77 12.90
N ILE F 212 46.45 -9.72 13.60
CA ILE F 212 45.06 -10.11 13.37
C ILE F 212 44.19 -9.43 14.42
N GLY F 213 43.12 -8.77 13.95
CA GLY F 213 42.19 -8.14 14.85
C GLY F 213 41.03 -9.06 15.16
N ASN F 214 39.86 -8.79 14.57
CA ASN F 214 38.68 -9.64 14.64
C ASN F 214 38.01 -9.61 16.00
N SER F 215 38.56 -8.91 16.98
CA SER F 215 37.97 -8.80 18.30
C SER F 215 37.30 -7.45 18.46
N ILE F 216 36.02 -7.46 18.82
CA ILE F 216 35.31 -6.21 19.06
C ILE F 216 35.97 -5.50 20.23
N SER F 217 36.14 -4.18 20.10
CA SER F 217 36.91 -3.41 21.07
C SER F 217 36.41 -3.65 22.48
N SER F 218 37.24 -4.27 23.32
CA SER F 218 36.83 -4.52 24.70
C SER F 218 36.83 -3.22 25.52
N LYS F 219 37.77 -2.33 25.24
CA LYS F 219 37.92 -1.11 26.01
C LYS F 219 38.31 0.03 25.05
N GLY F 220 38.55 1.21 25.63
CA GLY F 220 39.03 2.33 24.85
C GLY F 220 40.11 3.07 25.62
N TYR F 221 40.96 3.77 24.85
CA TYR F 221 41.97 4.63 25.43
C TYR F 221 41.38 6.01 25.68
N GLY F 222 41.67 6.57 26.86
CA GLY F 222 41.09 7.84 27.24
C GLY F 222 42.07 8.68 28.06
N ILE F 223 41.69 9.93 28.25
CA ILE F 223 42.44 10.88 29.07
C ILE F 223 41.84 10.87 30.46
N ALA F 224 42.66 10.61 31.47
CA ALA F 224 42.22 10.61 32.85
C ALA F 224 42.41 11.99 33.46
N LEU F 225 41.39 12.45 34.18
CA LEU F 225 41.42 13.74 34.86
C LEU F 225 40.94 13.57 36.29
N GLN F 226 41.24 14.57 37.12
CA GLN F 226 40.82 14.53 38.50
C GLN F 226 39.31 14.34 38.60
N HIS F 227 38.88 13.68 39.66
CA HIS F 227 37.45 13.47 39.87
C HIS F 227 36.72 14.80 39.89
N GLY F 228 35.63 14.88 39.13
CA GLY F 228 34.86 16.11 39.03
C GLY F 228 35.52 17.20 38.22
N SER F 229 36.55 16.89 37.44
CA SER F 229 37.25 17.92 36.70
C SER F 229 36.32 18.58 35.69
N PRO F 230 36.35 19.91 35.56
CA PRO F 230 35.53 20.57 34.53
C PRO F 230 36.06 20.42 33.12
N TYR F 231 37.29 19.91 32.95
CA TYR F 231 37.88 19.72 31.63
C TYR F 231 37.52 18.40 31.00
N ARG F 232 36.83 17.51 31.73
CA ARG F 232 36.49 16.21 31.16
C ARG F 232 35.50 16.36 30.02
N ASP F 233 34.40 17.10 30.25
CA ASP F 233 33.43 17.32 29.18
C ASP F 233 34.05 18.09 28.02
N LEU F 234 34.86 19.11 28.34
CA LEU F 234 35.52 19.87 27.28
C LEU F 234 36.44 18.96 26.46
N PHE F 235 37.23 18.12 27.14
CA PHE F 235 38.09 17.19 26.42
C PHE F 235 37.28 16.21 25.59
N SER F 236 36.18 15.69 26.15
CA SER F 236 35.34 14.77 25.40
C SER F 236 34.77 15.45 24.15
N GLN F 237 34.31 16.69 24.28
CA GLN F 237 33.71 17.38 23.15
C GLN F 237 34.73 17.55 22.02
N ARG F 238 35.95 17.97 22.36
CA ARG F 238 36.95 18.18 21.32
CA ARG F 238 36.97 18.18 21.34
C ARG F 238 37.40 16.85 20.71
N ILE F 239 37.50 15.79 21.51
CA ILE F 239 37.88 14.49 20.97
C ILE F 239 36.86 14.03 19.95
N LEU F 240 35.57 14.17 20.26
CA LEU F 240 34.53 13.78 19.31
C LEU F 240 34.66 14.59 18.02
N GLU F 241 34.95 15.88 18.13
CA GLU F 241 35.14 16.70 16.94
C GLU F 241 36.34 16.22 16.12
N LEU F 242 37.44 15.86 16.80
CA LEU F 242 38.61 15.35 16.08
C LEU F 242 38.28 14.07 15.32
N GLN F 243 37.49 13.18 15.93
CA GLN F 243 37.07 11.97 15.24
C GLN F 243 36.25 12.32 14.00
N ASP F 244 35.28 13.22 14.16
CA ASP F 244 34.36 13.51 13.06
C ASP F 244 35.08 14.10 11.85
N THR F 245 36.01 15.02 12.08
CA THR F 245 36.71 15.66 10.97
C THR F 245 37.75 14.75 10.32
N GLY F 246 38.06 13.61 10.92
CA GLY F 246 39.10 12.75 10.42
C GLY F 246 40.51 13.14 10.84
N ASP F 247 40.67 14.23 11.58
CA ASP F 247 42.00 14.64 12.01
C ASP F 247 42.61 13.63 12.98
N LEU F 248 41.78 12.98 13.81
CA LEU F 248 42.31 11.95 14.70
C LEU F 248 42.92 10.81 13.92
N ASP F 249 42.26 10.37 12.85
CA ASP F 249 42.80 9.28 12.03
C ASP F 249 44.13 9.68 11.40
N VAL F 250 44.24 10.93 10.96
CA VAL F 250 45.51 11.41 10.41
C VAL F 250 46.61 11.30 11.45
N LEU F 251 46.31 11.67 12.70
CA LEU F 251 47.29 11.54 13.76
C LEU F 251 47.68 10.09 13.99
N LYS F 252 46.72 9.17 13.94
CA LYS F 252 47.03 7.75 14.12
C LYS F 252 47.97 7.27 13.02
N GLN F 253 47.69 7.65 11.76
CA GLN F 253 48.57 7.25 10.67
C GLN F 253 49.96 7.85 10.80
N LYS F 254 50.09 8.95 11.53
CA LYS F 254 51.41 9.53 11.76
C LYS F 254 52.29 8.59 12.58
N TRP F 255 51.68 7.75 13.42
CA TRP F 255 52.42 6.85 14.29
C TRP F 255 52.17 5.38 14.01
N TRP F 256 51.06 5.03 13.36
CA TRP F 256 50.81 3.68 12.86
C TRP F 256 50.53 3.82 11.37
N PRO F 257 51.55 4.17 10.58
CA PRO F 257 51.31 4.46 9.16
C PRO F 257 50.70 3.28 8.44
N HIS F 258 49.73 3.58 7.58
CA HIS F 258 49.06 2.53 6.80
C HIS F 258 50.06 1.84 5.87
N MET F 259 50.81 2.63 5.10
CA MET F 259 51.85 2.11 4.21
C MET F 259 53.14 2.87 4.54
N GLY F 260 53.82 2.44 5.59
CA GLY F 260 55.15 2.94 5.88
C GLY F 260 56.11 1.84 6.28
N ARG F 261 57.14 1.61 5.46
CA ARG F 261 58.23 0.70 5.77
C ARG F 261 57.80 -0.76 5.85
N CYS F 262 56.49 -1.04 5.81
CA CYS F 262 55.98 -2.39 5.94
C CYS F 262 54.50 -2.40 5.59
N ASP F 263 54.06 -3.48 4.94
CA ASP F 263 52.66 -3.73 4.68
C ASP F 263 52.24 -4.92 5.54
N LEU F 264 51.26 -4.73 6.40
CA LEU F 264 50.84 -5.75 7.36
C LEU F 264 49.80 -6.70 6.79
N THR F 265 49.69 -6.81 5.47
CA THR F 265 48.74 -7.72 4.83
C THR F 265 49.46 -9.02 4.48
N SER F 266 48.84 -10.15 4.82
CA SER F 266 49.40 -11.47 4.55
C SER F 266 48.54 -12.18 3.51
N HIS F 267 49.18 -12.93 2.63
CA HIS F 267 48.49 -13.65 1.58
C HIS F 267 49.42 -14.62 0.87
#